data_7P8I
#
_entry.id   7P8I
#
_cell.length_a   83.557
_cell.length_b   131.214
_cell.length_c   115.725
_cell.angle_alpha   90.000
_cell.angle_beta   99.770
_cell.angle_gamma   90.000
#
_symmetry.space_group_name_H-M   'P 1 21 1'
#
loop_
_entity.id
_entity.type
_entity.pdbx_description
1 polymer 'Processed angiotensin-converting enzyme 2'
2 polymer 'Spike glycoprotein'
3 branched 2-acetamido-2-deoxy-beta-D-glucopyranose-(1-4)-2-acetamido-2-deoxy-beta-D-glucopyranose
4 branched beta-D-mannopyranose-(1-4)-2-acetamido-2-deoxy-beta-D-glucopyranose-(1-4)-2-acetamido-2-deoxy-beta-D-glucopyranose
5 non-polymer 2-acetamido-2-deoxy-beta-D-glucopyranose
#
loop_
_entity_poly.entity_id
_entity_poly.type
_entity_poly.pdbx_seq_one_letter_code
_entity_poly.pdbx_strand_id
1 'polypeptide(L)'
;GSSTIEEQAKTFLDKFNHEAEDLFYQSSLASWNYNTNITEENVQNMNNAGDKWSAFLKEQSTLAQMYPLQEIQNLTVKLQ
LQALQQNGSSVLSEDKSKRLNTILNTMSTIYSTGKVCNPDNPQECLLLEPGLNEIMANSLDYNERLWAWESWRSEVGKQL
RPLYEEYVVLKNEMARANHYEDYGDYWRGDYEVNGVDGYDYSRGQLIEDVEHTFEEIKPLYEHLHAYVRAKLMNAYPSYI
SPIGCLPAHLLGDMWGRFWTNLYSLTVPFGQKPNIDVTDAMVDQAWDAQRIFKEAEKFFVSVGLPNMTQGFWENSMLTDP
GNVQKAVCHPTAWDLGKGDFRILMCTKVTMDDFLTAHHEMGHIQYDMAYAAQPFLLRNGANEGFHEAVGEIMSLSAATPK
HLKSIGLLSPDFQEDNETEINFLLKQALTIVGTLPFTYMLEKWRWMVFKGEIPKDQWMKKWWEMKREIVGVVEPVPHDET
YCDPASLFHVSNDYSFIRYYTRTLYQFQFQEALCQAAKHEGPLHKCDISNSTEAGQKLFNMLRLGKSEPWTLALENVVGA
KNMNVRPLLNYFEPLFTWLKDQNKNSFVGWSTDWSPYADAAA
;
A,C
2 'polypeptide(L)'
;GSRVQPTDSIVRFPNITNLCPFGEVFNATTFASVYAWNRKRISNCVADYSVLYNSTSFSTFKCYGVSPTKLNDLCFTNVY
ADSFVITGDEVRQIAPGQTGKIADYNYKLPDDFTGCVIAWNSKHIDAKEGGNFNYLYRLFRKANLKPFERDISTEIYQAG
SKPCNGQTGLNCYYPLYRYGFYPTDGVGHQPYRVVVLSFELLNAPATVCGPKKSTNLVKNKCVNFAAHHHHHH
;
B,D
#
# COMPACT_ATOMS: atom_id res chain seq x y z
N SER A 3 43.09 -26.96 -21.44
CA SER A 3 42.86 -27.45 -22.79
C SER A 3 41.37 -27.58 -23.07
N THR A 4 40.54 -27.11 -22.15
CA THR A 4 39.10 -27.21 -22.36
C THR A 4 38.67 -26.22 -23.43
N ILE A 5 37.54 -26.55 -24.07
CA ILE A 5 36.93 -25.67 -25.05
C ILE A 5 36.50 -24.35 -24.40
N GLU A 6 36.02 -24.41 -23.16
CA GLU A 6 35.61 -23.19 -22.46
C GLU A 6 36.78 -22.23 -22.27
N GLU A 7 37.96 -22.75 -21.95
CA GLU A 7 39.12 -21.87 -21.79
C GLU A 7 39.54 -21.31 -23.14
N GLN A 8 39.52 -22.15 -24.17
CA GLN A 8 39.79 -21.71 -25.53
C GLN A 8 38.81 -20.63 -25.97
N ALA A 9 37.52 -20.80 -25.65
CA ALA A 9 36.51 -19.82 -25.98
C ALA A 9 36.73 -18.52 -25.22
N LYS A 10 37.17 -18.63 -23.97
CA LYS A 10 37.45 -17.45 -23.15
C LYS A 10 38.57 -16.61 -23.76
N THR A 11 39.65 -17.26 -24.18
CA THR A 11 40.75 -16.52 -24.79
C THR A 11 40.32 -15.90 -26.12
N PHE A 12 39.52 -16.62 -26.91
CA PHE A 12 38.99 -16.05 -28.14
C PHE A 12 38.15 -14.80 -27.86
N LEU A 13 37.35 -14.84 -26.79
CA LEU A 13 36.50 -13.70 -26.47
C LEU A 13 37.33 -12.52 -25.94
N ASP A 14 38.40 -12.83 -25.20
CA ASP A 14 39.31 -11.78 -24.76
C ASP A 14 39.94 -11.06 -25.96
N LYS A 15 40.48 -11.84 -26.91
CA LYS A 15 41.04 -11.24 -28.12
C LYS A 15 40.02 -10.40 -28.86
N PHE A 16 38.78 -10.88 -28.98
CA PHE A 16 37.77 -10.12 -29.72
C PHE A 16 37.45 -8.80 -29.04
N ASN A 17 37.22 -8.83 -27.72
CA ASN A 17 36.90 -7.61 -27.00
C ASN A 17 38.00 -6.56 -27.15
N HIS A 18 39.25 -6.97 -26.93
CA HIS A 18 40.34 -5.99 -26.99
C HIS A 18 40.60 -5.51 -28.42
N GLU A 19 40.40 -6.37 -29.41
CA GLU A 19 40.55 -5.92 -30.79
C GLU A 19 39.37 -5.06 -31.23
N ALA A 20 38.17 -5.34 -30.74
CA ALA A 20 36.99 -4.68 -31.29
C ALA A 20 36.73 -3.33 -30.63
N GLU A 21 37.14 -3.18 -29.37
CA GLU A 21 36.97 -1.91 -28.68
C GLU A 21 37.58 -0.77 -29.49
N ASP A 22 38.82 -0.97 -29.95
CA ASP A 22 39.54 0.09 -30.63
C ASP A 22 38.96 0.34 -32.02
N LEU A 23 38.60 -0.74 -32.73
CA LEU A 23 38.01 -0.59 -34.06
C LEU A 23 36.66 0.11 -34.00
N PHE A 24 35.83 -0.26 -33.02
CA PHE A 24 34.55 0.41 -32.86
C PHE A 24 34.74 1.88 -32.50
N TYR A 25 35.77 2.18 -31.71
CA TYR A 25 36.05 3.57 -31.35
C TYR A 25 36.46 4.39 -32.56
N GLN A 26 37.27 3.81 -33.45
CA GLN A 26 37.66 4.54 -34.66
C GLN A 26 36.45 4.79 -35.56
N SER A 27 35.62 3.77 -35.76
CA SER A 27 34.41 3.94 -36.55
C SER A 27 33.48 4.99 -35.95
N SER A 28 33.33 4.98 -34.61
CA SER A 28 32.45 5.95 -33.96
C SER A 28 32.99 7.37 -34.10
N LEU A 29 34.30 7.56 -33.94
CA LEU A 29 34.88 8.88 -34.12
C LEU A 29 34.66 9.39 -35.54
N ALA A 30 34.86 8.53 -36.53
CA ALA A 30 34.68 8.92 -37.93
C ALA A 30 33.22 9.28 -38.22
N SER A 31 32.29 8.45 -37.76
CA SER A 31 30.88 8.73 -38.02
C SER A 31 30.42 9.97 -37.25
N TRP A 32 31.02 10.25 -36.10
CA TRP A 32 30.71 11.49 -35.39
C TRP A 32 31.19 12.70 -36.17
N ASN A 33 32.43 12.65 -36.67
CA ASN A 33 32.94 13.74 -37.50
C ASN A 33 32.09 13.97 -38.74
N TYR A 34 31.48 12.92 -39.28
CA TYR A 34 30.53 13.12 -40.38
C TYR A 34 29.25 13.79 -39.91
N ASN A 35 28.60 13.21 -38.89
CA ASN A 35 27.28 13.67 -38.48
C ASN A 35 27.30 15.07 -37.89
N THR A 36 28.46 15.54 -37.46
CA THR A 36 28.63 16.89 -36.93
C THR A 36 29.30 17.81 -37.94
N ASN A 37 29.65 17.29 -39.11
CA ASN A 37 30.41 18.09 -40.06
C ASN A 37 30.35 17.44 -41.44
N ILE A 38 29.25 17.65 -42.14
CA ILE A 38 28.95 16.94 -43.38
C ILE A 38 29.89 17.36 -44.51
N THR A 39 30.91 16.54 -44.78
CA THR A 39 31.79 16.76 -45.92
C THR A 39 31.99 15.43 -46.64
N GLU A 40 32.59 15.51 -47.82
CA GLU A 40 32.83 14.30 -48.61
C GLU A 40 33.95 13.49 -47.99
N GLU A 41 35.00 14.18 -47.53
CA GLU A 41 36.09 13.53 -46.80
C GLU A 41 35.56 12.79 -45.58
N ASN A 42 34.63 13.40 -44.83
CA ASN A 42 34.13 12.77 -43.62
C ASN A 42 33.25 11.55 -43.92
N VAL A 43 32.42 11.62 -44.96
CA VAL A 43 31.58 10.48 -45.29
C VAL A 43 32.42 9.32 -45.81
N GLN A 44 33.48 9.62 -46.57
CA GLN A 44 34.35 8.56 -47.06
C GLN A 44 35.13 7.92 -45.91
N ASN A 45 35.60 8.73 -44.96
CA ASN A 45 36.29 8.18 -43.79
C ASN A 45 35.36 7.33 -42.95
N MET A 46 34.11 7.77 -42.77
CA MET A 46 33.13 7.00 -42.03
C MET A 46 32.87 5.65 -42.69
N ASN A 47 32.68 5.65 -44.02
CA ASN A 47 32.41 4.40 -44.73
C ASN A 47 33.61 3.48 -44.72
N ASN A 48 34.82 4.03 -44.81
CA ASN A 48 36.03 3.21 -44.71
C ASN A 48 36.10 2.51 -43.36
N ALA A 49 35.92 3.26 -42.27
CA ALA A 49 35.99 2.68 -40.94
C ALA A 49 34.87 1.65 -40.73
N GLY A 50 33.68 1.93 -41.25
CA GLY A 50 32.58 1.00 -41.11
C GLY A 50 32.79 -0.30 -41.84
N ASP A 51 33.39 -0.24 -43.04
CA ASP A 51 33.70 -1.47 -43.77
C ASP A 51 34.77 -2.28 -43.05
N LYS A 52 35.78 -1.61 -42.50
CA LYS A 52 36.79 -2.29 -41.70
C LYS A 52 36.15 -3.01 -40.52
N TRP A 53 35.24 -2.36 -39.82
CA TRP A 53 34.57 -2.97 -38.67
C TRP A 53 33.73 -4.18 -39.10
N SER A 54 33.02 -4.06 -40.22
CA SER A 54 32.20 -5.17 -40.68
C SER A 54 33.04 -6.37 -41.11
N ALA A 55 34.17 -6.10 -41.79
CA ALA A 55 35.06 -7.20 -42.17
C ALA A 55 35.66 -7.90 -40.97
N PHE A 56 36.13 -7.14 -39.98
CA PHE A 56 36.61 -7.74 -38.74
C PHE A 56 35.53 -8.58 -38.07
N LEU A 57 34.29 -8.08 -38.06
CA LEU A 57 33.19 -8.80 -37.42
C LEU A 57 32.90 -10.12 -38.13
N LYS A 58 32.94 -10.11 -39.46
CA LYS A 58 32.65 -11.34 -40.21
C LYS A 58 33.76 -12.37 -40.04
N GLU A 59 35.01 -11.92 -40.01
CA GLU A 59 36.10 -12.84 -39.69
C GLU A 59 35.90 -13.48 -38.33
N GLN A 60 35.58 -12.67 -37.33
CA GLN A 60 35.36 -13.19 -35.97
C GLN A 60 34.11 -14.06 -35.93
N SER A 61 33.13 -13.77 -36.79
CA SER A 61 31.94 -14.61 -36.86
C SER A 61 32.27 -16.00 -37.38
N THR A 62 32.98 -16.08 -38.50
CA THR A 62 33.39 -17.38 -39.02
C THR A 62 34.29 -18.11 -38.04
N LEU A 63 35.05 -17.37 -37.24
CA LEU A 63 35.90 -18.00 -36.23
C LEU A 63 35.05 -18.51 -35.08
N ALA A 64 34.15 -17.67 -34.57
CA ALA A 64 33.33 -18.07 -33.44
C ALA A 64 32.37 -19.20 -33.79
N GLN A 65 32.01 -19.34 -35.07
CA GLN A 65 31.20 -20.47 -35.50
C GLN A 65 31.94 -21.79 -35.38
N MET A 66 33.26 -21.75 -35.18
CA MET A 66 34.06 -22.97 -35.03
C MET A 66 34.03 -23.52 -33.62
N TYR A 67 33.38 -22.84 -32.69
CA TYR A 67 33.26 -23.31 -31.32
C TYR A 67 31.87 -23.90 -31.12
N PRO A 68 31.73 -25.21 -30.88
CA PRO A 68 30.38 -25.79 -30.81
C PRO A 68 29.60 -25.25 -29.62
N LEU A 69 28.63 -24.37 -29.88
CA LEU A 69 27.86 -23.72 -28.81
C LEU A 69 27.35 -24.72 -27.78
N GLN A 70 26.82 -25.85 -28.23
CA GLN A 70 26.17 -26.81 -27.34
C GLN A 70 27.09 -27.29 -26.21
N GLU A 71 28.41 -27.21 -26.39
CA GLU A 71 29.35 -27.73 -25.42
C GLU A 71 29.74 -26.68 -24.40
N ILE A 72 29.09 -25.53 -24.44
CA ILE A 72 29.37 -24.41 -23.55
C ILE A 72 28.41 -24.50 -22.37
N GLN A 73 28.95 -24.45 -21.15
CA GLN A 73 28.17 -24.52 -19.94
C GLN A 73 28.08 -23.17 -19.25
N ASN A 74 28.78 -22.17 -19.81
CA ASN A 74 28.77 -20.81 -19.21
C ASN A 74 27.76 -19.96 -19.96
N LEU A 75 26.64 -19.62 -19.32
CA LEU A 75 25.56 -18.88 -20.03
C LEU A 75 26.10 -17.54 -20.53
N THR A 76 26.90 -16.84 -19.72
CA THR A 76 27.34 -15.49 -20.13
C THR A 76 28.16 -15.59 -21.42
N VAL A 77 29.09 -16.56 -21.48
CA VAL A 77 29.94 -16.69 -22.70
C VAL A 77 29.08 -17.17 -23.87
N LYS A 78 28.14 -18.08 -23.62
CA LYS A 78 27.31 -18.65 -24.71
C LYS A 78 26.61 -17.50 -25.43
N LEU A 79 26.15 -16.50 -24.68
CA LEU A 79 25.49 -15.35 -25.28
C LEU A 79 26.41 -14.56 -26.20
N GLN A 80 27.63 -14.26 -25.73
CA GLN A 80 28.57 -13.49 -26.55
C GLN A 80 28.89 -14.24 -27.84
N LEU A 81 29.11 -15.55 -27.72
CA LEU A 81 29.39 -16.40 -28.87
C LEU A 81 28.22 -16.39 -29.85
N GLN A 82 26.99 -16.47 -29.32
CA GLN A 82 25.79 -16.47 -30.16
C GLN A 82 25.68 -15.20 -30.99
N ALA A 83 25.91 -14.03 -30.36
CA ALA A 83 25.86 -12.79 -31.12
C ALA A 83 26.84 -12.82 -32.29
N LEU A 84 28.04 -13.35 -32.04
CA LEU A 84 29.06 -13.47 -33.08
C LEU A 84 28.75 -14.54 -34.11
N GLN A 85 28.07 -15.63 -33.73
CA GLN A 85 27.90 -16.70 -34.71
C GLN A 85 26.79 -16.41 -35.71
N GLN A 86 25.90 -15.47 -35.40
CA GLN A 86 24.87 -14.98 -36.30
C GLN A 86 25.39 -14.67 -37.70
N ASN A 87 24.95 -15.44 -38.70
CA ASN A 87 25.40 -15.18 -40.06
C ASN A 87 24.89 -13.84 -40.57
N GLY A 88 23.77 -13.38 -40.04
CA GLY A 88 23.24 -12.08 -40.42
C GLY A 88 22.99 -12.00 -41.91
N SER A 89 23.40 -10.91 -42.53
CA SER A 89 23.20 -10.78 -43.97
C SER A 89 24.13 -11.70 -44.76
N SER A 90 25.21 -12.19 -44.14
CA SER A 90 26.20 -12.95 -44.89
C SER A 90 25.66 -14.23 -45.52
N VAL A 91 24.53 -14.75 -45.01
CA VAL A 91 23.97 -16.02 -45.49
C VAL A 91 23.31 -15.80 -46.84
N LEU A 92 23.28 -14.56 -47.31
CA LEU A 92 22.75 -14.20 -48.60
C LEU A 92 23.90 -14.35 -49.61
N SER A 93 23.57 -14.63 -50.88
CA SER A 93 24.68 -14.58 -51.84
C SER A 93 25.22 -13.15 -51.95
N GLU A 94 26.40 -13.02 -52.56
CA GLU A 94 27.04 -11.71 -52.61
C GLU A 94 26.25 -10.73 -53.48
N ASP A 95 25.88 -11.18 -54.68
CA ASP A 95 25.13 -10.34 -55.61
C ASP A 95 23.75 -10.01 -55.05
N LYS A 96 23.10 -11.00 -54.44
CA LYS A 96 21.77 -10.78 -53.89
C LYS A 96 21.82 -9.82 -52.71
N SER A 97 22.87 -9.92 -51.90
CA SER A 97 23.06 -9.00 -50.77
C SER A 97 23.30 -7.58 -51.28
N LYS A 98 24.13 -7.43 -52.32
CA LYS A 98 24.36 -6.13 -52.93
C LYS A 98 23.05 -5.53 -53.40
N ARG A 99 22.20 -6.33 -54.04
CA ARG A 99 20.93 -5.82 -54.54
C ARG A 99 20.04 -5.39 -53.39
N LEU A 100 20.07 -6.12 -52.28
CA LEU A 100 19.28 -5.78 -51.10
C LEU A 100 19.74 -4.46 -50.49
N ASN A 101 21.06 -4.31 -50.31
CA ASN A 101 21.60 -3.05 -49.79
C ASN A 101 21.30 -1.89 -50.73
N THR A 102 21.35 -2.12 -52.04
CA THR A 102 21.06 -1.05 -52.99
C THR A 102 19.64 -0.53 -52.83
N ILE A 103 18.66 -1.44 -52.77
CA ILE A 103 17.27 -1.01 -52.67
C ILE A 103 16.98 -0.42 -51.30
N LEU A 104 17.65 -0.92 -50.26
CA LEU A 104 17.51 -0.33 -48.93
C LEU A 104 17.94 1.13 -48.92
N ASN A 105 19.13 1.41 -49.46
CA ASN A 105 19.60 2.79 -49.52
C ASN A 105 18.71 3.64 -50.41
N THR A 106 18.17 3.05 -51.47
CA THR A 106 17.28 3.79 -52.37
C THR A 106 16.00 4.19 -51.67
N MET A 107 15.38 3.25 -50.93
CA MET A 107 14.17 3.56 -50.18
C MET A 107 14.44 4.65 -49.13
N SER A 108 15.53 4.51 -48.38
CA SER A 108 15.88 5.53 -47.39
C SER A 108 16.04 6.90 -48.03
N THR A 109 16.69 6.94 -49.21
CA THR A 109 16.93 8.21 -49.89
C THR A 109 15.64 8.88 -50.35
N ILE A 110 14.76 8.12 -51.02
CA ILE A 110 13.55 8.72 -51.58
C ILE A 110 12.61 9.16 -50.46
N TYR A 111 12.61 8.46 -49.33
CA TYR A 111 11.80 8.90 -48.20
C TYR A 111 12.32 10.23 -47.67
N SER A 112 13.62 10.31 -47.40
CA SER A 112 14.20 11.51 -46.83
C SER A 112 14.35 12.64 -47.83
N THR A 113 14.09 12.40 -49.11
CA THR A 113 14.26 13.40 -50.15
C THR A 113 13.00 13.67 -50.95
N GLY A 114 11.95 12.89 -50.76
CA GLY A 114 10.76 13.06 -51.59
C GLY A 114 10.14 14.43 -51.36
N LYS A 115 9.78 15.08 -52.46
CA LYS A 115 9.09 16.37 -52.42
C LYS A 115 7.77 16.25 -53.17
N VAL A 116 6.73 16.91 -52.64
CA VAL A 116 5.47 17.03 -53.35
C VAL A 116 5.19 18.51 -53.61
N CYS A 117 4.66 18.80 -54.79
CA CYS A 117 4.40 20.17 -55.21
C CYS A 117 2.91 20.43 -55.28
N ASN A 118 2.51 21.65 -54.93
CA ASN A 118 1.12 22.07 -54.97
C ASN A 118 0.65 22.19 -56.41
N PRO A 119 -0.39 21.47 -56.82
CA PRO A 119 -0.90 21.63 -58.21
C PRO A 119 -1.41 23.02 -58.54
N ASP A 120 -2.05 23.74 -57.62
CA ASP A 120 -2.50 25.09 -57.97
C ASP A 120 -1.33 26.03 -58.22
N ASN A 121 -0.23 25.83 -57.52
CA ASN A 121 0.97 26.67 -57.66
C ASN A 121 2.19 25.76 -57.65
N PRO A 122 2.59 25.26 -58.82
CA PRO A 122 3.65 24.23 -58.90
C PRO A 122 5.01 24.73 -58.46
N GLN A 123 5.09 25.99 -58.07
CA GLN A 123 6.29 26.59 -57.52
C GLN A 123 6.46 26.34 -56.03
N GLU A 124 5.37 26.13 -55.30
CA GLU A 124 5.48 25.76 -53.89
C GLU A 124 5.69 24.24 -53.79
N CYS A 125 6.85 23.82 -53.29
CA CYS A 125 7.09 22.41 -53.05
C CYS A 125 7.66 22.21 -51.64
N LEU A 126 7.21 21.14 -50.97
CA LEU A 126 7.61 20.84 -49.61
C LEU A 126 8.11 19.41 -49.52
N LEU A 127 9.12 19.18 -48.69
CA LEU A 127 9.51 17.84 -48.29
C LEU A 127 8.83 17.53 -46.96
N LEU A 128 9.04 16.31 -46.46
CA LEU A 128 8.32 15.86 -45.27
C LEU A 128 8.61 16.76 -44.08
N GLU A 129 9.89 17.09 -43.87
CA GLU A 129 10.31 17.96 -42.79
C GLU A 129 10.99 19.20 -43.38
N PRO A 130 10.53 20.42 -43.05
CA PRO A 130 9.48 20.74 -42.08
C PRO A 130 8.15 21.08 -42.72
N GLY A 131 8.10 21.11 -44.06
CA GLY A 131 6.93 21.62 -44.76
C GLY A 131 5.68 20.80 -44.53
N LEU A 132 5.70 19.54 -44.97
CA LEU A 132 4.52 18.69 -44.85
C LEU A 132 4.15 18.48 -43.39
N ASN A 133 5.15 18.40 -42.51
CA ASN A 133 4.88 18.25 -41.08
C ASN A 133 4.23 19.51 -40.52
N GLU A 134 4.65 20.69 -40.98
CA GLU A 134 4.01 21.93 -40.54
C GLU A 134 2.53 21.96 -40.90
N ILE A 135 2.18 21.53 -42.11
CA ILE A 135 0.77 21.45 -42.50
C ILE A 135 0.01 20.49 -41.59
N MET A 136 0.49 19.25 -41.49
CA MET A 136 -0.20 18.23 -40.70
C MET A 136 -0.28 18.57 -39.22
N ALA A 137 0.56 19.48 -38.72
CA ALA A 137 0.53 19.83 -37.31
C ALA A 137 -0.37 21.02 -37.00
N ASN A 138 -0.38 22.04 -37.87
CA ASN A 138 -1.04 23.30 -37.56
C ASN A 138 -2.24 23.63 -38.43
N SER A 139 -2.36 23.04 -39.62
CA SER A 139 -3.45 23.42 -40.51
C SER A 139 -4.79 22.95 -39.95
N LEU A 140 -5.78 23.81 -40.02
CA LEU A 140 -7.16 23.47 -39.68
C LEU A 140 -8.06 23.33 -40.89
N ASP A 141 -7.50 23.31 -42.10
CA ASP A 141 -8.31 23.25 -43.32
C ASP A 141 -8.37 21.81 -43.80
N TYR A 142 -9.59 21.27 -43.89
CA TYR A 142 -9.78 19.87 -44.27
C TYR A 142 -9.20 19.58 -45.65
N ASN A 143 -9.47 20.45 -46.62
CA ASN A 143 -9.03 20.20 -48.00
C ASN A 143 -7.51 20.28 -48.12
N GLU A 144 -6.87 21.22 -47.43
CA GLU A 144 -5.42 21.32 -47.48
C GLU A 144 -4.77 20.09 -46.85
N ARG A 145 -5.26 19.67 -45.69
CA ARG A 145 -4.73 18.48 -45.03
C ARG A 145 -4.91 17.24 -45.90
N LEU A 146 -6.07 17.11 -46.56
CA LEU A 146 -6.29 15.95 -47.42
C LEU A 146 -5.32 15.94 -48.59
N TRP A 147 -5.04 17.12 -49.16
CA TRP A 147 -4.05 17.20 -50.23
C TRP A 147 -2.68 16.74 -49.74
N ALA A 148 -2.27 17.23 -48.57
CA ALA A 148 -0.98 16.85 -48.00
C ALA A 148 -0.90 15.35 -47.79
N TRP A 149 -1.93 14.79 -47.16
CA TRP A 149 -1.96 13.36 -46.88
C TRP A 149 -1.82 12.56 -48.17
N GLU A 150 -2.66 12.88 -49.16
CA GLU A 150 -2.68 12.12 -50.41
C GLU A 150 -1.43 12.36 -51.26
N SER A 151 -0.89 13.58 -51.26
CA SER A 151 0.32 13.83 -52.04
C SER A 151 1.52 13.05 -51.52
N TRP A 152 1.76 13.08 -50.20
CA TRP A 152 2.87 12.31 -49.64
C TRP A 152 2.79 10.84 -50.00
N ARG A 153 1.61 10.22 -49.82
CA ARG A 153 1.48 8.79 -50.05
C ARG A 153 1.56 8.44 -51.53
N SER A 154 0.67 9.01 -52.34
CA SER A 154 0.58 8.71 -53.77
C SER A 154 1.84 9.07 -54.56
N GLU A 155 2.78 9.85 -54.00
CA GLU A 155 4.04 10.11 -54.70
C GLU A 155 5.17 9.18 -54.27
N VAL A 156 5.57 9.24 -53.00
CA VAL A 156 6.76 8.51 -52.57
C VAL A 156 6.45 7.04 -52.35
N GLY A 157 5.27 6.72 -51.81
CA GLY A 157 4.93 5.34 -51.53
C GLY A 157 4.75 4.51 -52.78
N LYS A 158 4.25 5.11 -53.86
CA LYS A 158 4.16 4.40 -55.13
C LYS A 158 5.54 3.98 -55.64
N GLN A 159 6.54 4.85 -55.47
CA GLN A 159 7.90 4.48 -55.80
C GLN A 159 8.40 3.39 -54.87
N LEU A 160 7.98 3.41 -53.60
CA LEU A 160 8.51 2.49 -52.61
C LEU A 160 7.92 1.09 -52.77
N ARG A 161 6.73 0.98 -53.37
CA ARG A 161 5.98 -0.27 -53.49
C ARG A 161 6.85 -1.40 -54.06
N PRO A 162 7.40 -1.29 -55.28
CA PRO A 162 8.16 -2.44 -55.80
C PRO A 162 9.43 -2.69 -55.02
N LEU A 163 10.14 -1.63 -54.63
CA LEU A 163 11.29 -1.77 -53.74
C LEU A 163 10.92 -2.51 -52.46
N TYR A 164 9.74 -2.22 -51.91
CA TYR A 164 9.32 -2.87 -50.68
C TYR A 164 8.96 -4.33 -50.89
N GLU A 165 8.41 -4.69 -52.04
CA GLU A 165 8.16 -6.10 -52.33
C GLU A 165 9.46 -6.89 -52.35
N GLU A 166 10.46 -6.38 -53.07
CA GLU A 166 11.75 -7.06 -53.10
C GLU A 166 12.42 -7.08 -51.73
N TYR A 167 12.26 -6.00 -50.95
CA TYR A 167 12.77 -5.97 -49.59
C TYR A 167 12.18 -7.08 -48.72
N VAL A 168 10.86 -7.24 -48.77
CA VAL A 168 10.18 -8.28 -47.97
C VAL A 168 10.66 -9.68 -48.32
N VAL A 169 10.70 -10.01 -49.62
CA VAL A 169 11.00 -11.38 -50.01
C VAL A 169 12.44 -11.78 -49.68
N LEU A 170 13.40 -10.88 -49.88
CA LEU A 170 14.79 -11.20 -49.59
C LEU A 170 15.03 -11.33 -48.09
N LYS A 171 14.44 -10.44 -47.30
CA LYS A 171 14.59 -10.48 -45.84
C LYS A 171 13.95 -11.71 -45.21
N ASN A 172 12.83 -12.18 -45.74
CA ASN A 172 12.22 -13.38 -45.15
C ASN A 172 13.08 -14.61 -45.40
N GLU A 173 13.61 -14.71 -46.61
CA GLU A 173 14.56 -15.76 -46.96
C GLU A 173 15.82 -15.76 -46.09
N MET A 174 16.42 -14.58 -45.90
CA MET A 174 17.65 -14.50 -45.12
C MET A 174 17.42 -15.03 -43.72
N ALA A 175 16.37 -14.54 -43.05
CA ALA A 175 16.15 -14.94 -41.67
C ALA A 175 15.96 -16.44 -41.60
N ARG A 176 15.29 -16.97 -42.65
CA ARG A 176 15.04 -18.43 -42.75
C ARG A 176 16.38 -19.15 -42.90
N ALA A 177 17.26 -18.57 -43.69
CA ALA A 177 18.58 -19.17 -43.86
C ALA A 177 19.31 -19.05 -42.54
N ASN A 178 18.96 -18.01 -41.77
CA ASN A 178 19.48 -17.81 -40.44
C ASN A 178 18.62 -18.53 -39.42
N HIS A 179 17.87 -19.55 -39.87
CA HIS A 179 17.07 -20.48 -39.09
C HIS A 179 15.85 -19.84 -38.41
N TYR A 180 15.23 -18.86 -39.05
CA TYR A 180 13.95 -18.27 -38.61
C TYR A 180 12.85 -18.42 -39.64
N GLU A 181 11.60 -18.24 -39.20
CA GLU A 181 10.46 -18.34 -40.10
C GLU A 181 10.35 -17.14 -41.03
N ASP A 182 10.51 -15.93 -40.50
CA ASP A 182 10.45 -14.73 -41.32
C ASP A 182 11.21 -13.61 -40.61
N TYR A 183 11.23 -12.45 -41.26
CA TYR A 183 11.96 -11.34 -40.69
C TYR A 183 11.36 -10.92 -39.36
N GLY A 184 10.05 -11.04 -39.19
CA GLY A 184 9.46 -10.78 -37.90
C GLY A 184 9.91 -11.75 -36.82
N ASP A 185 10.05 -13.03 -37.18
CA ASP A 185 10.59 -14.01 -36.22
C ASP A 185 12.02 -13.67 -35.83
N TYR A 186 12.85 -13.24 -36.78
CA TYR A 186 14.18 -12.77 -36.42
C TYR A 186 14.04 -11.65 -35.40
N TRP A 187 13.19 -10.67 -35.71
CA TRP A 187 12.95 -9.56 -34.80
C TRP A 187 12.43 -10.06 -33.47
N ARG A 188 11.49 -11.02 -33.50
CA ARG A 188 10.98 -11.57 -32.26
C ARG A 188 12.06 -12.30 -31.48
N GLY A 189 13.14 -12.73 -32.16
CA GLY A 189 14.23 -13.34 -31.44
C GLY A 189 14.88 -12.44 -30.43
N ASP A 190 14.73 -11.11 -30.60
CA ASP A 190 15.31 -10.18 -29.63
C ASP A 190 14.74 -10.41 -28.24
N TYR A 191 13.48 -10.83 -28.15
CA TYR A 191 12.84 -11.04 -26.86
C TYR A 191 12.96 -12.48 -26.38
N GLU A 192 13.58 -13.35 -27.18
CA GLU A 192 13.62 -14.77 -26.87
C GLU A 192 14.63 -14.99 -25.74
N VAL A 193 14.26 -15.83 -24.77
CA VAL A 193 15.18 -16.27 -23.73
C VAL A 193 15.21 -17.79 -23.64
N ASN A 194 16.42 -18.37 -23.73
CA ASN A 194 16.61 -19.81 -23.85
C ASN A 194 17.84 -20.22 -23.04
N GLY A 195 17.62 -20.78 -21.85
CA GLY A 195 18.73 -21.29 -21.08
C GLY A 195 18.64 -21.11 -19.58
N VAL A 196 17.89 -20.11 -19.12
CA VAL A 196 17.76 -19.82 -17.70
C VAL A 196 16.48 -20.49 -17.22
N ASP A 197 16.62 -21.48 -16.33
CA ASP A 197 15.44 -22.19 -15.85
C ASP A 197 14.57 -21.26 -15.02
N GLY A 198 13.29 -21.21 -15.36
CA GLY A 198 12.36 -20.38 -14.65
C GLY A 198 12.26 -18.98 -15.20
N TYR A 199 13.09 -18.59 -16.18
CA TYR A 199 12.95 -17.24 -16.70
C TYR A 199 12.93 -17.26 -18.22
N ASP A 200 12.88 -18.44 -18.83
CA ASP A 200 12.85 -18.49 -20.28
C ASP A 200 11.51 -17.89 -20.71
N TYR A 201 11.39 -17.59 -22.00
CA TYR A 201 10.22 -16.89 -22.55
C TYR A 201 10.26 -17.07 -24.06
N SER A 202 9.22 -17.68 -24.60
CA SER A 202 9.20 -17.98 -26.01
C SER A 202 8.76 -16.81 -26.88
N ARG A 203 8.89 -17.05 -28.19
CA ARG A 203 8.67 -16.13 -29.30
C ARG A 203 7.20 -15.96 -29.73
N GLY A 204 6.34 -16.92 -29.37
CA GLY A 204 4.89 -16.77 -29.59
C GLY A 204 4.20 -16.14 -28.40
N GLN A 205 4.79 -16.31 -27.22
CA GLN A 205 4.32 -15.64 -26.01
C GLN A 205 4.31 -14.12 -26.20
N LEU A 206 5.20 -13.62 -27.05
CA LEU A 206 5.16 -12.19 -27.33
C LEU A 206 3.83 -11.84 -27.98
N ILE A 207 3.41 -12.63 -28.99
CA ILE A 207 2.10 -12.37 -29.59
C ILE A 207 1.03 -12.52 -28.52
N GLU A 208 1.11 -13.63 -27.78
CA GLU A 208 0.14 -13.87 -26.71
C GLU A 208 0.13 -12.70 -25.74
N ASP A 209 1.32 -12.27 -25.29
CA ASP A 209 1.37 -11.21 -24.29
C ASP A 209 0.92 -9.87 -24.88
N VAL A 210 1.38 -9.55 -26.09
CA VAL A 210 1.01 -8.29 -26.72
C VAL A 210 -0.49 -8.21 -26.96
N GLU A 211 -1.10 -9.30 -27.42
CA GLU A 211 -2.54 -9.29 -27.67
C GLU A 211 -3.32 -9.26 -26.36
N HIS A 212 -2.90 -10.05 -25.38
CA HIS A 212 -3.59 -10.05 -24.09
C HIS A 212 -3.54 -8.69 -23.44
N THR A 213 -2.43 -7.96 -23.61
CA THR A 213 -2.30 -6.64 -22.99
C THR A 213 -2.99 -5.56 -23.82
N PHE A 214 -2.98 -5.66 -25.14
CA PHE A 214 -3.70 -4.69 -25.95
C PHE A 214 -5.20 -4.78 -25.69
N GLU A 215 -5.69 -5.99 -25.40
CA GLU A 215 -7.07 -6.17 -25.01
C GLU A 215 -7.41 -5.35 -23.78
N GLU A 216 -6.53 -5.34 -22.77
CA GLU A 216 -6.79 -4.54 -21.59
C GLU A 216 -6.64 -3.04 -21.87
N ILE A 217 -5.82 -2.67 -22.85
CA ILE A 217 -5.69 -1.25 -23.19
C ILE A 217 -6.93 -0.79 -23.93
N LYS A 218 -7.61 -1.70 -24.62
CA LYS A 218 -8.71 -1.39 -25.53
C LYS A 218 -9.75 -0.44 -24.95
N PRO A 219 -10.26 -0.62 -23.72
CA PRO A 219 -11.35 0.24 -23.27
C PRO A 219 -10.94 1.69 -23.09
N LEU A 220 -9.77 1.94 -22.48
CA LEU A 220 -9.27 3.31 -22.31
C LEU A 220 -9.12 4.01 -23.66
N TYR A 221 -8.57 3.33 -24.66
CA TYR A 221 -8.43 3.92 -25.98
C TYR A 221 -9.78 4.22 -26.61
N GLU A 222 -10.76 3.33 -26.42
CA GLU A 222 -12.09 3.55 -26.97
C GLU A 222 -12.71 4.84 -26.46
N HIS A 223 -12.59 5.11 -25.16
CA HIS A 223 -13.21 6.33 -24.61
C HIS A 223 -12.46 7.58 -25.08
N LEU A 224 -11.13 7.54 -25.09
CA LEU A 224 -10.38 8.67 -25.64
C LEU A 224 -10.74 8.91 -27.10
N HIS A 225 -10.92 7.82 -27.86
CA HIS A 225 -11.28 7.95 -29.27
C HIS A 225 -12.64 8.62 -29.42
N ALA A 226 -13.61 8.23 -28.60
CA ALA A 226 -14.93 8.86 -28.65
C ALA A 226 -14.84 10.34 -28.32
N TYR A 227 -14.10 10.69 -27.27
CA TYR A 227 -13.96 12.08 -26.87
C TYR A 227 -13.31 12.91 -27.97
N VAL A 228 -12.19 12.42 -28.52
CA VAL A 228 -11.51 13.14 -29.59
C VAL A 228 -12.38 13.25 -30.82
N ARG A 229 -13.20 12.23 -31.10
CA ARG A 229 -14.07 12.26 -32.27
C ARG A 229 -15.11 13.36 -32.17
N ALA A 230 -15.76 13.49 -31.02
CA ALA A 230 -16.73 14.57 -30.82
C ALA A 230 -16.05 15.94 -30.94
N LYS A 231 -14.92 16.11 -30.26
CA LYS A 231 -14.22 17.40 -30.29
C LYS A 231 -13.79 17.77 -31.69
N LEU A 232 -13.41 16.78 -32.50
CA LEU A 232 -13.05 17.04 -33.90
C LEU A 232 -14.26 17.36 -34.76
N MET A 233 -15.42 16.80 -34.43
CA MET A 233 -16.65 17.17 -35.12
C MET A 233 -16.92 18.67 -34.99
N ASN A 234 -16.65 19.25 -33.82
CA ASN A 234 -16.77 20.69 -33.68
C ASN A 234 -15.76 21.43 -34.55
N ALA A 235 -14.64 20.78 -34.88
CA ALA A 235 -13.59 21.45 -35.65
C ALA A 235 -13.76 21.29 -37.15
N TYR A 236 -14.29 20.15 -37.61
CA TYR A 236 -14.53 19.89 -39.03
C TYR A 236 -15.99 19.50 -39.21
N PRO A 237 -16.90 20.47 -39.15
CA PRO A 237 -18.33 20.15 -39.27
C PRO A 237 -18.67 19.57 -40.65
N SER A 238 -19.57 18.59 -40.66
CA SER A 238 -20.09 17.88 -41.82
C SER A 238 -19.07 16.94 -42.45
N TYR A 239 -17.88 16.78 -41.86
CA TYR A 239 -16.87 15.87 -42.40
C TYR A 239 -16.70 14.59 -41.61
N ILE A 240 -17.21 14.52 -40.38
CA ILE A 240 -16.96 13.38 -39.49
C ILE A 240 -18.29 12.87 -38.97
N SER A 241 -18.51 11.55 -39.10
CA SER A 241 -19.67 10.88 -38.53
C SER A 241 -19.48 10.65 -37.04
N PRO A 242 -20.52 10.83 -36.23
CA PRO A 242 -20.39 10.60 -34.78
C PRO A 242 -20.20 9.14 -34.41
N ILE A 243 -20.30 8.21 -35.36
CA ILE A 243 -20.14 6.78 -35.10
C ILE A 243 -19.04 6.15 -35.93
N GLY A 244 -18.36 6.90 -36.79
CA GLY A 244 -17.39 6.36 -37.70
C GLY A 244 -15.97 6.51 -37.20
N CYS A 245 -15.05 5.94 -37.99
CA CYS A 245 -13.63 6.07 -37.70
C CYS A 245 -13.15 7.50 -37.98
N LEU A 246 -12.01 7.84 -37.40
CA LEU A 246 -11.44 9.17 -37.60
C LEU A 246 -10.72 9.25 -38.94
N PRO A 247 -10.98 10.29 -39.74
CA PRO A 247 -10.21 10.49 -40.98
C PRO A 247 -8.72 10.57 -40.69
N ALA A 248 -7.94 9.84 -41.50
CA ALA A 248 -6.52 9.64 -41.21
C ALA A 248 -5.70 10.92 -41.28
N HIS A 249 -6.20 11.94 -41.98
CA HIS A 249 -5.43 13.16 -42.23
C HIS A 249 -5.69 14.27 -41.21
N LEU A 250 -6.45 13.98 -40.15
CA LEU A 250 -6.77 14.99 -39.14
C LEU A 250 -6.19 14.65 -37.77
N LEU A 251 -5.18 13.80 -37.71
CA LEU A 251 -4.72 13.21 -36.46
C LEU A 251 -3.54 13.94 -35.83
N GLY A 252 -2.95 14.90 -36.52
CA GLY A 252 -1.88 15.73 -35.98
C GLY A 252 -0.54 15.56 -36.64
N ASP A 253 -0.29 14.46 -37.36
CA ASP A 253 0.90 14.35 -38.18
C ASP A 253 0.56 13.57 -39.46
N MET A 254 1.59 13.25 -40.24
CA MET A 254 1.37 12.66 -41.57
C MET A 254 0.73 11.27 -41.53
N TRP A 255 0.84 10.55 -40.42
CA TRP A 255 0.38 9.16 -40.34
C TRP A 255 -0.52 8.85 -39.15
N GLY A 256 -0.56 9.71 -38.13
CA GLY A 256 -1.22 9.40 -36.88
C GLY A 256 -0.40 8.72 -35.82
N ARG A 257 0.93 8.71 -35.95
CA ARG A 257 1.74 8.10 -34.90
C ARG A 257 1.56 8.83 -33.58
N PHE A 258 1.37 10.15 -33.63
CA PHE A 258 1.08 10.97 -32.46
C PHE A 258 -0.06 11.94 -32.70
N TRP A 259 -0.96 12.00 -31.73
CA TRP A 259 -2.05 12.98 -31.66
C TRP A 259 -1.68 14.22 -30.86
N THR A 260 -0.38 14.57 -30.83
CA THR A 260 0.08 15.67 -29.99
C THR A 260 -0.58 17.01 -30.34
N ASN A 261 -0.73 17.30 -31.64
CA ASN A 261 -1.25 18.59 -32.07
C ASN A 261 -2.77 18.67 -32.01
N LEU A 262 -3.42 17.68 -31.40
CA LEU A 262 -4.85 17.79 -31.17
C LEU A 262 -5.17 18.37 -29.82
N TYR A 263 -4.16 18.78 -29.05
CA TYR A 263 -4.42 19.28 -27.70
C TYR A 263 -5.21 20.57 -27.76
N SER A 264 -4.91 21.40 -28.76
CA SER A 264 -5.61 22.66 -28.97
C SER A 264 -7.09 22.46 -29.32
N LEU A 265 -7.42 21.33 -29.95
CA LEU A 265 -8.79 20.99 -30.37
C LEU A 265 -9.53 20.10 -29.38
N THR A 266 -8.84 19.58 -28.38
CA THR A 266 -9.39 18.62 -27.42
C THR A 266 -9.19 19.10 -25.99
N VAL A 267 -8.72 20.33 -25.80
CA VAL A 267 -8.39 20.80 -24.45
C VAL A 267 -9.65 20.72 -23.60
N PRO A 268 -9.62 20.00 -22.46
CA PRO A 268 -10.83 19.96 -21.62
C PRO A 268 -11.26 21.31 -21.07
N PHE A 269 -10.33 22.03 -20.45
CA PHE A 269 -10.58 23.32 -19.79
C PHE A 269 -9.59 24.35 -20.32
N GLY A 270 -9.93 24.96 -21.46
CA GLY A 270 -9.06 25.99 -22.00
C GLY A 270 -8.93 27.23 -21.15
N GLN A 271 -9.73 27.37 -20.09
CA GLN A 271 -9.56 28.56 -19.24
C GLN A 271 -8.32 28.45 -18.39
N LYS A 272 -7.92 27.25 -18.02
CA LYS A 272 -6.73 27.13 -17.22
C LYS A 272 -5.54 27.45 -18.11
N PRO A 273 -4.46 28.13 -17.63
CA PRO A 273 -3.29 28.33 -18.49
C PRO A 273 -2.62 26.97 -18.77
N ASN A 274 -2.59 26.57 -20.05
CA ASN A 274 -1.90 25.32 -20.42
C ASN A 274 -0.42 25.48 -20.09
N ILE A 275 0.18 24.50 -19.41
CA ILE A 275 1.57 24.66 -18.88
C ILE A 275 2.62 24.70 -19.99
N ASP A 276 3.12 25.90 -20.31
CA ASP A 276 4.25 25.99 -21.27
C ASP A 276 5.35 26.80 -20.55
N VAL A 277 6.53 26.21 -20.35
CA VAL A 277 7.59 26.91 -19.58
C VAL A 277 8.51 27.63 -20.58
N THR A 278 8.22 27.54 -21.87
CA THR A 278 9.13 28.13 -22.89
C THR A 278 9.23 29.64 -22.65
N ASP A 279 8.10 30.30 -22.36
CA ASP A 279 8.11 31.76 -22.10
C ASP A 279 8.95 32.04 -20.84
N ALA A 280 8.81 31.20 -19.81
CA ALA A 280 9.61 31.37 -18.58
C ALA A 280 11.09 31.18 -18.91
N MET A 281 11.41 30.18 -19.73
CA MET A 281 12.83 29.88 -20.04
C MET A 281 13.47 31.10 -20.72
N VAL A 282 12.87 31.58 -21.81
CA VAL A 282 13.47 32.70 -22.54
C VAL A 282 13.70 33.88 -21.60
N ASP A 283 12.75 34.09 -20.67
CA ASP A 283 12.81 35.27 -19.77
C ASP A 283 13.88 35.06 -18.69
N GLN A 284 13.90 33.87 -18.09
CA GLN A 284 14.91 33.56 -17.05
C GLN A 284 16.28 33.63 -17.72
N ALA A 285 17.31 34.04 -16.98
CA ALA A 285 18.66 34.04 -17.60
C ALA A 285 18.86 32.64 -18.15
N TRP A 286 19.25 32.53 -19.42
CA TRP A 286 19.32 31.18 -20.04
C TRP A 286 20.71 30.88 -20.56
N ASP A 287 21.28 29.73 -20.19
CA ASP A 287 22.58 29.31 -20.73
C ASP A 287 22.34 27.88 -21.22
N ALA A 288 22.49 27.62 -22.52
CA ALA A 288 22.16 26.27 -22.98
C ALA A 288 23.02 25.28 -22.21
N GLN A 289 24.26 25.68 -21.94
CA GLN A 289 25.11 24.91 -21.06
C GLN A 289 24.36 24.62 -19.73
N ARG A 290 23.76 25.65 -19.13
CA ARG A 290 23.12 25.47 -17.78
C ARG A 290 21.93 24.51 -17.87
N ILE A 291 21.21 24.50 -18.99
CA ILE A 291 20.08 23.61 -19.15
C ILE A 291 20.56 22.17 -19.07
N PHE A 292 21.60 21.85 -19.83
CA PHE A 292 22.08 20.49 -19.83
C PHE A 292 22.72 20.17 -18.48
N LYS A 293 23.30 21.20 -17.85
CA LYS A 293 23.84 21.10 -16.49
C LYS A 293 22.74 20.81 -15.48
N GLU A 294 21.57 21.43 -15.69
CA GLU A 294 20.46 21.19 -14.77
C GLU A 294 20.02 19.74 -14.85
N ALA A 295 19.97 19.18 -16.06
CA ALA A 295 19.69 17.75 -16.17
C ALA A 295 20.75 16.95 -15.41
N GLU A 296 22.02 17.35 -15.55
CA GLU A 296 23.10 16.70 -14.83
C GLU A 296 22.92 16.80 -13.32
N LYS A 297 22.52 17.98 -12.83
CA LYS A 297 22.24 18.14 -11.40
C LYS A 297 21.11 17.22 -10.96
N PHE A 298 20.10 17.06 -11.81
CA PHE A 298 18.99 16.13 -11.51
C PHE A 298 19.49 14.71 -11.32
N PHE A 299 20.32 14.22 -12.24
CA PHE A 299 20.78 12.83 -12.17
C PHE A 299 21.69 12.57 -10.98
N VAL A 300 22.52 13.54 -10.59
CA VAL A 300 23.37 13.34 -9.41
C VAL A 300 22.53 13.33 -8.14
N SER A 301 21.41 14.06 -8.12
CA SER A 301 20.59 14.14 -6.91
C SER A 301 19.97 12.81 -6.53
N VAL A 302 19.97 11.82 -7.42
CA VAL A 302 19.38 10.52 -7.16
C VAL A 302 20.45 9.45 -6.99
N GLY A 303 21.72 9.85 -6.90
CA GLY A 303 22.81 8.92 -6.65
C GLY A 303 23.57 8.46 -7.88
N LEU A 304 23.40 9.11 -9.03
CA LEU A 304 24.13 8.76 -10.22
C LEU A 304 25.31 9.69 -10.43
N PRO A 305 26.31 9.28 -11.20
CA PRO A 305 27.51 10.12 -11.35
C PRO A 305 27.24 11.34 -12.22
N ASN A 306 28.15 12.32 -12.10
CA ASN A 306 28.21 13.44 -13.01
C ASN A 306 28.42 12.96 -14.46
N MET A 307 28.30 13.91 -15.39
CA MET A 307 28.78 13.71 -16.75
C MET A 307 30.31 13.82 -16.81
N THR A 308 30.90 13.12 -17.76
CA THR A 308 32.36 13.07 -17.89
C THR A 308 32.89 14.36 -18.49
N GLN A 309 34.11 14.72 -18.11
CA GLN A 309 34.78 15.86 -18.73
C GLN A 309 34.88 15.72 -20.24
N GLY A 310 35.03 14.48 -20.73
CA GLY A 310 34.99 14.24 -22.17
C GLY A 310 33.64 14.58 -22.79
N PHE A 311 32.56 14.27 -22.09
CA PHE A 311 31.23 14.65 -22.56
C PHE A 311 31.09 16.16 -22.71
N TRP A 312 31.42 16.93 -21.67
CA TRP A 312 31.22 18.37 -21.77
C TRP A 312 32.12 19.02 -22.81
N GLU A 313 33.27 18.41 -23.12
CA GLU A 313 34.19 18.99 -24.10
C GLU A 313 33.91 18.56 -25.54
N ASN A 314 33.34 17.37 -25.75
CA ASN A 314 33.22 16.82 -27.10
C ASN A 314 31.79 16.83 -27.60
N SER A 315 30.82 16.98 -26.71
CA SER A 315 29.41 17.03 -27.08
C SER A 315 29.16 18.30 -27.87
N MET A 316 28.12 18.28 -28.69
CA MET A 316 27.68 19.45 -29.44
C MET A 316 26.32 19.86 -28.90
N LEU A 317 26.32 20.96 -28.14
CA LEU A 317 25.19 21.41 -27.37
C LEU A 317 24.49 22.61 -27.98
N THR A 318 24.98 23.14 -29.10
CA THR A 318 24.30 24.24 -29.77
C THR A 318 24.28 23.98 -31.27
N ASP A 319 23.34 24.62 -31.94
CA ASP A 319 23.29 24.57 -33.40
C ASP A 319 24.57 25.20 -33.91
N PRO A 320 25.38 24.50 -34.71
CA PRO A 320 26.65 25.12 -35.14
C PRO A 320 26.49 26.23 -36.17
N GLY A 321 25.29 26.46 -36.70
CA GLY A 321 25.05 27.57 -37.58
C GLY A 321 24.92 27.18 -39.04
N ASN A 322 25.05 28.20 -39.89
CA ASN A 322 24.89 28.05 -41.33
C ASN A 322 26.19 27.56 -41.96
N VAL A 323 27.32 27.94 -41.34
CA VAL A 323 28.66 27.60 -41.82
C VAL A 323 28.94 26.11 -41.65
N GLN A 324 28.38 25.50 -40.60
CA GLN A 324 28.64 24.10 -40.25
C GLN A 324 27.31 23.38 -40.20
N LYS A 325 27.04 22.56 -41.21
CA LYS A 325 25.78 21.84 -41.25
C LYS A 325 25.97 20.49 -40.56
N ALA A 326 24.99 20.12 -39.75
CA ALA A 326 25.06 18.91 -38.95
C ALA A 326 23.71 18.23 -38.98
N VAL A 327 23.66 17.01 -38.46
CA VAL A 327 22.40 16.29 -38.34
C VAL A 327 21.82 16.63 -36.97
N CYS A 328 20.58 17.10 -36.95
CA CYS A 328 20.01 17.67 -35.74
C CYS A 328 19.04 16.73 -35.05
N HIS A 329 18.86 15.52 -35.56
CA HIS A 329 18.05 14.51 -34.89
C HIS A 329 18.71 14.25 -33.53
N PRO A 330 17.99 14.45 -32.42
CA PRO A 330 18.62 14.25 -31.10
C PRO A 330 19.07 12.81 -30.92
N THR A 331 20.37 12.65 -30.61
CA THR A 331 20.97 11.35 -30.46
C THR A 331 21.94 11.37 -29.28
N ALA A 332 22.02 10.24 -28.59
CA ALA A 332 22.96 10.04 -27.50
C ALA A 332 24.00 9.03 -27.98
N TRP A 333 25.23 9.47 -28.12
CA TRP A 333 26.28 8.66 -28.73
C TRP A 333 27.11 7.99 -27.64
N ASP A 334 27.18 6.67 -27.70
CA ASP A 334 28.09 5.86 -26.90
C ASP A 334 29.16 5.35 -27.86
N LEU A 335 30.25 6.12 -27.98
CA LEU A 335 31.29 5.80 -28.94
C LEU A 335 32.18 4.65 -28.49
N GLY A 336 32.13 4.30 -27.21
CA GLY A 336 33.06 3.35 -26.64
C GLY A 336 34.30 4.02 -26.08
N LYS A 337 35.10 3.22 -25.39
CA LYS A 337 36.29 3.70 -24.68
C LYS A 337 35.95 4.85 -23.74
N GLY A 338 34.78 4.76 -23.11
CA GLY A 338 34.36 5.77 -22.18
C GLY A 338 34.03 7.11 -22.79
N ASP A 339 33.85 7.18 -24.10
CA ASP A 339 33.54 8.43 -24.78
C ASP A 339 32.03 8.51 -24.92
N PHE A 340 31.43 9.50 -24.26
CA PHE A 340 29.99 9.69 -24.28
C PHE A 340 29.72 11.12 -24.70
N ARG A 341 28.81 11.30 -25.65
CA ARG A 341 28.49 12.62 -26.16
C ARG A 341 26.99 12.69 -26.36
N ILE A 342 26.50 13.90 -26.52
CA ILE A 342 25.12 14.15 -26.92
C ILE A 342 25.16 15.13 -28.08
N LEU A 343 24.44 14.79 -29.14
CA LEU A 343 24.33 15.62 -30.33
C LEU A 343 22.92 16.17 -30.40
N MET A 344 22.79 17.50 -30.26
CA MET A 344 21.49 18.11 -30.20
C MET A 344 21.62 19.57 -30.56
N CYS A 345 20.79 20.02 -31.48
CA CYS A 345 20.81 21.43 -31.84
C CYS A 345 19.82 22.12 -30.92
N THR A 346 20.21 22.21 -29.64
CA THR A 346 19.24 22.60 -28.63
C THR A 346 18.79 24.05 -28.81
N LYS A 347 17.47 24.22 -28.80
CA LYS A 347 16.79 25.47 -28.64
C LYS A 347 16.26 25.58 -27.22
N VAL A 348 15.86 26.80 -26.86
CA VAL A 348 15.37 27.07 -25.50
C VAL A 348 13.88 26.78 -25.55
N THR A 349 13.54 25.49 -25.43
CA THR A 349 12.15 25.08 -25.50
C THR A 349 11.82 24.00 -24.47
N MET A 350 10.53 23.95 -24.14
CA MET A 350 10.04 22.96 -23.20
C MET A 350 10.16 21.55 -23.73
N ASP A 351 9.86 21.34 -25.01
CA ASP A 351 9.97 20.00 -25.57
C ASP A 351 11.39 19.50 -25.52
N ASP A 352 12.34 20.37 -25.84
CA ASP A 352 13.76 20.05 -25.82
C ASP A 352 14.30 19.84 -24.40
N PHE A 353 13.72 20.53 -23.41
CA PHE A 353 14.07 20.25 -22.02
C PHE A 353 13.83 18.80 -21.66
N LEU A 354 12.62 18.28 -21.91
CA LEU A 354 12.34 16.88 -21.56
C LEU A 354 13.21 15.93 -22.38
N THR A 355 13.41 16.22 -23.67
CA THR A 355 14.22 15.34 -24.50
C THR A 355 15.69 15.41 -24.13
N ALA A 356 16.15 16.55 -23.60
CA ALA A 356 17.51 16.59 -23.07
C ALA A 356 17.65 15.65 -21.88
N HIS A 357 16.66 15.66 -20.98
CA HIS A 357 16.62 14.67 -19.90
C HIS A 357 16.61 13.25 -20.46
N HIS A 358 15.82 13.03 -21.51
CA HIS A 358 15.72 11.70 -22.11
C HIS A 358 17.08 11.23 -22.65
N GLU A 359 17.75 12.08 -23.43
CA GLU A 359 19.02 11.67 -24.02
C GLU A 359 20.08 11.48 -22.95
N MET A 360 20.09 12.34 -21.92
CA MET A 360 21.05 12.16 -20.84
C MET A 360 20.71 10.92 -20.01
N GLY A 361 19.44 10.53 -19.96
CA GLY A 361 19.11 9.23 -19.39
C GLY A 361 19.72 8.08 -20.17
N HIS A 362 19.63 8.16 -21.50
CA HIS A 362 20.37 7.23 -22.36
C HIS A 362 21.84 7.19 -21.97
N ILE A 363 22.45 8.36 -21.82
CA ILE A 363 23.88 8.43 -21.51
C ILE A 363 24.16 7.78 -20.17
N GLN A 364 23.26 7.95 -19.20
CA GLN A 364 23.49 7.31 -17.91
C GLN A 364 23.41 5.80 -18.06
N TYR A 365 22.43 5.30 -18.82
CA TYR A 365 22.38 3.89 -19.18
C TYR A 365 23.69 3.49 -19.85
N ASP A 366 24.11 4.28 -20.84
CA ASP A 366 25.33 4.01 -21.59
C ASP A 366 26.54 4.04 -20.68
N MET A 367 26.60 5.00 -19.76
CA MET A 367 27.70 5.04 -18.81
C MET A 367 27.69 3.79 -17.96
N ALA A 368 26.51 3.28 -17.63
CA ALA A 368 26.42 2.13 -16.74
C ALA A 368 26.90 0.92 -17.52
N TYR A 369 26.98 -0.23 -16.84
CA TYR A 369 27.41 -1.51 -17.43
C TYR A 369 28.65 -1.35 -18.30
N ALA A 370 29.48 -0.35 -17.98
CA ALA A 370 30.66 -0.09 -18.81
C ALA A 370 31.71 -1.15 -18.59
N ALA A 371 31.74 -1.76 -17.40
CA ALA A 371 32.71 -2.78 -17.07
C ALA A 371 32.34 -4.12 -17.69
N GLN A 372 31.15 -4.23 -18.26
CA GLN A 372 30.75 -5.46 -18.94
C GLN A 372 31.55 -5.63 -20.24
N PRO A 373 31.72 -6.87 -20.69
CA PRO A 373 32.32 -7.10 -22.01
C PRO A 373 31.56 -6.45 -23.15
N PHE A 374 32.26 -6.30 -24.27
CA PHE A 374 31.80 -5.50 -25.41
C PHE A 374 30.39 -5.88 -25.83
N LEU A 375 30.20 -7.15 -26.20
CA LEU A 375 28.95 -7.65 -26.75
C LEU A 375 27.79 -7.60 -25.76
N LEU A 376 28.06 -7.22 -24.51
CA LEU A 376 27.03 -7.08 -23.49
C LEU A 376 26.71 -5.62 -23.21
N ARG A 377 27.31 -4.69 -23.97
CA ARG A 377 27.04 -3.26 -23.82
C ARG A 377 25.83 -2.92 -24.70
N ASN A 378 24.66 -3.15 -24.12
CA ASN A 378 23.39 -2.96 -24.81
C ASN A 378 22.26 -3.08 -23.80
N GLY A 379 21.11 -2.54 -24.17
CA GLY A 379 19.95 -2.62 -23.32
C GLY A 379 19.49 -4.07 -23.13
N ALA A 380 18.77 -4.29 -22.03
CA ALA A 380 18.27 -5.63 -21.70
C ALA A 380 17.51 -6.21 -22.88
N ASN A 381 16.62 -5.42 -23.47
CA ASN A 381 16.06 -5.71 -24.78
C ASN A 381 15.97 -4.39 -25.53
N GLU A 382 15.28 -4.38 -26.67
CA GLU A 382 15.28 -3.18 -27.49
C GLU A 382 14.51 -2.05 -26.86
N GLY A 383 13.73 -2.33 -25.82
CA GLY A 383 12.93 -1.29 -25.21
C GLY A 383 13.45 -0.57 -23.99
N PHE A 384 14.55 -1.05 -23.41
CA PHE A 384 14.93 -0.55 -22.10
C PHE A 384 15.47 0.88 -22.15
N HIS A 385 16.31 1.20 -23.14
CA HIS A 385 16.90 2.54 -23.21
C HIS A 385 15.87 3.66 -23.35
N GLU A 386 14.95 3.53 -24.31
CA GLU A 386 13.94 4.58 -24.50
C GLU A 386 12.97 4.65 -23.33
N ALA A 387 12.66 3.51 -22.72
CA ALA A 387 11.79 3.51 -21.54
C ALA A 387 12.44 4.30 -20.41
N VAL A 388 13.74 4.14 -20.25
CA VAL A 388 14.49 4.87 -19.21
C VAL A 388 14.46 6.36 -19.50
N GLY A 389 14.76 6.73 -20.74
CA GLY A 389 14.67 8.14 -21.10
C GLY A 389 13.32 8.75 -20.80
N GLU A 390 12.25 7.98 -21.03
CA GLU A 390 10.89 8.48 -20.83
C GLU A 390 10.53 8.63 -19.34
N ILE A 391 11.03 7.76 -18.44
CA ILE A 391 10.75 7.97 -17.03
C ILE A 391 11.46 9.22 -16.55
N MET A 392 12.65 9.48 -17.06
CA MET A 392 13.31 10.74 -16.82
C MET A 392 12.45 11.92 -17.25
N SER A 393 11.93 11.88 -18.48
CA SER A 393 11.19 13.03 -18.98
C SER A 393 9.89 13.25 -18.23
N LEU A 394 9.22 12.18 -17.80
CA LEU A 394 8.02 12.35 -16.97
C LEU A 394 8.35 13.07 -15.65
N SER A 395 9.37 12.60 -14.94
CA SER A 395 9.75 13.24 -13.67
C SER A 395 10.07 14.71 -13.88
N ALA A 396 10.74 15.05 -14.98
CA ALA A 396 11.06 16.45 -15.25
C ALA A 396 9.82 17.24 -15.63
N ALA A 397 8.79 16.57 -16.18
CA ALA A 397 7.59 17.25 -16.63
C ALA A 397 6.58 17.51 -15.51
N THR A 398 6.71 16.86 -14.36
CA THR A 398 5.78 17.08 -13.27
C THR A 398 5.82 18.54 -12.82
N PRO A 399 4.68 19.13 -12.48
CA PRO A 399 4.69 20.54 -12.03
C PRO A 399 5.48 20.78 -10.76
N LYS A 400 5.55 19.78 -9.87
CA LYS A 400 6.35 19.93 -8.66
C LYS A 400 7.82 20.15 -9.00
N HIS A 401 8.37 19.33 -9.89
CA HIS A 401 9.75 19.53 -10.32
C HIS A 401 9.90 20.88 -11.03
N LEU A 402 8.97 21.20 -11.92
CA LEU A 402 9.04 22.47 -12.65
C LEU A 402 9.00 23.65 -11.67
N LYS A 403 8.20 23.53 -10.61
CA LYS A 403 8.15 24.57 -9.59
C LYS A 403 9.46 24.65 -8.80
N SER A 404 9.99 23.50 -8.37
CA SER A 404 11.21 23.46 -7.57
C SER A 404 12.44 24.01 -8.29
N ILE A 405 12.48 23.90 -9.62
CA ILE A 405 13.60 24.45 -10.39
C ILE A 405 13.50 25.96 -10.60
N GLY A 406 12.34 26.57 -10.39
CA GLY A 406 12.21 28.00 -10.48
C GLY A 406 11.75 28.59 -11.80
N LEU A 407 11.24 27.78 -12.72
CA LEU A 407 10.68 28.35 -13.95
C LEU A 407 9.21 28.63 -13.77
N LEU A 408 8.65 28.12 -12.67
CA LEU A 408 7.22 28.38 -12.35
C LEU A 408 7.19 29.14 -11.03
N SER A 409 6.40 30.22 -10.95
CA SER A 409 6.25 30.95 -9.67
C SER A 409 5.54 30.00 -8.70
N PRO A 410 5.70 30.11 -7.36
CA PRO A 410 5.10 29.13 -6.47
C PRO A 410 3.59 29.40 -6.34
N ASP A 411 2.89 29.54 -7.46
CA ASP A 411 1.41 29.67 -7.44
C ASP A 411 0.88 28.33 -6.93
N PHE A 412 1.54 27.24 -7.35
CA PHE A 412 1.12 25.87 -6.94
C PHE A 412 -0.38 25.74 -7.23
N GLN A 413 -0.80 26.20 -8.41
CA GLN A 413 -2.21 26.02 -8.74
C GLN A 413 -2.34 24.62 -9.28
N GLU A 414 -3.27 23.85 -8.71
CA GLU A 414 -3.48 22.51 -9.22
C GLU A 414 -4.96 22.23 -8.95
N ASP A 415 -5.80 22.64 -9.89
CA ASP A 415 -7.20 22.30 -9.78
C ASP A 415 -7.35 20.80 -10.05
N ASN A 416 -8.56 20.30 -9.89
CA ASN A 416 -8.83 18.98 -10.44
C ASN A 416 -8.98 19.02 -11.96
N GLU A 417 -8.98 20.22 -12.51
CA GLU A 417 -9.02 20.50 -13.95
C GLU A 417 -7.62 20.70 -14.52
N THR A 418 -6.70 21.32 -13.78
CA THR A 418 -5.31 21.38 -14.24
C THR A 418 -4.69 20.00 -14.35
N GLU A 419 -5.04 19.11 -13.43
CA GLU A 419 -4.55 17.73 -13.45
C GLU A 419 -5.10 16.92 -14.62
N ILE A 420 -6.39 17.07 -14.91
CA ILE A 420 -7.01 16.36 -16.02
C ILE A 420 -6.50 16.87 -17.37
N ASN A 421 -6.24 18.16 -17.48
CA ASN A 421 -5.63 18.71 -18.69
C ASN A 421 -4.30 18.01 -18.99
N PHE A 422 -3.43 17.93 -17.99
CA PHE A 422 -2.12 17.31 -18.19
C PHE A 422 -2.25 15.85 -18.57
N LEU A 423 -3.16 15.12 -17.92
CA LEU A 423 -3.34 13.71 -18.20
C LEU A 423 -3.93 13.48 -19.59
N LEU A 424 -4.82 14.37 -20.03
CA LEU A 424 -5.38 14.26 -21.37
C LEU A 424 -4.31 14.46 -22.44
N LYS A 425 -3.42 15.44 -22.26
CA LYS A 425 -2.34 15.64 -23.22
C LYS A 425 -1.39 14.45 -23.25
N GLN A 426 -1.15 13.83 -22.09
CA GLN A 426 -0.35 12.62 -22.05
C GLN A 426 -0.99 11.50 -22.85
N ALA A 427 -2.31 11.37 -22.78
CA ALA A 427 -2.95 10.23 -23.46
C ALA A 427 -2.88 10.40 -24.96
N LEU A 428 -3.10 11.63 -25.45
CA LEU A 428 -3.00 11.91 -26.88
C LEU A 428 -1.70 11.37 -27.46
N THR A 429 -0.62 11.43 -26.68
CA THR A 429 0.70 10.95 -27.05
C THR A 429 0.89 9.46 -26.74
N ILE A 430 0.54 9.03 -25.53
CA ILE A 430 0.95 7.71 -25.04
C ILE A 430 0.03 6.62 -25.56
N VAL A 431 -1.29 6.82 -25.44
CA VAL A 431 -2.21 5.80 -25.94
C VAL A 431 -2.51 5.97 -27.41
N GLY A 432 -2.35 7.18 -27.97
CA GLY A 432 -2.53 7.33 -29.40
C GLY A 432 -1.53 6.54 -30.22
N THR A 433 -0.36 6.26 -29.64
CA THR A 433 0.68 5.57 -30.39
C THR A 433 0.58 4.05 -30.27
N LEU A 434 -0.19 3.54 -29.29
CA LEU A 434 -0.18 2.10 -29.05
C LEU A 434 -0.89 1.32 -30.15
N PRO A 435 -2.11 1.66 -30.57
CA PRO A 435 -2.70 0.93 -31.70
C PRO A 435 -1.91 1.08 -32.98
N PHE A 436 -1.36 2.26 -33.23
CA PHE A 436 -0.51 2.47 -34.40
C PHE A 436 0.66 1.49 -34.38
N THR A 437 1.39 1.46 -33.26
CA THR A 437 2.55 0.58 -33.15
C THR A 437 2.16 -0.89 -33.29
N TYR A 438 1.13 -1.31 -32.56
CA TYR A 438 0.72 -2.71 -32.59
C TYR A 438 0.26 -3.13 -33.98
N MET A 439 -0.52 -2.28 -34.65
CA MET A 439 -1.01 -2.64 -35.98
C MET A 439 0.09 -2.68 -37.02
N LEU A 440 0.99 -1.70 -36.99
CA LEU A 440 2.09 -1.71 -37.94
C LEU A 440 2.89 -2.98 -37.81
N GLU A 441 3.25 -3.36 -36.58
CA GLU A 441 4.04 -4.56 -36.42
C GLU A 441 3.22 -5.82 -36.71
N LYS A 442 1.92 -5.80 -36.40
CA LYS A 442 1.07 -6.92 -36.74
C LYS A 442 0.96 -7.11 -38.25
N TRP A 443 0.74 -6.01 -38.98
CA TRP A 443 0.68 -6.08 -40.43
C TRP A 443 2.00 -6.54 -41.02
N ARG A 444 3.11 -6.00 -40.51
CA ARG A 444 4.44 -6.34 -40.98
C ARG A 444 4.75 -7.81 -40.72
N TRP A 445 4.45 -8.28 -39.51
CA TRP A 445 4.63 -9.68 -39.15
C TRP A 445 3.87 -10.60 -40.11
N MET A 446 2.61 -10.27 -40.39
CA MET A 446 1.80 -11.10 -41.27
C MET A 446 2.35 -11.08 -42.69
N VAL A 447 2.83 -9.93 -43.14
CA VAL A 447 3.42 -9.83 -44.48
C VAL A 447 4.67 -10.70 -44.54
N PHE A 448 5.51 -10.62 -43.51
CA PHE A 448 6.69 -11.45 -43.46
C PHE A 448 6.27 -12.93 -43.44
N LYS A 449 5.17 -13.25 -42.75
CA LYS A 449 4.73 -14.64 -42.75
C LYS A 449 4.13 -15.10 -44.08
N GLY A 450 3.83 -14.18 -45.01
CA GLY A 450 3.22 -14.56 -46.27
C GLY A 450 1.74 -14.91 -46.23
N GLU A 451 0.99 -14.38 -45.26
CA GLU A 451 -0.45 -14.59 -45.07
C GLU A 451 -1.31 -13.54 -45.78
N ILE A 452 -0.72 -12.43 -46.16
CA ILE A 452 -1.43 -11.35 -46.84
C ILE A 452 -1.00 -11.45 -48.27
N PRO A 453 -1.87 -11.91 -49.18
CA PRO A 453 -1.49 -12.01 -50.57
C PRO A 453 -1.04 -10.66 -51.11
N LYS A 454 -0.25 -10.73 -52.18
CA LYS A 454 0.33 -9.54 -52.76
C LYS A 454 -0.73 -8.59 -53.27
N ASP A 455 -1.81 -9.15 -53.77
CA ASP A 455 -2.97 -8.53 -54.37
C ASP A 455 -3.94 -7.97 -53.32
N GLN A 456 -3.61 -8.07 -52.03
CA GLN A 456 -4.43 -7.46 -50.99
C GLN A 456 -3.58 -6.81 -49.91
N TRP A 457 -2.40 -6.31 -50.25
CA TRP A 457 -1.63 -5.58 -49.24
C TRP A 457 -2.44 -4.42 -48.65
N MET A 458 -2.88 -3.50 -49.52
CA MET A 458 -3.63 -2.34 -49.05
C MET A 458 -5.03 -2.69 -48.57
N LYS A 459 -5.70 -3.68 -49.18
CA LYS A 459 -6.99 -4.12 -48.68
C LYS A 459 -6.91 -4.52 -47.21
N LYS A 460 -6.01 -5.46 -46.90
CA LYS A 460 -5.85 -5.91 -45.52
C LYS A 460 -5.28 -4.81 -44.64
N TRP A 461 -4.40 -3.98 -45.18
CA TRP A 461 -3.85 -2.86 -44.40
C TRP A 461 -4.96 -1.96 -43.87
N TRP A 462 -5.88 -1.54 -44.75
CA TRP A 462 -6.92 -0.63 -44.30
C TRP A 462 -8.05 -1.34 -43.58
N GLU A 463 -8.32 -2.61 -43.90
CA GLU A 463 -9.21 -3.42 -43.07
C GLU A 463 -8.71 -3.48 -41.63
N MET A 464 -7.40 -3.73 -41.46
CA MET A 464 -6.82 -3.80 -40.13
C MET A 464 -6.79 -2.42 -39.48
N LYS A 465 -6.48 -1.39 -40.27
CA LYS A 465 -6.53 0.00 -39.84
C LYS A 465 -7.85 0.33 -39.15
N ARG A 466 -8.96 0.14 -39.86
CA ARG A 466 -10.28 0.40 -39.31
C ARG A 466 -10.48 -0.30 -37.98
N GLU A 467 -10.38 -1.63 -37.97
CA GLU A 467 -10.77 -2.43 -36.81
C GLU A 467 -10.00 -2.04 -35.55
N ILE A 468 -8.67 -1.92 -35.63
CA ILE A 468 -7.90 -1.76 -34.39
C ILE A 468 -7.81 -0.29 -33.97
N VAL A 469 -7.33 0.59 -34.86
CA VAL A 469 -7.08 1.97 -34.42
C VAL A 469 -8.34 2.82 -34.52
N GLY A 470 -9.35 2.38 -35.27
CA GLY A 470 -10.50 3.24 -35.44
C GLY A 470 -10.26 4.42 -36.37
N VAL A 471 -9.46 4.22 -37.42
CA VAL A 471 -9.07 5.28 -38.33
C VAL A 471 -9.36 4.80 -39.75
N VAL A 472 -9.91 5.70 -40.58
CA VAL A 472 -10.35 5.36 -41.93
C VAL A 472 -9.70 6.32 -42.92
N GLU A 473 -9.35 5.79 -44.10
CA GLU A 473 -8.68 6.59 -45.11
C GLU A 473 -9.64 7.60 -45.73
N PRO A 474 -9.17 8.82 -46.02
CA PRO A 474 -10.03 9.83 -46.65
C PRO A 474 -10.27 9.58 -48.15
N VAL A 475 -9.35 8.92 -48.83
CA VAL A 475 -9.55 8.55 -50.23
C VAL A 475 -9.15 7.10 -50.48
N PRO A 476 -9.80 6.41 -51.42
CA PRO A 476 -9.49 4.99 -51.63
C PRO A 476 -8.15 4.78 -52.30
N HIS A 477 -7.49 3.68 -51.93
CA HIS A 477 -6.16 3.38 -52.44
C HIS A 477 -6.21 1.95 -52.97
N ASP A 478 -5.82 1.76 -54.23
CA ASP A 478 -5.73 0.41 -54.78
C ASP A 478 -4.32 -0.13 -54.53
N GLU A 479 -3.97 -1.25 -55.17
CA GLU A 479 -2.65 -1.81 -54.90
C GLU A 479 -1.56 -1.08 -55.65
N THR A 480 -1.91 -0.03 -56.41
CA THR A 480 -0.87 0.81 -56.98
C THR A 480 -0.21 1.61 -55.87
N TYR A 481 -0.99 2.03 -54.88
CA TYR A 481 -0.49 2.81 -53.75
C TYR A 481 0.30 1.89 -52.80
N CYS A 482 1.06 2.49 -51.86
CA CYS A 482 1.76 1.71 -50.80
C CYS A 482 1.92 2.43 -49.45
N ASP A 483 0.80 2.75 -48.79
CA ASP A 483 0.85 3.57 -47.58
C ASP A 483 1.69 3.04 -46.41
N PRO A 484 1.80 1.74 -46.12
CA PRO A 484 2.72 1.32 -45.04
C PRO A 484 4.16 1.78 -45.19
N ALA A 485 4.69 1.78 -46.41
CA ALA A 485 6.07 2.23 -46.64
C ALA A 485 6.22 3.73 -46.50
N SER A 486 5.13 4.48 -46.34
CA SER A 486 5.21 5.92 -46.09
C SER A 486 5.65 6.28 -44.68
N LEU A 487 6.03 5.34 -43.81
CA LEU A 487 6.57 5.69 -42.51
C LEU A 487 8.08 5.46 -42.49
N PHE A 488 8.78 6.31 -41.73
CA PHE A 488 10.23 6.29 -41.73
C PHE A 488 10.77 4.94 -41.30
N HIS A 489 10.27 4.43 -40.16
CA HIS A 489 10.78 3.19 -39.59
C HIS A 489 10.56 2.02 -40.54
N VAL A 490 9.47 2.02 -41.29
CA VAL A 490 9.18 0.92 -42.20
C VAL A 490 10.08 0.97 -43.42
N SER A 491 10.26 2.17 -44.00
CA SER A 491 11.08 2.31 -45.20
C SER A 491 12.56 2.35 -44.89
N ASN A 492 12.95 2.34 -43.60
CA ASN A 492 14.35 2.38 -43.20
C ASN A 492 14.73 1.15 -42.39
N ASP A 493 13.94 0.09 -42.46
CA ASP A 493 14.30 -1.23 -41.93
C ASP A 493 14.52 -1.19 -40.42
N TYR A 494 13.62 -0.51 -39.70
CA TYR A 494 13.64 -0.49 -38.25
C TYR A 494 12.40 -1.20 -37.72
N SER A 495 12.60 -2.10 -36.76
CA SER A 495 11.46 -2.70 -36.07
C SER A 495 10.71 -1.61 -35.31
N PHE A 496 9.45 -1.90 -35.01
CA PHE A 496 8.57 -0.88 -34.44
C PHE A 496 7.99 -1.27 -33.10
N ILE A 497 7.90 -2.56 -32.77
CA ILE A 497 7.34 -2.99 -31.51
C ILE A 497 8.13 -2.52 -30.31
N ARG A 498 9.38 -2.05 -30.49
CA ARG A 498 10.07 -1.50 -29.33
C ARG A 498 9.23 -0.42 -28.65
N TYR A 499 8.47 0.35 -29.43
CA TYR A 499 7.74 1.49 -28.86
C TYR A 499 6.56 1.03 -28.02
N TYR A 500 5.85 0.00 -28.45
CA TYR A 500 4.82 -0.58 -27.59
C TYR A 500 5.43 -1.08 -26.28
N THR A 501 6.47 -1.91 -26.39
CA THR A 501 7.08 -2.51 -25.20
C THR A 501 7.70 -1.46 -24.27
N ARG A 502 8.33 -0.43 -24.84
CA ARG A 502 8.93 0.63 -24.03
C ARG A 502 7.90 1.47 -23.30
N THR A 503 6.74 1.69 -23.90
CA THR A 503 5.71 2.46 -23.23
C THR A 503 5.21 1.75 -21.98
N LEU A 504 5.04 0.42 -22.06
CA LEU A 504 4.64 -0.33 -20.87
C LEU A 504 5.78 -0.42 -19.85
N TYR A 505 7.01 -0.68 -20.30
CA TYR A 505 8.15 -0.77 -19.40
C TYR A 505 8.32 0.52 -18.58
N GLN A 506 8.13 1.67 -19.22
CA GLN A 506 8.43 2.94 -18.57
C GLN A 506 7.49 3.21 -17.39
N PHE A 507 6.23 2.81 -17.50
CA PHE A 507 5.31 3.02 -16.39
C PHE A 507 5.49 1.98 -15.29
N GLN A 508 5.87 0.76 -15.66
CA GLN A 508 6.31 -0.20 -14.64
C GLN A 508 7.46 0.39 -13.83
N PHE A 509 8.47 0.92 -14.51
CA PHE A 509 9.60 1.51 -13.82
C PHE A 509 9.18 2.71 -12.98
N GLN A 510 8.31 3.57 -13.54
CA GLN A 510 7.86 4.76 -12.82
C GLN A 510 7.11 4.39 -11.55
N GLU A 511 6.19 3.44 -11.62
CA GLU A 511 5.48 2.97 -10.43
C GLU A 511 6.45 2.43 -9.40
N ALA A 512 7.39 1.58 -9.84
CA ALA A 512 8.34 0.95 -8.93
C ALA A 512 9.21 2.00 -8.24
N LEU A 513 9.76 2.94 -9.00
CA LEU A 513 10.68 3.90 -8.42
C LEU A 513 9.95 4.92 -7.54
N CYS A 514 8.68 5.20 -7.83
CA CYS A 514 7.90 6.08 -6.97
C CYS A 514 7.43 5.37 -5.72
N GLN A 515 7.13 4.07 -5.81
CA GLN A 515 6.92 3.27 -4.61
C GLN A 515 8.18 3.23 -3.78
N ALA A 516 9.34 3.13 -4.42
CA ALA A 516 10.60 3.18 -3.67
C ALA A 516 10.76 4.54 -3.00
N ALA A 517 10.35 5.61 -3.66
CA ALA A 517 10.42 6.94 -3.08
C ALA A 517 9.28 7.23 -2.14
N LYS A 518 8.48 6.20 -1.80
CA LYS A 518 7.39 6.30 -0.83
C LYS A 518 6.33 7.34 -1.24
N HIS A 519 6.19 7.58 -2.54
CA HIS A 519 5.20 8.53 -3.01
C HIS A 519 3.80 8.03 -2.70
N GLU A 520 2.89 8.96 -2.45
CA GLU A 520 1.56 8.65 -1.94
C GLU A 520 0.43 9.13 -2.83
N GLY A 521 0.58 10.28 -3.48
CA GLY A 521 -0.50 10.84 -4.26
C GLY A 521 -0.70 10.07 -5.56
N PRO A 522 -1.40 10.67 -6.53
CA PRO A 522 -1.52 10.04 -7.84
C PRO A 522 -0.17 9.89 -8.52
N LEU A 523 -0.01 8.78 -9.24
CA LEU A 523 1.30 8.42 -9.79
C LEU A 523 1.84 9.50 -10.71
N HIS A 524 0.97 10.11 -11.53
CA HIS A 524 1.40 11.11 -12.48
C HIS A 524 1.94 12.39 -11.82
N LYS A 525 1.73 12.56 -10.52
CA LYS A 525 2.28 13.70 -9.79
C LYS A 525 3.61 13.37 -9.10
N CYS A 526 4.22 12.24 -9.45
CA CYS A 526 5.40 11.75 -8.76
C CYS A 526 6.67 12.33 -9.39
N ASP A 527 7.55 12.85 -8.54
CA ASP A 527 8.87 13.32 -8.95
C ASP A 527 9.91 12.58 -8.11
N ILE A 528 10.69 11.73 -8.76
CA ILE A 528 11.63 10.84 -8.09
C ILE A 528 12.91 11.58 -7.73
N SER A 529 12.92 12.89 -7.95
CA SER A 529 14.08 13.71 -7.58
C SER A 529 14.41 13.54 -6.10
N ASN A 530 15.71 13.63 -5.80
CA ASN A 530 16.25 13.56 -4.44
C ASN A 530 16.02 12.20 -3.78
N SER A 531 15.85 11.15 -4.57
CA SER A 531 15.58 9.80 -4.05
C SER A 531 16.75 8.89 -4.43
N THR A 532 17.73 8.79 -3.52
CA THR A 532 18.86 7.89 -3.74
C THR A 532 18.43 6.42 -3.75
N GLU A 533 17.34 6.08 -3.07
CA GLU A 533 16.84 4.71 -3.11
C GLU A 533 16.36 4.32 -4.50
N ALA A 534 15.55 5.18 -5.13
CA ALA A 534 15.11 4.92 -6.50
C ALA A 534 16.29 4.91 -7.45
N GLY A 535 17.24 5.84 -7.26
CA GLY A 535 18.44 5.86 -8.08
C GLY A 535 19.20 4.55 -8.01
N GLN A 536 19.39 4.02 -6.80
CA GLN A 536 20.11 2.76 -6.67
C GLN A 536 19.35 1.61 -7.34
N LYS A 537 18.04 1.56 -7.17
CA LYS A 537 17.26 0.49 -7.78
C LYS A 537 17.35 0.54 -9.30
N LEU A 538 17.41 1.74 -9.87
CA LEU A 538 17.55 1.81 -11.31
C LEU A 538 18.98 1.48 -11.73
N PHE A 539 19.97 1.92 -10.95
CA PHE A 539 21.35 1.60 -11.32
C PHE A 539 21.60 0.10 -11.20
N ASN A 540 20.96 -0.53 -10.21
CA ASN A 540 21.05 -1.97 -10.04
C ASN A 540 20.58 -2.73 -11.27
N MET A 541 19.66 -2.16 -12.03
CA MET A 541 19.20 -2.71 -13.30
C MET A 541 20.04 -2.26 -14.47
N LEU A 542 20.49 -1.00 -14.44
CA LEU A 542 21.26 -0.46 -15.55
C LEU A 542 22.56 -1.24 -15.75
N ARG A 543 23.20 -1.64 -14.65
CA ARG A 543 24.50 -2.29 -14.68
C ARG A 543 24.50 -3.65 -15.38
N LEU A 544 23.35 -4.30 -15.57
CA LEU A 544 23.41 -5.64 -16.15
C LEU A 544 23.76 -5.61 -17.63
N GLY A 545 23.37 -4.56 -18.35
CA GLY A 545 23.50 -4.60 -19.78
C GLY A 545 22.71 -5.77 -20.34
N LYS A 546 23.34 -6.51 -21.26
CA LYS A 546 22.73 -7.70 -21.82
C LYS A 546 23.32 -8.98 -21.23
N SER A 547 23.85 -8.90 -20.01
CA SER A 547 24.43 -10.10 -19.39
C SER A 547 23.34 -11.03 -18.88
N GLU A 548 22.32 -10.50 -18.23
CA GLU A 548 21.21 -11.29 -17.73
C GLU A 548 20.01 -11.15 -18.66
N PRO A 549 19.11 -12.13 -18.67
CA PRO A 549 17.90 -12.00 -19.48
C PRO A 549 17.10 -10.78 -19.05
N TRP A 550 16.39 -10.18 -20.01
CA TRP A 550 15.63 -8.97 -19.68
C TRP A 550 14.52 -9.29 -18.68
N THR A 551 13.99 -10.51 -18.71
CA THR A 551 12.99 -10.92 -17.73
C THR A 551 13.57 -10.94 -16.32
N LEU A 552 14.77 -11.51 -16.16
CA LEU A 552 15.42 -11.51 -14.86
C LEU A 552 15.74 -10.09 -14.42
N ALA A 553 16.21 -9.26 -15.35
CA ALA A 553 16.52 -7.87 -15.03
C ALA A 553 15.27 -7.10 -14.63
N LEU A 554 14.15 -7.35 -15.32
CA LEU A 554 12.89 -6.71 -14.97
C LEU A 554 12.38 -7.18 -13.61
N GLU A 555 12.55 -8.47 -13.31
CA GLU A 555 12.10 -8.96 -12.00
C GLU A 555 12.91 -8.33 -10.86
N ASN A 556 14.20 -8.13 -11.10
CA ASN A 556 15.08 -7.55 -10.07
C ASN A 556 14.59 -6.20 -9.57
N VAL A 557 13.90 -5.43 -10.42
CA VAL A 557 13.47 -4.09 -10.05
C VAL A 557 11.98 -4.01 -9.74
N VAL A 558 11.13 -4.67 -10.53
CA VAL A 558 9.68 -4.52 -10.38
C VAL A 558 9.02 -5.75 -9.76
N GLY A 559 9.72 -6.88 -9.67
CA GLY A 559 9.13 -8.06 -9.08
C GLY A 559 8.30 -8.91 -10.01
N ALA A 560 8.37 -8.69 -11.32
CA ALA A 560 7.56 -9.44 -12.26
C ALA A 560 8.41 -9.86 -13.45
N LYS A 561 8.18 -11.09 -13.93
CA LYS A 561 8.92 -11.66 -15.04
C LYS A 561 8.41 -11.22 -16.41
N ASN A 562 7.38 -10.36 -16.47
CA ASN A 562 6.76 -10.02 -17.73
C ASN A 562 6.23 -8.60 -17.68
N MET A 563 5.88 -8.09 -18.86
CA MET A 563 5.35 -6.75 -19.00
C MET A 563 3.95 -6.66 -18.40
N ASN A 564 3.63 -5.49 -17.85
CA ASN A 564 2.39 -5.27 -17.11
C ASN A 564 1.74 -3.96 -17.52
N VAL A 565 0.41 -3.97 -17.56
CA VAL A 565 -0.38 -2.83 -18.01
C VAL A 565 -0.94 -2.02 -16.85
N ARG A 566 -0.99 -2.58 -15.63
CA ARG A 566 -1.53 -1.83 -14.51
C ARG A 566 -0.81 -0.52 -14.21
N PRO A 567 0.50 -0.38 -14.40
CA PRO A 567 1.10 0.96 -14.26
C PRO A 567 0.47 2.01 -15.17
N LEU A 568 0.31 1.69 -16.46
CA LEU A 568 -0.32 2.64 -17.37
C LEU A 568 -1.76 2.93 -16.98
N LEU A 569 -2.53 1.88 -16.68
CA LEU A 569 -3.95 2.08 -16.35
C LEU A 569 -4.10 2.85 -15.04
N ASN A 570 -3.23 2.60 -14.06
CA ASN A 570 -3.30 3.37 -12.82
C ASN A 570 -2.83 4.79 -13.03
N TYR A 571 -1.84 5.00 -13.90
CA TYR A 571 -1.42 6.34 -14.25
C TYR A 571 -2.57 7.13 -14.87
N PHE A 572 -3.38 6.48 -15.71
CA PHE A 572 -4.44 7.15 -16.45
C PHE A 572 -5.83 6.93 -15.85
N GLU A 573 -5.93 6.26 -14.71
CA GLU A 573 -7.23 6.00 -14.10
C GLU A 573 -8.09 7.25 -13.94
N PRO A 574 -7.58 8.38 -13.41
CA PRO A 574 -8.45 9.56 -13.28
C PRO A 574 -9.01 10.05 -14.60
N LEU A 575 -8.15 10.17 -15.62
CA LEU A 575 -8.63 10.52 -16.95
C LEU A 575 -9.61 9.50 -17.50
N PHE A 576 -9.44 8.22 -17.15
CA PHE A 576 -10.35 7.19 -17.62
C PHE A 576 -11.76 7.42 -17.10
N THR A 577 -11.90 7.67 -15.79
CA THR A 577 -13.22 7.94 -15.24
C THR A 577 -13.80 9.24 -15.79
N TRP A 578 -12.96 10.26 -15.96
CA TRP A 578 -13.44 11.52 -16.53
C TRP A 578 -13.95 11.33 -17.94
N LEU A 579 -13.22 10.54 -18.74
CA LEU A 579 -13.68 10.23 -20.10
C LEU A 579 -14.97 9.42 -20.06
N LYS A 580 -15.05 8.42 -19.18
CA LYS A 580 -16.28 7.63 -19.07
C LYS A 580 -17.47 8.51 -18.74
N ASP A 581 -17.27 9.53 -17.90
CA ASP A 581 -18.35 10.48 -17.61
C ASP A 581 -18.62 11.38 -18.81
N GLN A 582 -17.57 11.87 -19.47
CA GLN A 582 -17.75 12.81 -20.57
C GLN A 582 -18.42 12.17 -21.78
N ASN A 583 -18.33 10.86 -21.96
CA ASN A 583 -18.90 10.20 -23.13
C ASN A 583 -20.24 9.51 -22.85
N LYS A 584 -20.93 9.86 -21.76
CA LYS A 584 -22.18 9.19 -21.43
C LYS A 584 -23.21 9.34 -22.54
N ASN A 585 -23.27 10.53 -23.15
CA ASN A 585 -24.18 10.81 -24.25
C ASN A 585 -23.44 10.85 -25.58
N SER A 586 -22.33 10.14 -25.66
CA SER A 586 -21.48 10.00 -26.84
C SER A 586 -21.39 8.54 -27.23
N PHE A 587 -21.10 8.29 -28.51
CA PHE A 587 -20.94 6.92 -28.99
C PHE A 587 -19.56 6.39 -28.61
N VAL A 588 -19.55 5.18 -28.05
CA VAL A 588 -18.38 4.44 -27.59
C VAL A 588 -18.22 3.19 -28.47
N GLY A 589 -17.02 3.03 -29.04
CA GLY A 589 -16.80 1.93 -30.01
C GLY A 589 -16.60 2.53 -31.38
N TRP A 590 -16.48 1.69 -32.42
CA TRP A 590 -16.20 2.20 -33.79
C TRP A 590 -17.09 1.45 -34.78
N SER A 591 -17.38 2.06 -35.93
CA SER A 591 -18.16 1.33 -36.96
C SER A 591 -17.18 0.83 -38.03
N THR A 592 -17.11 -0.48 -38.22
CA THR A 592 -16.18 -1.07 -39.21
C THR A 592 -16.70 -0.73 -40.60
N ASP A 593 -17.82 0.00 -40.68
CA ASP A 593 -18.41 0.25 -41.99
C ASP A 593 -18.52 1.69 -42.45
N TRP A 594 -18.55 2.68 -41.55
CA TRP A 594 -18.68 4.04 -42.04
C TRP A 594 -17.41 4.50 -42.71
N SER A 595 -17.56 5.23 -43.81
CA SER A 595 -16.48 5.77 -44.61
C SER A 595 -16.82 7.21 -44.96
N PRO A 596 -15.83 8.08 -45.13
CA PRO A 596 -16.14 9.45 -45.57
C PRO A 596 -16.62 9.46 -47.01
N TYR A 597 -15.87 8.85 -47.91
CA TYR A 597 -16.25 8.76 -49.30
C TYR A 597 -17.40 7.77 -49.48
N ALA A 598 -18.09 7.87 -50.62
CA ALA A 598 -19.21 7.00 -50.92
C ALA A 598 -19.20 6.64 -52.40
N ASP A 599 -19.32 5.34 -52.69
CA ASP A 599 -19.21 4.81 -54.04
C ASP A 599 -17.89 5.24 -54.68
N ASN B 18 74.67 14.27 -4.17
CA ASN B 18 74.96 15.55 -4.80
C ASN B 18 75.27 15.37 -6.29
N LEU B 19 75.22 14.11 -6.71
CA LEU B 19 75.44 13.72 -8.09
C LEU B 19 74.16 13.29 -8.80
N CYS B 20 73.14 12.94 -8.02
CA CYS B 20 71.93 12.36 -8.64
C CYS B 20 70.66 13.14 -8.30
N PRO B 21 70.00 13.80 -9.27
CA PRO B 21 68.70 14.40 -9.02
C PRO B 21 67.89 13.13 -8.74
N PHE B 22 68.20 12.02 -9.45
CA PHE B 22 67.55 10.69 -9.25
C PHE B 22 66.17 10.69 -9.91
N GLY B 23 65.83 11.81 -10.54
CA GLY B 23 64.54 11.90 -11.24
C GLY B 23 64.72 11.93 -12.75
N GLU B 24 65.94 11.72 -13.25
CA GLU B 24 66.08 11.58 -14.72
C GLU B 24 65.01 10.55 -15.04
N VAL B 25 64.66 9.74 -14.04
CA VAL B 25 63.59 8.77 -14.16
C VAL B 25 62.24 9.49 -14.12
N PHE B 26 61.97 10.21 -13.03
CA PHE B 26 60.63 10.73 -12.76
C PHE B 26 60.10 11.56 -13.93
N ASN B 27 60.80 12.61 -14.35
CA ASN B 27 60.31 13.42 -15.46
C ASN B 27 61.37 13.29 -16.55
N ALA B 28 60.96 12.89 -17.75
CA ALA B 28 61.88 12.70 -18.86
C ALA B 28 61.10 12.70 -20.17
N THR B 29 61.72 12.22 -21.24
CA THR B 29 61.06 12.22 -22.54
C THR B 29 60.07 11.06 -22.68
N THR B 30 60.50 9.83 -22.39
CA THR B 30 59.70 8.64 -22.62
C THR B 30 60.07 7.56 -21.62
N PHE B 31 59.13 6.63 -21.41
CA PHE B 31 59.33 5.47 -20.54
C PHE B 31 59.24 4.18 -21.35
N ALA B 32 59.21 3.06 -20.62
CA ALA B 32 59.23 1.71 -21.16
C ALA B 32 57.87 1.04 -20.97
N SER B 33 57.66 -0.04 -21.72
CA SER B 33 56.42 -0.80 -21.65
C SER B 33 56.33 -1.54 -20.32
N VAL B 34 55.12 -2.01 -20.02
CA VAL B 34 54.87 -2.66 -18.73
C VAL B 34 55.53 -4.03 -18.69
N TYR B 35 55.49 -4.79 -19.79
CA TYR B 35 56.07 -6.12 -19.79
C TYR B 35 57.59 -6.07 -19.81
N ALA B 36 58.16 -4.92 -20.17
CA ALA B 36 59.61 -4.74 -20.18
C ALA B 36 59.98 -3.57 -19.29
N TRP B 37 59.43 -3.54 -18.07
CA TRP B 37 59.67 -2.47 -17.13
C TRP B 37 61.16 -2.35 -16.80
N ASN B 38 61.56 -1.16 -16.36
CA ASN B 38 62.95 -0.77 -16.23
C ASN B 38 63.33 -0.63 -14.76
N ARG B 39 64.58 -0.97 -14.45
CA ARG B 39 65.14 -0.80 -13.11
C ARG B 39 66.31 0.16 -13.16
N LYS B 40 66.51 0.89 -12.06
CA LYS B 40 67.63 1.81 -11.98
C LYS B 40 68.13 1.88 -10.54
N ARG B 41 69.44 1.95 -10.37
CA ARG B 41 70.05 2.15 -9.07
C ARG B 41 70.20 3.63 -8.77
N ILE B 42 69.99 3.98 -7.51
CA ILE B 42 70.08 5.35 -7.02
C ILE B 42 71.06 5.35 -5.84
N SER B 43 72.01 6.29 -5.85
CA SER B 43 73.04 6.33 -4.83
C SER B 43 73.67 7.71 -4.76
N ASN B 44 74.14 8.09 -3.57
CA ASN B 44 74.84 9.35 -3.32
C ASN B 44 73.91 10.56 -3.49
N CYS B 45 72.72 10.47 -2.89
CA CYS B 45 71.63 11.38 -3.20
C CYS B 45 71.15 12.14 -1.98
N VAL B 46 70.61 13.33 -2.22
CA VAL B 46 69.88 14.10 -1.22
C VAL B 46 68.38 14.05 -1.56
N ALA B 47 67.69 13.10 -0.95
CA ALA B 47 66.27 12.86 -1.28
C ALA B 47 65.41 13.85 -0.51
N ASP B 48 65.00 14.92 -1.17
CA ASP B 48 64.04 15.88 -0.63
C ASP B 48 62.72 15.65 -1.35
N TYR B 49 61.66 15.37 -0.59
CA TYR B 49 60.39 15.02 -1.23
C TYR B 49 59.26 15.93 -0.76
N SER B 50 59.60 17.09 -0.19
CA SER B 50 58.61 18.09 0.18
C SER B 50 58.22 18.94 -1.01
N VAL B 51 59.18 19.28 -1.89
CA VAL B 51 58.86 19.95 -3.14
C VAL B 51 58.05 19.03 -4.06
N LEU B 52 58.32 17.72 -4.02
CA LEU B 52 57.50 16.82 -4.82
C LEU B 52 56.12 16.63 -4.23
N TYR B 53 55.92 17.08 -2.98
CA TYR B 53 54.55 17.05 -2.39
C TYR B 53 53.75 18.18 -3.03
N ASN B 54 54.43 19.24 -3.45
CA ASN B 54 53.75 20.36 -4.15
C ASN B 54 54.00 20.23 -5.65
N SER B 55 54.31 19.01 -6.11
CA SER B 55 54.53 18.75 -7.56
C SER B 55 53.17 18.52 -8.22
N THR B 56 53.17 18.11 -9.49
CA THR B 56 51.86 17.76 -10.11
C THR B 56 51.25 16.73 -9.16
N SER B 57 49.98 16.88 -8.81
CA SER B 57 49.40 15.97 -7.79
C SER B 57 49.60 14.53 -8.25
N PHE B 58 50.10 13.68 -7.36
CA PHE B 58 50.26 12.26 -7.72
C PHE B 58 48.90 11.59 -7.59
N SER B 59 48.46 10.90 -8.65
CA SER B 59 47.17 10.17 -8.59
C SER B 59 47.14 9.36 -7.29
N THR B 60 48.27 8.76 -6.91
CA THR B 60 48.34 7.94 -5.72
C THR B 60 49.78 7.89 -5.23
N PHE B 61 49.97 8.13 -3.93
CA PHE B 61 51.30 8.06 -3.32
C PHE B 61 51.13 7.52 -1.90
N LYS B 62 51.36 6.22 -1.73
CA LYS B 62 51.22 5.56 -0.45
C LYS B 62 52.42 4.67 -0.20
N CYS B 63 52.93 4.70 1.03
CA CYS B 63 54.09 3.92 1.43
C CYS B 63 53.66 2.77 2.33
N TYR B 64 54.46 1.70 2.32
CA TYR B 64 54.10 0.46 3.01
C TYR B 64 55.02 0.13 4.18
N GLY B 65 56.33 0.34 4.05
CA GLY B 65 57.26 -0.07 5.08
C GLY B 65 57.71 1.03 6.00
N VAL B 66 57.61 2.28 5.55
CA VAL B 66 58.11 3.43 6.27
C VAL B 66 57.07 4.55 6.23
N SER B 67 57.40 5.66 6.89
CA SER B 67 56.53 6.80 7.12
C SER B 67 56.79 7.88 6.08
N PRO B 68 55.76 8.38 5.40
CA PRO B 68 55.96 9.56 4.52
C PRO B 68 56.32 10.82 5.30
N THR B 69 56.04 10.88 6.59
CA THR B 69 56.43 12.00 7.44
C THR B 69 57.81 11.82 8.07
N LYS B 70 58.51 10.74 7.73
CA LYS B 70 59.86 10.50 8.22
C LYS B 70 60.84 10.21 7.10
N LEU B 71 60.42 10.36 5.83
CA LEU B 71 61.20 9.86 4.69
C LEU B 71 62.65 10.35 4.72
N ASN B 72 62.84 11.67 4.83
CA ASN B 72 64.20 12.20 4.67
C ASN B 72 65.08 11.86 5.86
N ASP B 73 64.51 11.79 7.06
CA ASP B 73 65.30 11.43 8.24
C ASP B 73 65.96 10.07 8.06
N LEU B 74 65.25 9.13 7.47
CA LEU B 74 65.76 7.78 7.27
C LEU B 74 66.93 7.79 6.29
N CYS B 75 67.99 7.04 6.61
CA CYS B 75 69.15 6.90 5.74
C CYS B 75 69.25 5.44 5.34
N PHE B 76 68.55 5.05 4.27
CA PHE B 76 68.63 3.66 3.86
C PHE B 76 69.88 3.43 3.00
N THR B 77 70.15 2.16 2.75
CA THR B 77 71.37 1.77 2.05
C THR B 77 71.15 1.69 0.54
N ASN B 78 70.26 0.80 0.12
CA ASN B 78 70.03 0.49 -1.29
C ASN B 78 68.64 0.96 -1.71
N VAL B 79 68.55 1.58 -2.89
CA VAL B 79 67.29 2.05 -3.45
C VAL B 79 67.23 1.69 -4.92
N TYR B 80 66.05 1.26 -5.37
CA TYR B 80 65.83 0.88 -6.75
C TYR B 80 64.53 1.51 -7.23
N ALA B 81 64.44 1.77 -8.53
CA ALA B 81 63.31 2.48 -9.12
C ALA B 81 62.78 1.72 -10.32
N ASP B 82 61.48 1.42 -10.31
CA ASP B 82 60.81 0.73 -11.40
C ASP B 82 59.83 1.70 -12.06
N SER B 83 60.02 1.94 -13.36
CA SER B 83 59.21 2.90 -14.10
C SER B 83 58.61 2.22 -15.32
N PHE B 84 57.32 2.45 -15.55
CA PHE B 84 56.58 1.84 -16.64
C PHE B 84 55.22 2.52 -16.74
N VAL B 85 54.48 2.19 -17.81
CA VAL B 85 53.24 2.87 -18.15
C VAL B 85 52.13 1.84 -18.32
N ILE B 86 50.95 2.13 -17.77
CA ILE B 86 49.79 1.24 -17.79
C ILE B 86 48.51 2.07 -17.92
N THR B 87 47.38 1.38 -18.03
CA THR B 87 46.09 2.04 -18.21
C THR B 87 45.53 2.53 -16.88
N GLY B 88 44.44 3.32 -16.97
CA GLY B 88 43.92 3.98 -15.80
C GLY B 88 43.18 3.05 -14.86
N ASP B 89 42.32 2.18 -15.40
CA ASP B 89 41.60 1.25 -14.54
C ASP B 89 42.54 0.18 -13.97
N GLU B 90 43.55 -0.23 -14.74
CA GLU B 90 44.50 -1.24 -14.28
C GLU B 90 45.53 -0.69 -13.28
N VAL B 91 45.54 0.62 -13.01
CA VAL B 91 46.61 1.19 -12.20
C VAL B 91 46.51 0.71 -10.75
N ARG B 92 45.29 0.59 -10.23
CA ARG B 92 45.03 0.18 -8.85
C ARG B 92 45.40 -1.29 -8.58
N GLN B 93 45.92 -2.01 -9.59
CA GLN B 93 46.46 -3.35 -9.39
C GLN B 93 47.92 -3.36 -8.92
N ILE B 94 48.58 -2.21 -8.85
CA ILE B 94 50.00 -2.15 -8.46
C ILE B 94 50.00 -2.08 -6.94
N ALA B 95 49.91 -3.25 -6.32
CA ALA B 95 49.78 -3.39 -4.87
C ALA B 95 49.90 -4.87 -4.53
N PRO B 96 50.30 -5.21 -3.30
CA PRO B 96 50.33 -6.61 -2.89
C PRO B 96 48.92 -7.20 -2.90
N GLY B 97 48.81 -8.42 -3.41
CA GLY B 97 47.49 -9.01 -3.56
C GLY B 97 46.75 -8.42 -4.75
N GLN B 98 45.42 -8.53 -4.71
CA GLN B 98 44.55 -8.08 -5.81
C GLN B 98 45.13 -8.44 -7.18
N THR B 99 45.51 -9.72 -7.30
CA THR B 99 46.12 -10.19 -8.55
C THR B 99 45.15 -10.02 -9.71
N GLY B 100 45.67 -9.54 -10.83
CA GLY B 100 44.86 -9.28 -12.02
C GLY B 100 45.71 -9.41 -13.27
N LYS B 101 45.34 -8.67 -14.31
CA LYS B 101 46.07 -8.74 -15.57
C LYS B 101 47.50 -8.23 -15.41
N ILE B 102 47.65 -7.00 -14.92
CA ILE B 102 48.98 -6.46 -14.69
C ILE B 102 49.66 -7.17 -13.54
N ALA B 103 48.91 -7.48 -12.47
CA ALA B 103 49.49 -8.01 -11.25
C ALA B 103 50.00 -9.44 -11.38
N ASP B 104 49.67 -10.13 -12.47
CA ASP B 104 50.21 -11.46 -12.74
C ASP B 104 51.11 -11.49 -13.97
N TYR B 105 50.56 -11.15 -15.14
CA TYR B 105 51.26 -11.41 -16.39
C TYR B 105 52.34 -10.37 -16.67
N ASN B 106 52.30 -9.22 -16.00
CA ASN B 106 53.20 -8.13 -16.31
C ASN B 106 54.11 -7.75 -15.14
N TYR B 107 53.55 -7.45 -13.96
CA TYR B 107 54.37 -6.88 -12.89
C TYR B 107 53.68 -7.15 -11.55
N LYS B 108 54.19 -8.14 -10.81
CA LYS B 108 53.71 -8.46 -9.48
C LYS B 108 54.65 -7.88 -8.43
N LEU B 109 54.09 -7.60 -7.26
CA LEU B 109 54.84 -7.11 -6.12
C LEU B 109 54.89 -8.17 -5.02
N PRO B 110 55.99 -8.25 -4.26
CA PRO B 110 56.04 -9.21 -3.16
C PRO B 110 55.02 -8.87 -2.07
N ASP B 111 54.51 -9.91 -1.42
CA ASP B 111 53.50 -9.69 -0.39
C ASP B 111 54.07 -8.89 0.78
N ASP B 112 55.29 -9.21 1.19
CA ASP B 112 56.05 -8.36 2.10
C ASP B 112 56.75 -7.29 1.27
N PHE B 113 56.31 -6.04 1.40
CA PHE B 113 56.85 -4.96 0.60
C PHE B 113 57.28 -3.82 1.49
N THR B 114 58.49 -3.30 1.27
CA THR B 114 59.03 -2.18 2.02
C THR B 114 59.41 -1.10 0.99
N GLY B 115 58.48 -0.20 0.72
CA GLY B 115 58.73 0.84 -0.27
C GLY B 115 57.49 1.70 -0.48
N CYS B 116 57.54 2.46 -1.56
CA CYS B 116 56.49 3.42 -1.88
C CYS B 116 56.17 3.30 -3.37
N VAL B 117 54.92 3.62 -3.72
CA VAL B 117 54.45 3.57 -5.09
C VAL B 117 53.95 4.96 -5.49
N ILE B 118 54.27 5.38 -6.71
CA ILE B 118 53.98 6.72 -7.21
C ILE B 118 53.36 6.61 -8.58
N ALA B 119 52.33 7.43 -8.83
CA ALA B 119 51.70 7.49 -10.14
C ALA B 119 51.14 8.88 -10.36
N TRP B 120 51.19 9.35 -11.62
CA TRP B 120 50.56 10.60 -11.99
C TRP B 120 49.99 10.47 -13.40
N ASN B 121 49.20 11.46 -13.78
CA ASN B 121 48.47 11.47 -15.06
C ASN B 121 49.13 12.43 -16.02
N SER B 122 49.35 11.98 -17.25
CA SER B 122 49.89 12.79 -18.33
C SER B 122 48.77 13.04 -19.35
N LYS B 123 48.28 14.28 -19.39
CA LYS B 123 47.09 14.61 -20.18
C LYS B 123 47.32 14.36 -21.67
N HIS B 124 48.34 15.01 -22.24
CA HIS B 124 48.58 14.89 -23.67
C HIS B 124 50.05 14.61 -23.97
N ILE B 125 50.84 14.31 -22.95
CA ILE B 125 52.25 13.97 -23.16
C ILE B 125 52.37 12.64 -23.89
N ASP B 126 51.76 11.59 -23.34
CA ASP B 126 51.78 10.26 -23.94
C ASP B 126 50.64 10.04 -24.93
N ALA B 127 49.75 11.01 -25.10
CA ALA B 127 48.59 10.87 -25.98
C ALA B 127 48.66 11.93 -27.08
N LYS B 128 48.42 11.50 -28.32
CA LYS B 128 48.46 12.40 -29.46
C LYS B 128 47.17 12.23 -30.25
N GLU B 129 46.84 13.26 -31.06
CA GLU B 129 45.58 13.25 -31.80
C GLU B 129 45.49 12.05 -32.73
N GLY B 130 46.59 11.71 -33.40
CA GLY B 130 46.60 10.51 -34.22
C GLY B 130 46.46 9.24 -33.41
N GLY B 131 46.91 9.25 -32.17
CA GLY B 131 46.90 8.09 -31.30
C GLY B 131 48.30 7.56 -31.08
N ASN B 132 48.53 6.98 -29.90
CA ASN B 132 49.83 6.47 -29.52
C ASN B 132 49.76 4.96 -29.44
N PHE B 133 50.59 4.29 -30.25
CA PHE B 133 50.63 2.84 -30.27
C PHE B 133 52.05 2.34 -30.02
N ASN B 134 52.70 2.89 -29.00
CA ASN B 134 54.09 2.57 -28.69
C ASN B 134 54.25 1.80 -27.39
N TYR B 135 53.18 1.59 -26.63
CA TYR B 135 53.25 0.88 -25.36
C TYR B 135 52.55 -0.47 -25.50
N LEU B 136 53.20 -1.52 -25.02
CA LEU B 136 52.70 -2.88 -25.15
C LEU B 136 52.38 -3.46 -23.78
N TYR B 137 51.70 -4.59 -23.79
CA TYR B 137 51.29 -5.28 -22.57
C TYR B 137 50.91 -6.71 -22.91
N ARG B 138 51.17 -7.61 -21.97
CA ARG B 138 50.94 -9.03 -22.17
C ARG B 138 49.56 -9.44 -21.66
N LEU B 139 48.86 -10.24 -22.45
CA LEU B 139 47.54 -10.76 -22.09
C LEU B 139 47.51 -12.26 -21.89
N PHE B 140 48.32 -13.01 -22.63
CA PHE B 140 48.35 -14.46 -22.52
C PHE B 140 49.73 -14.88 -22.05
N ARG B 141 49.79 -15.59 -20.92
CA ARG B 141 51.04 -16.15 -20.46
C ARG B 141 50.75 -17.49 -19.77
N LYS B 142 51.76 -18.36 -19.74
CA LYS B 142 51.60 -19.71 -19.25
C LYS B 142 51.28 -19.72 -17.76
N ALA B 143 51.97 -18.90 -16.96
CA ALA B 143 51.81 -18.92 -15.52
C ALA B 143 51.92 -17.51 -14.96
N ASN B 144 51.39 -17.34 -13.75
CA ASN B 144 51.52 -16.04 -13.08
C ASN B 144 52.97 -15.79 -12.70
N LEU B 145 53.41 -14.55 -12.84
CA LEU B 145 54.82 -14.23 -12.61
C LEU B 145 55.09 -14.06 -11.12
N LYS B 146 56.09 -14.80 -10.63
CA LYS B 146 56.58 -14.59 -9.27
C LYS B 146 57.12 -13.16 -9.13
N PRO B 147 57.15 -12.63 -7.91
CA PRO B 147 57.48 -11.21 -7.73
C PRO B 147 58.80 -10.82 -8.37
N PHE B 148 58.78 -9.67 -9.07
CA PHE B 148 59.96 -9.07 -9.68
C PHE B 148 60.55 -9.95 -10.79
N GLU B 149 59.67 -10.46 -11.66
CA GLU B 149 60.07 -11.29 -12.78
C GLU B 149 59.67 -10.62 -14.10
N ARG B 150 60.41 -10.95 -15.16
CA ARG B 150 60.07 -10.52 -16.51
C ARG B 150 60.09 -11.70 -17.46
N ASP B 151 59.28 -11.60 -18.51
CA ASP B 151 59.23 -12.61 -19.58
C ASP B 151 58.89 -11.85 -20.86
N ILE B 152 59.93 -11.49 -21.62
CA ILE B 152 59.74 -10.73 -22.85
C ILE B 152 59.66 -11.62 -24.09
N SER B 153 59.69 -12.94 -23.92
CA SER B 153 59.69 -13.85 -25.05
C SER B 153 58.38 -13.75 -25.82
N THR B 154 58.49 -13.72 -27.15
CA THR B 154 57.31 -13.66 -28.03
C THR B 154 56.92 -15.08 -28.45
N GLU B 155 56.43 -15.83 -27.48
CA GLU B 155 56.05 -17.23 -27.66
C GLU B 155 54.55 -17.29 -27.96
N ILE B 156 54.20 -17.78 -29.15
CA ILE B 156 52.80 -17.83 -29.56
C ILE B 156 52.04 -18.71 -28.58
N TYR B 157 51.10 -18.11 -27.84
CA TYR B 157 50.38 -18.87 -26.84
C TYR B 157 49.43 -19.84 -27.51
N GLN B 158 49.39 -21.07 -26.99
CA GLN B 158 48.57 -22.15 -27.54
C GLN B 158 48.03 -22.98 -26.37
N ALA B 159 46.89 -22.55 -25.84
CA ALA B 159 46.28 -23.26 -24.72
C ALA B 159 45.65 -24.57 -25.19
N GLY B 160 44.93 -24.54 -26.30
CA GLY B 160 44.48 -25.78 -26.91
C GLY B 160 45.67 -26.67 -27.21
N SER B 161 45.46 -27.98 -27.04
CA SER B 161 46.56 -28.95 -27.14
C SER B 161 47.35 -28.75 -28.43
N LYS B 162 46.65 -28.57 -29.57
CA LYS B 162 47.29 -28.46 -30.88
C LYS B 162 48.27 -27.29 -30.92
N PRO B 163 49.57 -27.55 -30.95
CA PRO B 163 50.55 -26.47 -30.89
C PRO B 163 50.95 -25.97 -32.28
N CYS B 164 50.22 -25.01 -32.83
CA CYS B 164 50.58 -24.45 -34.12
C CYS B 164 52.06 -24.12 -34.19
N ASN B 165 52.49 -23.19 -33.33
CA ASN B 165 53.90 -22.86 -33.13
C ASN B 165 54.51 -22.13 -34.32
N GLY B 166 53.79 -22.08 -35.44
CA GLY B 166 54.38 -21.59 -36.67
C GLY B 166 54.17 -20.12 -36.83
N GLN B 167 52.90 -19.72 -36.87
CA GLN B 167 52.52 -18.33 -36.96
C GLN B 167 51.24 -18.18 -36.13
N THR B 168 50.55 -17.06 -36.32
CA THR B 168 49.16 -16.90 -35.94
C THR B 168 48.35 -18.16 -36.26
N GLY B 169 47.55 -18.63 -35.30
CA GLY B 169 46.74 -19.81 -35.49
C GLY B 169 45.30 -19.59 -35.07
N LEU B 170 44.47 -20.60 -35.38
CA LEU B 170 43.05 -20.54 -35.04
C LEU B 170 42.85 -20.47 -33.53
N ASN B 171 43.47 -21.41 -32.80
CA ASN B 171 43.45 -21.39 -31.35
C ASN B 171 44.71 -20.77 -30.77
N CYS B 172 45.65 -20.36 -31.62
CA CYS B 172 46.86 -19.71 -31.17
C CYS B 172 46.65 -18.20 -31.16
N TYR B 173 47.54 -17.51 -30.46
CA TYR B 173 47.42 -16.07 -30.27
C TYR B 173 48.81 -15.48 -30.07
N TYR B 174 48.99 -14.26 -30.56
CA TYR B 174 50.22 -13.53 -30.29
C TYR B 174 50.10 -12.86 -28.93
N PRO B 175 51.00 -13.14 -27.98
CA PRO B 175 50.73 -12.79 -26.57
C PRO B 175 50.84 -11.32 -26.24
N LEU B 176 51.37 -10.48 -27.14
CA LEU B 176 51.61 -9.07 -26.84
C LEU B 176 50.58 -8.20 -27.55
N TYR B 177 49.92 -7.35 -26.78
CA TYR B 177 48.98 -6.37 -27.30
C TYR B 177 49.48 -4.96 -27.03
N ARG B 178 48.91 -3.99 -27.75
CA ARG B 178 49.40 -2.63 -27.79
C ARG B 178 48.32 -1.66 -27.30
N TYR B 179 48.72 -0.73 -26.45
CA TYR B 179 47.79 0.30 -25.97
C TYR B 179 47.39 1.25 -27.10
N GLY B 180 46.14 1.68 -27.06
CA GLY B 180 45.68 2.80 -27.88
C GLY B 180 45.31 3.97 -27.00
N PHE B 181 46.00 5.08 -27.16
CA PHE B 181 45.86 6.25 -26.27
C PHE B 181 45.55 7.49 -27.11
N TYR B 182 44.31 7.93 -27.06
CA TYR B 182 43.79 9.10 -27.75
C TYR B 182 43.47 10.22 -26.77
N PRO B 183 43.54 11.48 -27.20
CA PRO B 183 43.30 12.59 -26.27
C PRO B 183 41.84 12.80 -25.89
N THR B 184 40.92 11.96 -26.38
CA THR B 184 39.51 12.07 -26.04
C THR B 184 39.02 10.88 -25.22
N ASP B 185 39.94 10.11 -24.64
CA ASP B 185 39.57 8.93 -23.89
C ASP B 185 39.01 9.30 -22.52
N GLY B 186 38.24 8.38 -21.95
CA GLY B 186 37.78 8.54 -20.59
C GLY B 186 38.90 8.34 -19.59
N VAL B 187 38.65 8.79 -18.36
CA VAL B 187 39.68 8.77 -17.32
C VAL B 187 40.09 7.33 -16.99
N GLY B 188 39.18 6.37 -17.20
CA GLY B 188 39.46 4.99 -16.82
C GLY B 188 40.61 4.36 -17.58
N HIS B 189 40.97 4.88 -18.75
CA HIS B 189 42.07 4.34 -19.55
C HIS B 189 42.87 5.44 -20.23
N GLN B 190 43.16 6.49 -19.48
CA GLN B 190 44.15 7.47 -19.93
C GLN B 190 45.54 7.06 -19.46
N PRO B 191 46.59 7.51 -20.14
CA PRO B 191 47.95 7.07 -19.78
C PRO B 191 48.36 7.47 -18.37
N TYR B 192 48.48 6.49 -17.49
CA TYR B 192 49.03 6.70 -16.15
C TYR B 192 50.49 6.27 -16.13
N ARG B 193 51.33 7.11 -15.54
CA ARG B 193 52.77 6.89 -15.47
C ARG B 193 53.13 6.53 -14.03
N VAL B 194 53.81 5.40 -13.85
CA VAL B 194 54.00 4.81 -12.53
C VAL B 194 55.49 4.63 -12.24
N VAL B 195 55.90 4.97 -11.02
CA VAL B 195 57.25 4.75 -10.52
C VAL B 195 57.15 4.07 -9.17
N VAL B 196 57.92 2.99 -8.97
CA VAL B 196 57.88 2.20 -7.75
C VAL B 196 59.27 2.24 -7.11
N LEU B 197 59.31 2.55 -5.83
CA LEU B 197 60.54 2.58 -5.05
C LEU B 197 60.57 1.41 -4.09
N SER B 198 61.63 0.61 -4.13
CA SER B 198 61.77 -0.55 -3.27
C SER B 198 63.15 -0.55 -2.64
N PHE B 199 63.19 -0.74 -1.32
CA PHE B 199 64.43 -0.76 -0.55
C PHE B 199 64.64 -2.18 -0.04
N GLU B 200 65.48 -2.95 -0.74
CA GLU B 200 65.77 -4.31 -0.33
C GLU B 200 66.39 -4.33 1.07
N LEU B 201 66.08 -5.37 1.84
CA LEU B 201 66.52 -5.47 3.23
C LEU B 201 67.80 -6.28 3.28
N LEU B 202 68.93 -5.59 3.49
CA LEU B 202 70.23 -6.24 3.56
C LEU B 202 70.99 -5.73 4.78
N ASN B 203 71.98 -6.52 5.21
CA ASN B 203 72.91 -6.11 6.24
C ASN B 203 74.17 -5.47 5.65
N ALA B 204 74.05 -4.82 4.49
CA ALA B 204 75.15 -4.20 3.78
C ALA B 204 74.79 -2.76 3.42
N PRO B 205 75.73 -1.82 3.58
CA PRO B 205 75.41 -0.40 3.36
C PRO B 205 75.74 0.14 1.98
N ALA B 206 74.90 1.04 1.48
CA ALA B 206 75.23 1.93 0.37
C ALA B 206 74.86 3.35 0.77
N THR B 207 75.03 4.30 -0.15
CA THR B 207 74.97 5.72 0.18
C THR B 207 73.66 6.35 -0.31
N VAL B 208 72.67 6.41 0.58
CA VAL B 208 71.41 7.12 0.34
C VAL B 208 70.93 7.70 1.67
N CYS B 209 70.48 8.96 1.66
CA CYS B 209 69.79 9.54 2.80
C CYS B 209 69.19 10.87 2.38
N GLY B 210 68.35 11.43 3.25
CA GLY B 210 67.69 12.70 2.96
C GLY B 210 68.32 13.87 3.70
N THR C 4 -49.42 -25.66 20.47
CA THR C 4 -48.21 -26.49 20.57
C THR C 4 -47.28 -25.94 21.65
N ILE C 5 -46.42 -26.82 22.19
CA ILE C 5 -45.44 -26.37 23.18
C ILE C 5 -44.48 -25.36 22.57
N GLU C 6 -44.06 -25.56 21.31
CA GLU C 6 -43.15 -24.60 20.68
C GLU C 6 -43.80 -23.24 20.55
N GLU C 7 -45.08 -23.21 20.16
CA GLU C 7 -45.78 -21.93 20.05
C GLU C 7 -46.06 -21.32 21.43
N GLN C 8 -46.41 -22.16 22.41
CA GLN C 8 -46.59 -21.67 23.77
C GLN C 8 -45.32 -20.99 24.25
N ALA C 9 -44.16 -21.57 23.96
CA ALA C 9 -42.92 -20.93 24.36
C ALA C 9 -42.74 -19.61 23.61
N LYS C 10 -43.16 -19.57 22.34
CA LYS C 10 -43.07 -18.34 21.55
C LYS C 10 -43.94 -17.24 22.14
N THR C 11 -45.18 -17.56 22.51
CA THR C 11 -46.05 -16.56 23.13
C THR C 11 -45.50 -16.14 24.48
N PHE C 12 -44.96 -17.10 25.23
CA PHE C 12 -44.30 -16.79 26.49
C PHE C 12 -43.14 -15.82 26.30
N LEU C 13 -42.37 -16.00 25.22
CA LEU C 13 -41.23 -15.12 25.00
C LEU C 13 -41.69 -13.73 24.59
N ASP C 14 -42.80 -13.65 23.84
CA ASP C 14 -43.38 -12.35 23.55
C ASP C 14 -43.76 -11.64 24.84
N LYS C 15 -44.50 -12.33 25.72
CA LYS C 15 -44.86 -11.77 27.02
C LYS C 15 -43.65 -11.36 27.82
N PHE C 16 -42.59 -12.18 27.82
CA PHE C 16 -41.40 -11.83 28.60
C PHE C 16 -40.72 -10.58 28.07
N ASN C 17 -40.51 -10.51 26.75
CA ASN C 17 -39.84 -9.36 26.15
C ASN C 17 -40.57 -8.05 26.46
N HIS C 18 -41.89 -8.03 26.25
CA HIS C 18 -42.62 -6.78 26.45
C HIS C 18 -42.71 -6.39 27.91
N GLU C 19 -42.77 -7.37 28.82
CA GLU C 19 -42.77 -7.06 30.24
C GLU C 19 -41.38 -6.65 30.74
N ALA C 20 -40.32 -7.20 30.15
CA ALA C 20 -38.97 -7.02 30.69
C ALA C 20 -38.31 -5.75 30.20
N GLU C 21 -38.68 -5.26 29.00
CA GLU C 21 -38.10 -4.03 28.49
C GLU C 21 -38.24 -2.89 29.49
N ASP C 22 -39.44 -2.71 30.04
CA ASP C 22 -39.70 -1.57 30.91
C ASP C 22 -39.01 -1.75 32.26
N LEU C 23 -39.04 -2.97 32.82
CA LEU C 23 -38.40 -3.23 34.10
C LEU C 23 -36.89 -3.07 34.03
N PHE C 24 -36.27 -3.58 32.97
CA PHE C 24 -34.83 -3.38 32.79
C PHE C 24 -34.50 -1.91 32.63
N TYR C 25 -35.37 -1.17 31.95
CA TYR C 25 -35.16 0.27 31.77
C TYR C 25 -35.21 1.00 33.10
N GLN C 26 -36.15 0.63 33.98
CA GLN C 26 -36.23 1.26 35.29
C GLN C 26 -34.98 0.99 36.12
N SER C 27 -34.51 -0.27 36.12
CA SER C 27 -33.29 -0.58 36.84
C SER C 27 -32.11 0.21 36.31
N SER C 28 -32.02 0.35 34.98
CA SER C 28 -30.92 1.11 34.38
C SER C 28 -30.99 2.58 34.74
N LEU C 29 -32.20 3.16 34.72
CA LEU C 29 -32.36 4.56 35.12
C LEU C 29 -31.93 4.79 36.57
N ALA C 30 -32.34 3.88 37.47
CA ALA C 30 -32.00 4.03 38.88
C ALA C 30 -30.49 3.91 39.08
N SER C 31 -29.87 2.90 38.48
CA SER C 31 -28.43 2.71 38.62
C SER C 31 -27.64 3.83 37.96
N TRP C 32 -28.18 4.43 36.90
CA TRP C 32 -27.54 5.59 36.28
C TRP C 32 -27.58 6.80 37.22
N ASN C 33 -28.74 7.07 37.82
CA ASN C 33 -28.85 8.16 38.78
C ASN C 33 -27.89 7.97 39.95
N TYR C 34 -27.61 6.72 40.32
CA TYR C 34 -26.58 6.47 41.32
C TYR C 34 -25.18 6.78 40.79
N ASN C 35 -24.82 6.18 39.65
CA ASN C 35 -23.46 6.27 39.13
C ASN C 35 -23.06 7.67 38.68
N THR C 36 -24.03 8.55 38.42
CA THR C 36 -23.68 9.92 38.06
C THR C 36 -23.89 10.91 39.20
N ASN C 37 -24.51 10.44 40.29
CA ASN C 37 -24.83 11.31 41.45
C ASN C 37 -24.90 10.40 42.68
N ILE C 38 -23.77 10.17 43.35
CA ILE C 38 -23.79 9.23 44.47
C ILE C 38 -24.48 9.81 45.70
N THR C 39 -25.73 9.43 45.94
CA THR C 39 -26.46 9.80 47.15
C THR C 39 -27.17 8.59 47.74
N GLU C 40 -27.69 8.78 48.96
CA GLU C 40 -28.36 7.68 49.66
C GLU C 40 -29.73 7.39 49.04
N GLU C 41 -30.47 8.44 48.68
CA GLU C 41 -31.73 8.25 47.97
C GLU C 41 -31.50 7.47 46.68
N ASN C 42 -30.43 7.81 45.94
CA ASN C 42 -30.17 7.16 44.67
C ASN C 42 -29.75 5.71 44.84
N VAL C 43 -28.92 5.42 45.85
CA VAL C 43 -28.50 4.04 46.06
C VAL C 43 -29.68 3.18 46.51
N GLN C 44 -30.58 3.73 47.33
CA GLN C 44 -31.75 2.97 47.73
C GLN C 44 -32.69 2.74 46.56
N ASN C 45 -32.85 3.75 45.70
CA ASN C 45 -33.67 3.58 44.51
C ASN C 45 -33.06 2.56 43.56
N MET C 46 -31.73 2.58 43.42
CA MET C 46 -31.05 1.60 42.59
C MET C 46 -31.28 0.18 43.12
N ASN C 47 -31.13 0.00 44.43
CA ASN C 47 -31.31 -1.32 45.02
C ASN C 47 -32.77 -1.78 44.93
N ASN C 48 -33.71 -0.84 45.09
CA ASN C 48 -35.12 -1.18 44.92
C ASN C 48 -35.40 -1.68 43.51
N ALA C 49 -34.96 -0.91 42.50
CA ALA C 49 -35.20 -1.30 41.12
C ALA C 49 -34.50 -2.61 40.78
N GLY C 50 -33.28 -2.80 41.30
CA GLY C 50 -32.57 -4.04 41.03
C GLY C 50 -33.23 -5.26 41.66
N ASP C 51 -33.75 -5.10 42.88
CA ASP C 51 -34.47 -6.22 43.50
C ASP C 51 -35.76 -6.53 42.76
N LYS C 52 -36.48 -5.48 42.33
CA LYS C 52 -37.68 -5.69 41.52
C LYS C 52 -37.34 -6.45 40.24
N TRP C 53 -36.26 -6.05 39.56
CA TRP C 53 -35.84 -6.72 38.35
C TRP C 53 -35.44 -8.16 38.62
N SER C 54 -34.71 -8.39 39.72
CA SER C 54 -34.29 -9.74 40.05
C SER C 54 -35.48 -10.64 40.41
N ALA C 55 -36.46 -10.08 41.13
CA ALA C 55 -37.65 -10.84 41.46
C ALA C 55 -38.44 -11.21 40.21
N PHE C 56 -38.63 -10.25 39.31
CA PHE C 56 -39.27 -10.54 38.03
C PHE C 56 -38.53 -11.62 37.25
N LEU C 57 -37.20 -11.55 37.26
CA LEU C 57 -36.40 -12.53 36.52
C LEU C 57 -36.55 -13.93 37.10
N LYS C 58 -36.59 -14.03 38.43
CA LYS C 58 -36.72 -15.35 39.06
C LYS C 58 -38.12 -15.93 38.84
N GLU C 59 -39.15 -15.08 38.90
CA GLU C 59 -40.49 -15.54 38.56
C GLU C 59 -40.55 -16.10 37.15
N GLN C 60 -39.98 -15.36 36.19
CA GLN C 60 -39.98 -15.82 34.79
C GLN C 60 -39.12 -17.07 34.61
N SER C 61 -38.07 -17.22 35.42
CA SER C 61 -37.26 -18.43 35.35
C SER C 61 -38.04 -19.67 35.78
N THR C 62 -38.68 -19.61 36.95
CA THR C 62 -39.50 -20.72 37.42
C THR C 62 -40.67 -20.99 36.48
N LEU C 63 -41.16 -19.95 35.80
CA LEU C 63 -42.23 -20.13 34.83
C LEU C 63 -41.71 -20.80 33.57
N ALA C 64 -40.61 -20.30 33.01
CA ALA C 64 -40.05 -20.84 31.78
C ALA C 64 -39.55 -22.27 31.94
N GLN C 65 -39.18 -22.68 33.16
CA GLN C 65 -38.77 -24.06 33.40
C GLN C 65 -39.90 -25.06 33.21
N MET C 66 -41.15 -24.60 33.12
CA MET C 66 -42.29 -25.47 32.92
C MET C 66 -42.51 -25.85 31.45
N TYR C 67 -41.69 -25.31 30.54
CA TYR C 67 -41.79 -25.64 29.13
C TYR C 67 -40.68 -26.63 28.79
N PRO C 68 -40.99 -27.88 28.44
CA PRO C 68 -39.94 -28.89 28.25
C PRO C 68 -39.01 -28.59 27.08
N LEU C 69 -37.78 -28.19 27.42
CA LEU C 69 -36.79 -27.79 26.42
C LEU C 69 -36.67 -28.80 25.27
N GLN C 70 -36.64 -30.09 25.61
CA GLN C 70 -36.40 -31.13 24.60
C GLN C 70 -37.38 -31.09 23.43
N GLU C 71 -38.57 -30.51 23.63
CA GLU C 71 -39.60 -30.52 22.60
C GLU C 71 -39.55 -29.30 21.69
N ILE C 72 -38.52 -28.45 21.82
CA ILE C 72 -38.41 -27.24 21.01
C ILE C 72 -37.52 -27.56 19.82
N GLN C 73 -38.01 -27.25 18.61
CA GLN C 73 -37.26 -27.50 17.40
C GLN C 73 -36.71 -26.26 16.74
N ASN C 74 -36.96 -25.08 17.29
CA ASN C 74 -36.49 -23.81 16.72
C ASN C 74 -35.35 -23.30 17.60
N LEU C 75 -34.19 -23.10 16.97
CA LEU C 75 -32.97 -22.80 17.71
C LEU C 75 -33.02 -21.46 18.44
N THR C 76 -33.63 -20.43 17.85
CA THR C 76 -33.63 -19.12 18.50
C THR C 76 -34.44 -19.13 19.80
N VAL C 77 -35.66 -19.66 19.75
CA VAL C 77 -36.46 -19.74 20.97
C VAL C 77 -35.83 -20.69 21.97
N LYS C 78 -35.12 -21.72 21.50
CA LYS C 78 -34.42 -22.64 22.39
C LYS C 78 -33.33 -21.92 23.19
N LEU C 79 -32.55 -21.07 22.53
CA LEU C 79 -31.52 -20.30 23.23
C LEU C 79 -32.13 -19.39 24.29
N GLN C 80 -33.18 -18.66 23.92
CA GLN C 80 -33.83 -17.74 24.85
C GLN C 80 -34.43 -18.49 26.03
N LEU C 81 -35.07 -19.64 25.78
CA LEU C 81 -35.66 -20.43 26.85
C LEU C 81 -34.62 -20.93 27.86
N GLN C 82 -33.50 -21.46 27.37
CA GLN C 82 -32.45 -21.94 28.27
C GLN C 82 -31.85 -20.84 29.13
N ALA C 83 -31.53 -19.69 28.51
CA ALA C 83 -30.98 -18.56 29.25
C ALA C 83 -31.88 -18.12 30.39
N LEU C 84 -33.19 -18.08 30.15
CA LEU C 84 -34.15 -17.71 31.18
C LEU C 84 -34.28 -18.80 32.24
N GLN C 85 -34.10 -20.06 31.86
CA GLN C 85 -34.32 -21.18 32.76
C GLN C 85 -33.18 -21.41 33.75
N GLN C 86 -32.01 -20.83 33.48
CA GLN C 86 -30.86 -20.84 34.38
C GLN C 86 -31.22 -20.53 35.83
N ASN C 87 -31.09 -21.54 36.71
CA ASN C 87 -31.40 -21.33 38.11
C ASN C 87 -30.44 -20.36 38.79
N GLY C 88 -29.21 -20.25 38.29
CA GLY C 88 -28.28 -19.29 38.86
C GLY C 88 -28.09 -19.55 40.34
N SER C 89 -28.13 -18.47 41.13
CA SER C 89 -27.96 -18.62 42.57
C SER C 89 -29.16 -19.25 43.27
N SER C 90 -30.32 -19.28 42.61
CA SER C 90 -31.54 -19.73 43.28
C SER C 90 -31.49 -21.16 43.78
N VAL C 91 -30.58 -21.98 43.25
CA VAL C 91 -30.53 -23.40 43.63
C VAL C 91 -29.92 -23.54 45.03
N LEU C 92 -29.49 -22.43 45.61
CA LEU C 92 -28.97 -22.41 46.97
C LEU C 92 -30.10 -22.22 47.97
N SER C 93 -29.87 -22.72 49.19
CA SER C 93 -30.76 -22.42 50.30
C SER C 93 -30.71 -20.93 50.61
N GLU C 94 -31.68 -20.48 51.43
CA GLU C 94 -31.80 -19.06 51.72
C GLU C 94 -30.60 -18.53 52.47
N ASP C 95 -30.18 -19.24 53.53
CA ASP C 95 -29.04 -18.79 54.33
C ASP C 95 -27.75 -18.82 53.51
N LYS C 96 -27.55 -19.85 52.70
CA LYS C 96 -26.33 -19.94 51.91
C LYS C 96 -26.29 -18.86 50.84
N SER C 97 -27.43 -18.54 50.23
CA SER C 97 -27.47 -17.47 49.25
C SER C 97 -27.18 -16.11 49.90
N LYS C 98 -27.78 -15.86 51.06
CA LYS C 98 -27.50 -14.62 51.81
C LYS C 98 -26.02 -14.51 52.14
N ARG C 99 -25.41 -15.60 52.60
CA ARG C 99 -23.99 -15.57 52.97
C ARG C 99 -23.11 -15.34 51.76
N LEU C 100 -23.47 -15.92 50.61
CA LEU C 100 -22.67 -15.73 49.40
C LEU C 100 -22.71 -14.28 48.95
N ASN C 101 -23.90 -13.68 48.91
CA ASN C 101 -24.00 -12.26 48.57
C ASN C 101 -23.25 -11.41 49.58
N THR C 102 -23.29 -11.78 50.86
CA THR C 102 -22.58 -11.04 51.89
C THR C 102 -21.07 -11.04 51.63
N ILE C 103 -20.50 -12.22 51.36
CA ILE C 103 -19.05 -12.30 51.18
C ILE C 103 -18.63 -11.65 49.87
N LEU C 104 -19.48 -11.72 48.83
CA LEU C 104 -19.19 -11.02 47.58
C LEU C 104 -19.07 -9.52 47.83
N ASN C 105 -20.07 -8.93 48.47
CA ASN C 105 -20.03 -7.50 48.77
C ASN C 105 -18.89 -7.17 49.71
N THR C 106 -18.57 -8.05 50.65
CA THR C 106 -17.49 -7.80 51.60
C THR C 106 -16.14 -7.75 50.89
N MET C 107 -15.88 -8.71 49.98
CA MET C 107 -14.64 -8.70 49.22
C MET C 107 -14.53 -7.44 48.37
N SER C 108 -15.61 -7.09 47.66
CA SER C 108 -15.63 -5.88 46.86
C SER C 108 -15.33 -4.65 47.72
N THR C 109 -15.90 -4.58 48.91
CA THR C 109 -15.72 -3.42 49.78
C THR C 109 -14.27 -3.29 50.24
N ILE C 110 -13.68 -4.38 50.75
CA ILE C 110 -12.33 -4.29 51.29
C ILE C 110 -11.31 -4.02 50.19
N TYR C 111 -11.57 -4.50 48.97
CA TYR C 111 -10.69 -4.20 47.85
C TYR C 111 -10.74 -2.71 47.51
N SER C 112 -11.95 -2.16 47.35
CA SER C 112 -12.10 -0.77 46.94
C SER C 112 -11.84 0.22 48.06
N THR C 113 -11.66 -0.24 49.30
CA THR C 113 -11.47 0.66 50.44
C THR C 113 -10.16 0.42 51.20
N GLY C 114 -9.42 -0.64 50.88
CA GLY C 114 -8.24 -0.95 51.66
C GLY C 114 -7.19 0.14 51.56
N LYS C 115 -6.62 0.51 52.71
CA LYS C 115 -5.54 1.48 52.77
C LYS C 115 -4.32 0.86 53.44
N VAL C 116 -3.14 1.21 52.93
CA VAL C 116 -1.87 0.87 53.55
C VAL C 116 -1.16 2.15 53.94
N CYS C 117 -0.51 2.14 55.10
CA CYS C 117 0.15 3.33 55.63
C CYS C 117 1.66 3.16 55.59
N ASN C 118 2.35 4.26 55.34
CA ASN C 118 3.81 4.26 55.28
C ASN C 118 4.39 4.06 56.68
N PRO C 119 5.19 3.01 56.91
CA PRO C 119 5.82 2.87 58.24
C PRO C 119 6.77 4.02 58.57
N ASP C 120 7.48 4.54 57.57
CA ASP C 120 8.38 5.67 57.81
C ASP C 120 7.61 6.92 58.18
N ASN C 121 6.41 7.10 57.65
CA ASN C 121 5.59 8.27 57.91
C ASN C 121 4.15 7.81 58.13
N PRO C 122 3.80 7.43 59.36
CA PRO C 122 2.49 6.79 59.60
C PRO C 122 1.29 7.68 59.39
N GLN C 123 1.46 8.96 59.05
CA GLN C 123 0.32 9.81 58.72
C GLN C 123 -0.07 9.72 57.26
N GLU C 124 0.86 9.37 56.38
CA GLU C 124 0.57 9.14 54.96
C GLU C 124 0.03 7.74 54.71
N CYS C 125 -1.22 7.63 54.26
CA CYS C 125 -1.78 6.33 53.88
C CYS C 125 -2.44 6.47 52.52
N LEU C 126 -2.27 5.45 51.66
CA LEU C 126 -2.85 5.49 50.31
C LEU C 126 -3.64 4.23 50.00
N LEU C 127 -4.72 4.41 49.23
CA LEU C 127 -5.50 3.22 48.77
C LEU C 127 -4.97 2.82 47.39
N LEU C 128 -5.62 1.86 46.74
CA LEU C 128 -5.08 1.35 45.45
C LEU C 128 -5.04 2.40 44.34
N GLU C 129 -6.09 3.22 44.19
CA GLU C 129 -6.12 4.13 43.01
C GLU C 129 -4.93 5.10 43.00
N PRO C 130 -4.60 5.84 44.08
CA PRO C 130 -3.39 6.69 44.08
C PRO C 130 -2.10 5.87 44.02
N GLY C 131 -2.03 4.76 44.75
CA GLY C 131 -0.78 3.95 44.79
C GLY C 131 -0.46 3.40 43.43
N LEU C 132 -1.47 2.92 42.71
CA LEU C 132 -1.24 2.36 41.35
C LEU C 132 -0.73 3.48 40.45
N ASN C 133 -1.32 4.67 40.57
CA ASN C 133 -0.95 5.80 39.67
C ASN C 133 0.51 6.22 39.86
N GLU C 134 1.01 6.25 41.10
CA GLU C 134 2.39 6.79 41.28
C GLU C 134 3.39 5.72 41.72
N ILE C 135 3.11 5.01 42.81
CA ILE C 135 4.13 4.05 43.35
C ILE C 135 4.42 2.90 42.39
N MET C 136 3.41 2.34 41.74
CA MET C 136 3.68 1.15 40.90
C MET C 136 3.94 1.58 39.45
N ALA C 137 3.55 2.80 39.09
CA ALA C 137 3.69 3.27 37.72
C ALA C 137 4.92 4.13 37.48
N ASN C 138 5.27 5.00 38.42
CA ASN C 138 6.30 6.01 38.19
C ASN C 138 7.55 5.85 39.05
N SER C 139 7.46 5.13 40.17
CA SER C 139 8.62 5.03 41.05
C SER C 139 9.72 4.20 40.40
N LEU C 140 10.96 4.68 40.54
CA LEU C 140 12.15 3.95 40.13
C LEU C 140 12.93 3.40 41.32
N ASP C 141 12.37 3.45 42.52
CA ASP C 141 13.05 3.01 43.73
C ASP C 141 12.62 1.58 44.06
N TYR C 142 13.60 0.67 44.11
CA TYR C 142 13.31 -0.74 44.34
C TYR C 142 12.60 -0.95 45.67
N ASN C 143 13.10 -0.31 46.73
CA ASN C 143 12.52 -0.51 48.05
C ASN C 143 11.12 0.07 48.15
N GLU C 144 10.89 1.23 47.54
CA GLU C 144 9.55 1.82 47.57
C GLU C 144 8.55 0.95 46.81
N ARG C 145 8.93 0.49 45.61
CA ARG C 145 8.05 -0.38 44.85
C ARG C 145 7.77 -1.68 45.60
N LEU C 146 8.80 -2.24 46.24
CA LEU C 146 8.62 -3.48 46.99
C LEU C 146 7.69 -3.27 48.18
N TRP C 147 7.81 -2.12 48.87
CA TRP C 147 6.89 -1.82 49.96
C TRP C 147 5.46 -1.76 49.47
N ALA C 148 5.21 -1.03 48.38
CA ALA C 148 3.85 -0.92 47.85
C ALA C 148 3.29 -2.30 47.49
N TRP C 149 4.06 -3.08 46.74
CA TRP C 149 3.61 -4.40 46.32
C TRP C 149 3.26 -5.28 47.51
N GLU C 150 4.20 -5.38 48.47
CA GLU C 150 4.00 -6.27 49.61
C GLU C 150 2.94 -5.76 50.58
N SER C 151 2.83 -4.44 50.73
CA SER C 151 1.81 -3.87 51.62
C SER C 151 0.41 -4.16 51.11
N TRP C 152 0.16 -3.92 49.83
CA TRP C 152 -1.16 -4.21 49.25
C TRP C 152 -1.57 -5.65 49.53
N ARG C 153 -0.66 -6.59 49.26
CA ARG C 153 -1.00 -8.01 49.41
C ARG C 153 -1.17 -8.40 50.87
N SER C 154 -0.14 -8.17 51.68
CA SER C 154 -0.18 -8.56 53.09
C SER C 154 -1.27 -7.85 53.89
N GLU C 155 -1.91 -6.81 53.36
CA GLU C 155 -3.04 -6.17 54.04
C GLU C 155 -4.38 -6.69 53.51
N VAL C 156 -4.68 -6.45 52.24
CA VAL C 156 -6.01 -6.77 51.73
C VAL C 156 -6.13 -8.25 51.43
N GLY C 157 -5.07 -8.87 50.90
CA GLY C 157 -5.14 -10.27 50.55
C GLY C 157 -5.27 -11.18 51.76
N LYS C 158 -4.65 -10.80 52.89
CA LYS C 158 -4.84 -11.59 54.11
C LYS C 158 -6.30 -11.57 54.55
N GLN C 159 -6.95 -10.41 54.41
CA GLN C 159 -8.39 -10.33 54.68
C GLN C 159 -9.19 -11.14 53.67
N LEU C 160 -8.74 -11.17 52.41
CA LEU C 160 -9.53 -11.80 51.35
C LEU C 160 -9.44 -13.32 51.41
N ARG C 161 -8.34 -13.86 51.95
CA ARG C 161 -8.06 -15.29 51.94
C ARG C 161 -9.24 -16.12 52.45
N PRO C 162 -9.70 -15.94 53.70
CA PRO C 162 -10.79 -16.81 54.17
C PRO C 162 -12.11 -16.56 53.44
N LEU C 163 -12.43 -15.29 53.17
CA LEU C 163 -13.59 -14.98 52.35
C LEU C 163 -13.54 -15.67 51.00
N TYR C 164 -12.35 -15.74 50.39
CA TYR C 164 -12.23 -16.38 49.08
C TYR C 164 -12.37 -17.90 49.17
N GLU C 165 -11.91 -18.52 50.26
CA GLU C 165 -12.14 -19.95 50.44
C GLU C 165 -13.63 -20.26 50.52
N GLU C 166 -14.36 -19.50 51.34
CA GLU C 166 -15.80 -19.68 51.43
C GLU C 166 -16.48 -19.35 50.10
N TYR C 167 -15.95 -18.35 49.39
CA TYR C 167 -16.44 -18.02 48.06
C TYR C 167 -16.30 -19.19 47.10
N VAL C 168 -15.14 -19.85 47.11
CA VAL C 168 -14.89 -21.00 46.23
C VAL C 168 -15.89 -22.12 46.50
N VAL C 169 -16.06 -22.49 47.77
CA VAL C 169 -16.90 -23.65 48.08
C VAL C 169 -18.36 -23.36 47.73
N LEU C 170 -18.83 -22.14 48.02
CA LEU C 170 -20.22 -21.81 47.71
C LEU C 170 -20.45 -21.74 46.21
N LYS C 171 -19.50 -21.13 45.48
CA LYS C 171 -19.63 -21.06 44.02
C LYS C 171 -19.58 -22.44 43.39
N ASN C 172 -18.78 -23.34 43.96
CA ASN C 172 -18.72 -24.71 43.46
C ASN C 172 -20.04 -25.43 43.73
N GLU C 173 -20.63 -25.18 44.90
CA GLU C 173 -21.96 -25.69 45.19
C GLU C 173 -22.96 -25.26 44.14
N MET C 174 -22.95 -23.98 43.77
CA MET C 174 -23.89 -23.48 42.76
C MET C 174 -23.70 -24.21 41.43
N ALA C 175 -22.46 -24.23 40.95
CA ALA C 175 -22.20 -24.82 39.63
C ALA C 175 -22.52 -26.30 39.59
N ARG C 176 -22.19 -27.04 40.65
CA ARG C 176 -22.51 -28.46 40.69
C ARG C 176 -24.02 -28.69 40.73
N ALA C 177 -24.73 -27.88 41.52
CA ALA C 177 -26.18 -28.00 41.56
C ALA C 177 -26.83 -27.62 40.24
N ASN C 178 -26.18 -26.72 39.48
CA ASN C 178 -26.66 -26.34 38.15
C ASN C 178 -26.14 -27.24 37.04
N HIS C 179 -25.76 -28.48 37.37
CA HIS C 179 -25.36 -29.49 36.39
C HIS C 179 -24.06 -29.10 35.68
N TYR C 180 -23.15 -28.47 36.40
CA TYR C 180 -21.81 -28.18 35.91
C TYR C 180 -20.77 -28.88 36.77
N GLU C 181 -19.56 -29.00 36.22
CA GLU C 181 -18.48 -29.65 36.96
C GLU C 181 -17.98 -28.77 38.10
N ASP C 182 -17.73 -27.50 37.83
CA ASP C 182 -17.29 -26.55 38.83
C ASP C 182 -17.60 -25.14 38.34
N TYR C 183 -17.25 -24.14 39.16
CA TYR C 183 -17.50 -22.76 38.77
C TYR C 183 -16.71 -22.37 37.53
N GLY C 184 -15.51 -22.94 37.36
CA GLY C 184 -14.76 -22.71 36.14
C GLY C 184 -15.47 -23.28 34.92
N ASP C 185 -16.09 -24.45 35.07
CA ASP C 185 -16.91 -25.01 34.00
C ASP C 185 -18.08 -24.10 33.67
N TYR C 186 -18.72 -23.53 34.70
CA TYR C 186 -19.78 -22.55 34.48
C TYR C 186 -19.29 -21.39 33.62
N TRP C 187 -18.17 -20.78 34.01
CA TRP C 187 -17.63 -19.66 33.26
C TRP C 187 -17.31 -20.04 31.82
N ARG C 188 -16.70 -21.20 31.61
CA ARG C 188 -16.40 -21.66 30.26
C ARG C 188 -17.66 -21.95 29.45
N GLY C 189 -18.79 -22.15 30.13
CA GLY C 189 -20.05 -22.34 29.43
C GLY C 189 -20.46 -21.18 28.54
N ASP C 190 -19.93 -19.99 28.78
CA ASP C 190 -20.24 -18.83 27.95
C ASP C 190 -19.89 -19.07 26.49
N TYR C 191 -18.87 -19.88 26.22
CA TYR C 191 -18.41 -20.15 24.87
C TYR C 191 -19.06 -21.39 24.25
N GLU C 192 -19.93 -22.06 24.99
CA GLU C 192 -20.49 -23.32 24.53
C GLU C 192 -21.52 -23.10 23.42
N VAL C 193 -21.45 -23.92 22.38
CA VAL C 193 -22.45 -24.00 21.33
C VAL C 193 -22.87 -25.45 21.19
N ASN C 194 -24.17 -25.71 21.28
CA ASN C 194 -24.68 -27.08 21.35
C ASN C 194 -25.98 -27.16 20.56
N GLY C 195 -25.90 -27.68 19.34
CA GLY C 195 -27.09 -27.89 18.54
C GLY C 195 -26.91 -27.64 17.06
N VAL C 196 -25.95 -26.79 16.71
CA VAL C 196 -25.70 -26.40 15.33
C VAL C 196 -24.57 -27.29 14.79
N ASP C 197 -24.88 -28.12 13.81
CA ASP C 197 -23.88 -29.02 13.24
C ASP C 197 -22.82 -28.21 12.50
N GLY C 198 -21.56 -28.49 12.80
CA GLY C 198 -20.44 -27.81 12.19
C GLY C 198 -19.99 -26.55 12.89
N TYR C 199 -20.71 -26.11 13.92
CA TYR C 199 -20.33 -24.93 14.68
C TYR C 199 -20.35 -25.16 16.19
N ASP C 200 -20.53 -26.40 16.64
CA ASP C 200 -20.59 -26.68 18.06
C ASP C 200 -19.23 -26.41 18.72
N TYR C 201 -19.25 -26.39 20.05
CA TYR C 201 -18.06 -26.06 20.83
C TYR C 201 -18.30 -26.43 22.29
N SER C 202 -17.51 -27.37 22.81
CA SER C 202 -17.69 -27.82 24.19
C SER C 202 -16.92 -26.91 25.14
N ARG C 203 -17.12 -27.15 26.44
CA ARG C 203 -16.50 -26.30 27.46
C ARG C 203 -15.04 -26.65 27.69
N GLY C 204 -14.62 -27.86 27.30
CA GLY C 204 -13.21 -28.23 27.42
C GLY C 204 -12.42 -27.85 26.19
N GLN C 205 -13.12 -27.73 25.05
CA GLN C 205 -12.49 -27.24 23.84
C GLN C 205 -11.87 -25.87 24.04
N LEU C 206 -12.44 -25.06 24.95
CA LEU C 206 -11.85 -23.76 25.26
C LEU C 206 -10.47 -23.91 25.85
N ILE C 207 -10.32 -24.80 26.84
CA ILE C 207 -9.01 -25.05 27.44
C ILE C 207 -8.03 -25.55 26.38
N GLU C 208 -8.45 -26.53 25.57
CA GLU C 208 -7.59 -27.06 24.52
C GLU C 208 -7.09 -25.96 23.59
N ASP C 209 -8.02 -25.11 23.13
CA ASP C 209 -7.65 -24.08 22.16
C ASP C 209 -6.74 -23.03 22.79
N VAL C 210 -7.06 -22.58 24.01
CA VAL C 210 -6.26 -21.55 24.67
C VAL C 210 -4.83 -22.04 24.88
N GLU C 211 -4.66 -23.29 25.30
CA GLU C 211 -3.32 -23.83 25.52
C GLU C 211 -2.59 -24.02 24.20
N HIS C 212 -3.28 -24.56 23.19
CA HIS C 212 -2.67 -24.77 21.88
C HIS C 212 -2.21 -23.44 21.27
N THR C 213 -2.95 -22.37 21.51
CA THR C 213 -2.60 -21.07 20.96
C THR C 213 -1.55 -20.34 21.79
N PHE C 214 -1.57 -20.51 23.11
CA PHE C 214 -0.53 -19.92 23.95
C PHE C 214 0.84 -20.52 23.66
N GLU C 215 0.90 -21.79 23.26
CA GLU C 215 2.16 -22.40 22.84
C GLU C 215 2.78 -21.63 21.68
N GLU C 216 1.97 -21.25 20.68
CA GLU C 216 2.51 -20.49 19.56
C GLU C 216 2.88 -19.06 19.97
N ILE C 217 2.22 -18.52 21.00
CA ILE C 217 2.57 -17.18 21.46
C ILE C 217 3.90 -17.20 22.20
N LYS C 218 4.27 -18.35 22.78
CA LYS C 218 5.43 -18.46 23.67
C LYS C 218 6.71 -17.82 23.12
N PRO C 219 7.11 -18.05 21.87
CA PRO C 219 8.42 -17.51 21.46
C PRO C 219 8.46 -15.99 21.42
N LEU C 220 7.43 -15.35 20.88
CA LEU C 220 7.38 -13.89 20.86
C LEU C 220 7.46 -13.32 22.27
N TYR C 221 6.70 -13.88 23.20
CA TYR C 221 6.75 -13.40 24.58
C TYR C 221 8.12 -13.65 25.21
N GLU C 222 8.73 -14.79 24.91
CA GLU C 222 10.06 -15.09 25.46
C GLU C 222 11.08 -14.05 25.04
N HIS C 223 11.07 -13.63 23.77
CA HIS C 223 12.04 -12.64 23.32
C HIS C 223 11.76 -11.27 23.92
N LEU C 224 10.49 -10.88 23.99
CA LEU C 224 10.13 -9.65 24.67
C LEU C 224 10.56 -9.69 26.13
N HIS C 225 10.38 -10.84 26.77
CA HIS C 225 10.77 -10.97 28.17
C HIS C 225 12.28 -10.79 28.35
N ALA C 226 13.08 -11.40 27.46
CA ALA C 226 14.52 -11.23 27.53
C ALA C 226 14.92 -9.77 27.34
N TYR C 227 14.33 -9.11 26.34
CA TYR C 227 14.65 -7.71 26.08
C TYR C 227 14.31 -6.82 27.28
N VAL C 228 13.10 -6.99 27.82
CA VAL C 228 12.67 -6.20 28.98
C VAL C 228 13.55 -6.50 30.18
N ARG C 229 13.98 -7.76 30.32
CA ARG C 229 14.83 -8.14 31.45
C ARG C 229 16.17 -7.42 31.41
N ALA C 230 16.81 -7.38 30.24
CA ALA C 230 18.06 -6.64 30.11
C ALA C 230 17.86 -5.15 30.41
N LYS C 231 16.83 -4.55 29.82
CA LYS C 231 16.58 -3.13 30.02
C LYS C 231 16.32 -2.81 31.49
N LEU C 232 15.65 -3.70 32.20
CA LEU C 232 15.42 -3.49 33.63
C LEU C 232 16.69 -3.70 34.44
N MET C 233 17.58 -4.60 34.00
CA MET C 233 18.88 -4.73 34.65
C MET C 233 19.65 -3.42 34.64
N ASN C 234 19.58 -2.67 33.54
CA ASN C 234 20.18 -1.34 33.51
C ASN C 234 19.51 -0.40 34.49
N ALA C 235 18.24 -0.65 34.83
CA ALA C 235 17.51 0.25 35.70
C ALA C 235 17.64 -0.11 37.16
N TYR C 236 17.76 -1.40 37.48
CA TYR C 236 17.92 -1.88 38.86
C TYR C 236 19.16 -2.76 38.91
N PRO C 237 20.35 -2.17 38.88
CA PRO C 237 21.58 -2.97 38.89
C PRO C 237 21.72 -3.76 40.18
N SER C 238 22.22 -5.00 40.06
CA SER C 238 22.46 -5.94 41.14
C SER C 238 21.18 -6.52 41.73
N TYR C 239 20.01 -6.19 41.19
CA TYR C 239 18.75 -6.72 41.69
C TYR C 239 18.13 -7.79 40.81
N ILE C 240 18.57 -7.92 39.55
CA ILE C 240 17.94 -8.81 38.58
C ILE C 240 19.01 -9.71 37.98
N SER C 241 18.75 -11.02 38.00
CA SER C 241 19.62 -11.99 37.35
C SER C 241 19.37 -12.00 35.84
N PRO C 242 20.42 -12.09 35.01
CA PRO C 242 20.22 -12.13 33.56
C PRO C 242 19.55 -13.40 33.06
N ILE C 243 19.33 -14.39 33.93
CA ILE C 243 18.70 -15.65 33.55
C ILE C 243 17.47 -15.96 34.37
N GLY C 244 17.10 -15.09 35.31
CA GLY C 244 16.01 -15.36 36.22
C GLY C 244 14.72 -14.68 35.80
N CYS C 245 13.67 -14.98 36.57
CA CYS C 245 12.37 -14.35 36.34
C CYS C 245 12.40 -12.88 36.75
N LEU C 246 11.43 -12.13 36.24
CA LEU C 246 11.33 -10.70 36.56
C LEU C 246 10.70 -10.53 37.93
N PRO C 247 11.28 -9.71 38.81
CA PRO C 247 10.62 -9.41 40.09
C PRO C 247 9.24 -8.81 39.88
N ALA C 248 8.25 -9.32 40.62
CA ALA C 248 6.86 -8.99 40.34
C ALA C 248 6.53 -7.53 40.56
N HIS C 249 7.33 -6.83 41.36
CA HIS C 249 7.04 -5.45 41.74
C HIS C 249 7.71 -4.42 40.85
N LEU C 250 8.34 -4.84 39.76
CA LEU C 250 9.03 -3.93 38.84
C LEU C 250 8.39 -3.94 37.46
N LEU C 251 7.13 -4.36 37.35
CA LEU C 251 6.54 -4.64 36.05
C LEU C 251 5.72 -3.49 35.50
N GLY C 252 5.47 -2.44 36.28
CA GLY C 252 4.79 -1.25 35.82
C GLY C 252 3.45 -0.99 36.46
N ASP C 253 2.83 -1.99 37.07
CA ASP C 253 1.62 -1.78 37.87
C ASP C 253 1.64 -2.73 39.05
N MET C 254 0.51 -2.78 39.77
CA MET C 254 0.44 -3.52 41.02
C MET C 254 0.62 -5.02 40.84
N TRP C 255 0.36 -5.54 39.64
CA TRP C 255 0.38 -6.98 39.40
C TRP C 255 1.22 -7.42 38.22
N GLY C 256 1.57 -6.52 37.31
CA GLY C 256 2.20 -6.91 36.06
C GLY C 256 1.22 -7.26 34.96
N ARG C 257 -0.05 -6.91 35.11
CA ARG C 257 -1.03 -7.19 34.06
C ARG C 257 -0.68 -6.47 32.76
N PHE C 258 -0.10 -5.27 32.84
CA PHE C 258 0.38 -4.55 31.67
C PHE C 258 1.76 -3.99 31.96
N TRP C 259 2.67 -4.16 31.00
CA TRP C 259 4.00 -3.56 31.08
C TRP C 259 4.06 -2.20 30.40
N THR C 260 2.92 -1.49 30.34
CA THR C 260 2.86 -0.22 29.61
C THR C 260 3.83 0.81 30.20
N ASN C 261 3.92 0.87 31.53
CA ASN C 261 4.71 1.89 32.20
C ASN C 261 6.21 1.58 32.23
N LEU C 262 6.64 0.55 31.51
CA LEU C 262 8.07 0.27 31.33
C LEU C 262 8.63 0.90 30.06
N TYR C 263 7.82 1.67 29.33
CA TYR C 263 8.27 2.19 28.04
C TYR C 263 9.43 3.18 28.21
N SER C 264 9.41 3.97 29.28
CA SER C 264 10.50 4.91 29.52
C SER C 264 11.80 4.17 29.80
N LEU C 265 11.72 2.96 30.34
CA LEU C 265 12.91 2.17 30.66
C LEU C 265 13.27 1.17 29.56
N THR C 266 12.40 0.98 28.57
CA THR C 266 12.61 -0.04 27.55
C THR C 266 12.51 0.51 26.13
N VAL C 267 12.40 1.83 25.97
CA VAL C 267 12.19 2.41 24.64
C VAL C 267 13.35 2.01 23.72
N PRO C 268 13.08 1.42 22.56
CA PRO C 268 14.18 1.04 21.65
C PRO C 268 15.02 2.23 21.21
N PHE C 269 14.38 3.29 20.70
CA PHE C 269 15.08 4.46 20.15
C PHE C 269 14.55 5.71 20.84
N GLY C 270 15.11 6.00 22.02
CA GLY C 270 14.76 7.20 22.76
C GLY C 270 15.13 8.51 22.08
N GLN C 271 15.87 8.43 20.97
CA GLN C 271 16.23 9.64 20.23
C GLN C 271 15.02 10.17 19.48
N LYS C 272 14.12 9.29 19.08
CA LYS C 272 12.94 9.70 18.37
C LYS C 272 11.98 10.39 19.33
N PRO C 273 11.22 11.37 18.84
CA PRO C 273 10.17 11.98 19.65
C PRO C 273 9.03 11.02 19.89
N ASN C 274 8.42 11.12 21.07
CA ASN C 274 7.35 10.22 21.43
C ASN C 274 6.06 10.74 20.81
N ILE C 275 5.24 9.82 20.32
CA ILE C 275 3.98 10.16 19.68
C ILE C 275 2.90 10.40 20.74
N ASP C 276 3.05 11.45 21.52
CA ASP C 276 2.05 11.92 22.48
C ASP C 276 1.37 13.19 21.98
N VAL C 277 0.11 13.09 21.57
CA VAL C 277 -0.54 14.24 20.96
C VAL C 277 -1.30 14.99 22.05
N THR C 278 -1.00 14.69 23.31
CA THR C 278 -1.66 15.35 24.43
C THR C 278 -1.42 16.86 24.40
N ASP C 279 -0.17 17.27 24.17
CA ASP C 279 0.13 18.71 24.15
C ASP C 279 -0.56 19.40 22.97
N ALA C 280 -0.68 18.71 21.84
CA ALA C 280 -1.40 19.28 20.70
C ALA C 280 -2.88 19.47 21.03
N MET C 281 -3.50 18.47 21.67
CA MET C 281 -4.90 18.61 22.06
C MET C 281 -5.09 19.79 23.01
N VAL C 282 -4.18 19.97 23.96
CA VAL C 282 -4.32 21.06 24.93
C VAL C 282 -4.11 22.41 24.24
N ASP C 283 -3.17 22.48 23.29
CA ASP C 283 -2.89 23.74 22.62
C ASP C 283 -3.99 24.11 21.61
N GLN C 284 -4.72 23.12 21.10
CA GLN C 284 -5.85 23.40 20.22
C GLN C 284 -7.16 23.59 20.98
N ALA C 285 -7.11 23.62 22.31
CA ALA C 285 -8.28 23.88 23.15
C ALA C 285 -9.38 22.83 22.92
N TRP C 286 -8.97 21.58 22.77
CA TRP C 286 -9.93 20.49 22.67
C TRP C 286 -10.59 20.24 24.03
N ASP C 287 -11.83 19.76 23.98
CA ASP C 287 -12.57 19.35 25.17
C ASP C 287 -13.19 17.98 24.91
N ALA C 288 -13.89 17.45 25.92
CA ALA C 288 -14.55 16.17 25.77
C ALA C 288 -15.59 16.21 24.65
N GLN C 289 -16.29 17.35 24.52
CA GLN C 289 -17.19 17.54 23.39
C GLN C 289 -16.48 17.27 22.06
N ARG C 290 -15.33 17.92 21.86
CA ARG C 290 -14.61 17.76 20.61
C ARG C 290 -14.10 16.33 20.44
N ILE C 291 -13.63 15.72 21.53
CA ILE C 291 -13.12 14.35 21.45
C ILE C 291 -14.22 13.40 20.96
N PHE C 292 -15.39 13.46 21.59
CA PHE C 292 -16.47 12.55 21.22
C PHE C 292 -17.06 12.91 19.86
N LYS C 293 -17.04 14.20 19.49
CA LYS C 293 -17.46 14.58 18.15
C LYS C 293 -16.54 14.00 17.10
N GLU C 294 -15.24 13.99 17.37
CA GLU C 294 -14.29 13.41 16.42
C GLU C 294 -14.46 11.90 16.30
N ALA C 295 -14.69 11.23 17.43
CA ALA C 295 -14.99 9.80 17.41
C ALA C 295 -16.26 9.51 16.60
N GLU C 296 -17.30 10.34 16.78
CA GLU C 296 -18.53 10.17 16.03
C GLU C 296 -18.28 10.33 14.53
N LYS C 297 -17.48 11.32 14.15
CA LYS C 297 -17.13 11.50 12.74
C LYS C 297 -16.39 10.28 12.19
N PHE C 298 -15.52 9.68 13.00
CA PHE C 298 -14.83 8.46 12.58
C PHE C 298 -15.81 7.33 12.26
N PHE C 299 -16.77 7.10 13.15
CA PHE C 299 -17.70 6.00 12.95
C PHE C 299 -18.64 6.26 11.78
N VAL C 300 -19.04 7.52 11.56
CA VAL C 300 -19.87 7.82 10.40
C VAL C 300 -19.10 7.67 9.10
N SER C 301 -17.78 7.91 9.14
CA SER C 301 -16.96 7.84 7.94
C SER C 301 -16.88 6.43 7.36
N VAL C 302 -17.27 5.40 8.12
CA VAL C 302 -17.21 4.02 7.66
C VAL C 302 -18.59 3.45 7.38
N GLY C 303 -19.62 4.29 7.38
CA GLY C 303 -20.97 3.86 7.04
C GLY C 303 -21.87 3.55 8.20
N LEU C 304 -21.50 3.93 9.41
CA LEU C 304 -22.32 3.70 10.60
C LEU C 304 -23.10 4.95 10.96
N PRO C 305 -24.19 4.82 11.72
CA PRO C 305 -25.02 6.00 12.01
C PRO C 305 -24.35 6.94 13.00
N ASN C 306 -24.87 8.17 13.04
CA ASN C 306 -24.53 9.12 14.09
C ASN C 306 -24.87 8.56 15.46
N MET C 307 -24.42 9.28 16.49
CA MET C 307 -24.93 9.08 17.84
C MET C 307 -26.32 9.71 17.96
N THR C 308 -27.14 9.14 18.84
CA THR C 308 -28.50 9.61 18.99
C THR C 308 -28.52 10.92 19.76
N GLN C 309 -29.52 11.76 19.45
CA GLN C 309 -29.74 12.97 20.23
C GLN C 309 -29.93 12.67 21.71
N GLY C 310 -30.54 11.52 22.03
CA GLY C 310 -30.62 11.10 23.42
C GLY C 310 -29.25 10.86 24.05
N PHE C 311 -28.34 10.27 23.29
CA PHE C 311 -26.97 10.10 23.76
C PHE C 311 -26.32 11.45 24.09
N TRP C 312 -26.38 12.40 23.15
CA TRP C 312 -25.74 13.69 23.37
C TRP C 312 -26.40 14.47 24.51
N GLU C 313 -27.67 14.21 24.79
CA GLU C 313 -28.38 14.92 25.84
C GLU C 313 -28.22 14.29 27.21
N ASN C 314 -28.03 12.98 27.29
CA ASN C 314 -28.06 12.28 28.57
C ASN C 314 -26.71 11.78 29.05
N SER C 315 -25.71 11.68 28.17
CA SER C 315 -24.40 11.20 28.58
C SER C 315 -23.74 12.19 29.52
N MET C 316 -22.84 11.68 30.36
CA MET C 316 -22.00 12.48 31.25
C MET C 316 -20.56 12.27 30.82
N LEU C 317 -19.98 13.27 30.15
CA LEU C 317 -18.67 13.14 29.53
C LEU C 317 -17.57 13.87 30.28
N THR C 318 -17.89 14.58 31.36
CA THR C 318 -16.88 15.26 32.16
C THR C 318 -17.18 15.05 33.64
N ASP C 319 -16.15 15.20 34.46
CA ASP C 319 -16.31 15.16 35.90
C ASP C 319 -17.25 16.28 36.34
N PRO C 320 -18.36 15.98 37.03
CA PRO C 320 -19.30 17.03 37.41
C PRO C 320 -18.80 17.95 38.51
N GLY C 321 -17.65 17.67 39.10
CA GLY C 321 -17.05 18.55 40.08
C GLY C 321 -17.16 18.04 41.51
N ASN C 322 -16.96 18.96 42.45
CA ASN C 322 -16.94 18.62 43.87
C ASN C 322 -18.33 18.53 44.48
N VAL C 323 -19.29 19.30 43.95
CA VAL C 323 -20.64 19.28 44.51
C VAL C 323 -21.34 17.96 44.19
N GLN C 324 -21.06 17.36 43.04
CA GLN C 324 -21.73 16.15 42.58
C GLN C 324 -20.66 15.09 42.30
N LYS C 325 -20.54 14.11 43.19
CA LYS C 325 -19.55 13.06 43.03
C LYS C 325 -20.16 11.88 42.26
N ALA C 326 -19.36 11.32 41.35
CA ALA C 326 -19.84 10.27 40.46
C ALA C 326 -18.75 9.21 40.33
N VAL C 327 -19.13 8.09 39.70
CA VAL C 327 -18.20 7.00 39.42
C VAL C 327 -17.58 7.25 38.05
N CYS C 328 -16.25 7.24 37.99
CA CYS C 328 -15.52 7.71 36.82
C CYS C 328 -14.96 6.58 35.96
N HIS C 329 -15.22 5.33 36.32
CA HIS C 329 -14.82 4.22 35.47
C HIS C 329 -15.51 4.32 34.12
N PRO C 330 -14.78 4.38 33.00
CA PRO C 330 -15.43 4.54 31.70
C PRO C 330 -16.32 3.35 31.39
N THR C 331 -17.59 3.65 31.10
CA THR C 331 -18.59 2.63 30.84
C THR C 331 -19.48 3.07 29.69
N ALA C 332 -19.93 2.09 28.90
CA ALA C 332 -20.87 2.31 27.80
C ALA C 332 -22.17 1.65 28.20
N TRP C 333 -23.22 2.47 28.39
CA TRP C 333 -24.48 2.01 28.95
C TRP C 333 -25.47 1.73 27.82
N ASP C 334 -25.98 0.50 27.79
CA ASP C 334 -27.10 0.12 26.94
C ASP C 334 -28.26 -0.08 27.93
N LEU C 335 -29.00 1.00 28.17
CA LEU C 335 -30.07 0.97 29.16
C LEU C 335 -31.30 0.24 28.67
N GLY C 336 -31.42 0.01 27.37
CA GLY C 336 -32.64 -0.50 26.78
C GLY C 336 -33.55 0.65 26.37
N LYS C 337 -34.62 0.27 25.65
CA LYS C 337 -35.55 1.24 25.09
C LYS C 337 -34.83 2.29 24.25
N GLY C 338 -33.79 1.87 23.53
CA GLY C 338 -33.07 2.79 22.67
C GLY C 338 -32.26 3.84 23.40
N ASP C 339 -32.01 3.66 24.69
CA ASP C 339 -31.25 4.62 25.47
C ASP C 339 -29.79 4.20 25.50
N PHE C 340 -28.92 5.02 24.92
CA PHE C 340 -27.49 4.71 24.89
C PHE C 340 -26.75 5.91 25.46
N ARG C 341 -25.85 5.65 26.40
CA ARG C 341 -25.10 6.70 27.07
C ARG C 341 -23.66 6.23 27.24
N ILE C 342 -22.79 7.18 27.55
CA ILE C 342 -21.42 6.89 27.95
C ILE C 342 -21.13 7.64 29.23
N LEU C 343 -20.61 6.93 30.23
CA LEU C 343 -20.22 7.52 31.50
C LEU C 343 -18.70 7.51 31.58
N MET C 344 -18.10 8.69 31.55
CA MET C 344 -16.64 8.79 31.50
C MET C 344 -16.22 10.18 31.96
N CYS C 345 -15.27 10.22 32.89
CA CYS C 345 -14.72 11.49 33.37
C CYS C 345 -13.51 11.86 32.51
N THR C 346 -13.83 12.25 31.28
CA THR C 346 -12.81 12.39 30.23
C THR C 346 -11.85 13.52 30.56
N LYS C 347 -10.56 13.24 30.47
CA LYS C 347 -9.52 14.26 30.46
C LYS C 347 -9.03 14.48 29.04
N VAL C 348 -8.31 15.57 28.85
CA VAL C 348 -7.81 15.94 27.51
C VAL C 348 -6.44 15.28 27.37
N THR C 349 -6.47 13.99 27.05
CA THR C 349 -5.27 13.18 26.89
C THR C 349 -5.45 12.22 25.73
N MET C 350 -4.32 11.76 25.17
CA MET C 350 -4.37 10.82 24.07
C MET C 350 -4.99 9.49 24.50
N ASP C 351 -4.69 9.05 25.73
CA ASP C 351 -5.28 7.81 26.24
C ASP C 351 -6.80 7.91 26.32
N ASP C 352 -7.32 9.05 26.77
CA ASP C 352 -8.77 9.21 26.84
C ASP C 352 -9.38 9.34 25.45
N PHE C 353 -8.65 9.91 24.50
CA PHE C 353 -9.08 9.92 23.11
C PHE C 353 -9.29 8.50 22.58
N LEU C 354 -8.29 7.63 22.74
CA LEU C 354 -8.40 6.26 22.26
C LEU C 354 -9.49 5.48 22.99
N THR C 355 -9.62 5.68 24.30
CA THR C 355 -10.64 4.96 25.05
C THR C 355 -12.05 5.46 24.74
N ALA C 356 -12.18 6.72 24.34
CA ALA C 356 -13.48 7.21 23.86
C ALA C 356 -13.89 6.48 22.59
N HIS C 357 -12.96 6.29 21.66
CA HIS C 357 -13.23 5.46 20.49
C HIS C 357 -13.65 4.06 20.91
N HIS C 358 -12.95 3.49 21.89
CA HIS C 358 -13.27 2.14 22.36
C HIS C 358 -14.69 2.07 22.91
N GLU C 359 -15.04 3.01 23.80
CA GLU C 359 -16.36 2.99 24.43
C GLU C 359 -17.46 3.29 23.41
N MET C 360 -17.20 4.18 22.46
CA MET C 360 -18.18 4.46 21.42
C MET C 360 -18.33 3.27 20.47
N GLY C 361 -17.28 2.46 20.32
CA GLY C 361 -17.43 1.20 19.62
C GLY C 361 -18.39 0.25 20.32
N HIS C 362 -18.28 0.15 21.65
CA HIS C 362 -19.28 -0.56 22.45
C HIS C 362 -20.68 -0.09 22.12
N ILE C 363 -20.88 1.24 22.12
CA ILE C 363 -22.21 1.81 21.88
C ILE C 363 -22.70 1.46 20.49
N GLN C 364 -21.80 1.44 19.50
CA GLN C 364 -22.21 1.08 18.14
C GLN C 364 -22.65 -0.37 18.07
N TYR C 365 -21.93 -1.27 18.75
CA TYR C 365 -22.38 -2.66 18.87
C TYR C 365 -23.78 -2.73 19.45
N ASP C 366 -24.02 -2.03 20.56
CA ASP C 366 -25.33 -2.07 21.20
C ASP C 366 -26.41 -1.53 20.28
N MET C 367 -26.13 -0.43 19.58
CA MET C 367 -27.08 0.13 18.62
C MET C 367 -27.36 -0.84 17.48
N ALA C 368 -26.33 -1.60 17.05
CA ALA C 368 -26.49 -2.45 15.88
C ALA C 368 -27.38 -3.67 16.15
N TYR C 369 -27.35 -4.22 17.37
CA TYR C 369 -28.19 -5.36 17.70
C TYR C 369 -29.44 -4.96 18.50
N ALA C 370 -29.90 -3.72 18.32
CA ALA C 370 -31.04 -3.26 19.10
C ALA C 370 -32.35 -3.89 18.63
N ALA C 371 -32.42 -4.28 17.35
CA ALA C 371 -33.64 -4.87 16.82
C ALA C 371 -33.80 -6.34 17.20
N GLN C 372 -32.79 -6.95 17.81
CA GLN C 372 -32.90 -8.31 18.28
C GLN C 372 -33.83 -8.37 19.50
N PRO C 373 -34.45 -9.52 19.75
CA PRO C 373 -35.21 -9.70 20.99
C PRO C 373 -34.33 -9.51 22.22
N PHE C 374 -34.99 -9.24 23.35
CA PHE C 374 -34.32 -8.79 24.56
C PHE C 374 -33.14 -9.69 24.92
N LEU C 375 -33.41 -10.98 25.15
CA LEU C 375 -32.37 -11.91 25.62
C LEU C 375 -31.27 -12.13 24.58
N LEU C 376 -31.40 -11.58 23.38
CA LEU C 376 -30.38 -11.69 22.35
C LEU C 376 -29.60 -10.39 22.14
N ARG C 377 -29.86 -9.36 22.96
CA ARG C 377 -29.12 -8.11 22.85
C ARG C 377 -27.87 -8.22 23.71
N ASN C 378 -26.83 -8.80 23.12
CA ASN C 378 -25.57 -9.04 23.81
C ASN C 378 -24.53 -9.49 22.79
N GLY C 379 -23.27 -9.38 23.17
CA GLY C 379 -22.20 -9.81 22.29
C GLY C 379 -22.22 -11.30 22.05
N ALA C 380 -21.62 -11.70 20.92
CA ALA C 380 -21.58 -13.11 20.55
C ALA C 380 -21.00 -13.96 21.68
N ASN C 381 -19.89 -13.53 22.24
CA ASN C 381 -19.41 -14.04 23.52
C ASN C 381 -18.85 -12.86 24.32
N GLU C 382 -18.18 -13.17 25.43
CA GLU C 382 -17.72 -12.12 26.34
C GLU C 382 -16.58 -11.30 25.77
N GLY C 383 -15.94 -11.73 24.69
CA GLY C 383 -14.81 -10.99 24.15
C GLY C 383 -15.12 -10.04 23.00
N PHE C 384 -16.34 -10.11 22.46
CA PHE C 384 -16.61 -9.42 21.21
C PHE C 384 -16.66 -7.91 21.39
N HIS C 385 -17.31 -7.43 22.47
CA HIS C 385 -17.41 -5.99 22.69
C HIS C 385 -16.03 -5.35 22.82
N GLU C 386 -15.17 -5.93 23.65
CA GLU C 386 -13.83 -5.37 23.82
C GLU C 386 -13.01 -5.50 22.55
N ALA C 387 -13.19 -6.58 21.80
CA ALA C 387 -12.49 -6.73 20.53
C ALA C 387 -12.89 -5.63 19.55
N VAL C 388 -14.18 -5.30 19.50
CA VAL C 388 -14.64 -4.23 18.60
C VAL C 388 -14.07 -2.89 19.04
N GLY C 389 -14.19 -2.58 20.34
CA GLY C 389 -13.59 -1.36 20.85
C GLY C 389 -12.11 -1.25 20.55
N GLU C 390 -11.38 -2.37 20.63
CA GLU C 390 -9.94 -2.33 20.43
C GLU C 390 -9.52 -2.10 18.99
N ILE C 391 -10.27 -2.62 18.00
CA ILE C 391 -9.92 -2.31 16.61
C ILE C 391 -10.18 -0.84 16.31
N MET C 392 -11.23 -0.26 16.90
CA MET C 392 -11.43 1.17 16.81
C MET C 392 -10.22 1.94 17.33
N SER C 393 -9.75 1.58 18.52
CA SER C 393 -8.65 2.30 19.14
C SER C 393 -7.34 2.10 18.38
N LEU C 394 -7.13 0.90 17.82
CA LEU C 394 -5.95 0.68 16.97
C LEU C 394 -5.97 1.59 15.75
N SER C 395 -7.09 1.61 15.02
CA SER C 395 -7.19 2.49 13.86
C SER C 395 -6.98 3.95 14.23
N ALA C 396 -7.51 4.37 15.38
CA ALA C 396 -7.34 5.75 15.82
C ALA C 396 -5.91 6.04 16.27
N ALA C 397 -5.19 5.02 16.72
CA ALA C 397 -3.84 5.20 17.22
C ALA C 397 -2.79 5.24 16.12
N THR C 398 -3.14 4.78 14.92
CA THR C 398 -2.18 4.79 13.82
C THR C 398 -1.75 6.22 13.52
N PRO C 399 -0.48 6.45 13.18
CA PRO C 399 -0.03 7.82 12.89
C PRO C 399 -0.70 8.43 11.68
N LYS C 400 -1.11 7.62 10.70
CA LYS C 400 -1.83 8.14 9.54
C LYS C 400 -3.14 8.80 9.95
N HIS C 401 -3.92 8.14 10.80
CA HIS C 401 -5.16 8.74 11.29
C HIS C 401 -4.86 9.98 12.14
N LEU C 402 -3.87 9.89 13.03
CA LEU C 402 -3.53 11.02 13.89
C LEU C 402 -3.11 12.24 13.07
N LYS C 403 -2.40 12.03 11.97
CA LYS C 403 -2.03 13.13 11.10
C LYS C 403 -3.24 13.71 10.38
N SER C 404 -4.10 12.84 9.83
CA SER C 404 -5.27 13.31 9.09
C SER C 404 -6.22 14.11 9.98
N ILE C 405 -6.26 13.80 11.28
CA ILE C 405 -7.10 14.56 12.19
C ILE C 405 -6.45 15.89 12.59
N GLY C 406 -5.14 16.02 12.40
CA GLY C 406 -4.44 17.26 12.65
C GLY C 406 -3.83 17.41 14.02
N LEU C 407 -3.75 16.32 14.79
CA LEU C 407 -3.10 16.34 16.10
C LEU C 407 -1.62 15.98 16.03
N LEU C 408 -1.17 15.43 14.91
CA LEU C 408 0.23 15.13 14.66
C LEU C 408 0.72 15.95 13.48
N SER C 409 1.95 16.44 13.55
CA SER C 409 2.49 17.28 12.50
C SER C 409 2.55 16.51 11.18
N PRO C 410 2.26 17.17 10.05
CA PRO C 410 2.37 16.49 8.76
C PRO C 410 3.79 16.08 8.40
N ASP C 411 4.81 16.77 8.93
CA ASP C 411 6.20 16.44 8.66
C ASP C 411 6.80 15.50 9.70
N PHE C 412 5.99 14.61 10.27
CA PHE C 412 6.51 13.58 11.16
C PHE C 412 7.04 12.43 10.30
N GLN C 413 8.35 12.20 10.36
CA GLN C 413 8.96 11.19 9.51
C GLN C 413 8.75 9.82 10.13
N GLU C 414 8.25 8.88 9.35
CA GLU C 414 8.03 7.52 9.83
C GLU C 414 9.24 6.68 9.49
N ASP C 415 10.24 6.69 10.35
CA ASP C 415 11.36 5.79 10.13
C ASP C 415 10.87 4.36 10.37
N ASN C 416 11.74 3.39 10.08
CA ASN C 416 11.51 2.03 10.56
C ASN C 416 11.87 1.88 12.03
N GLU C 417 12.43 2.92 12.64
CA GLU C 417 12.74 2.90 14.06
C GLU C 417 11.56 3.45 14.83
N THR C 418 10.90 4.46 14.27
CA THR C 418 9.64 4.90 14.85
C THR C 418 8.62 3.77 14.82
N GLU C 419 8.69 2.92 13.79
CA GLU C 419 7.81 1.76 13.70
C GLU C 419 8.09 0.75 14.79
N ILE C 420 9.38 0.49 15.08
CA ILE C 420 9.73 -0.43 16.14
C ILE C 420 9.37 0.14 17.50
N ASN C 421 9.54 1.46 17.66
CA ASN C 421 9.09 2.13 18.88
C ASN C 421 7.59 1.91 19.10
N PHE C 422 6.79 2.18 18.07
CA PHE C 422 5.34 2.03 18.20
C PHE C 422 4.96 0.58 18.49
N LEU C 423 5.59 -0.37 17.80
CA LEU C 423 5.27 -1.79 18.00
C LEU C 423 5.71 -2.27 19.36
N LEU C 424 6.84 -1.78 19.86
CA LEU C 424 7.30 -2.16 21.20
C LEU C 424 6.35 -1.65 22.28
N LYS C 425 5.90 -0.39 22.16
CA LYS C 425 4.95 0.13 23.14
C LYS C 425 3.62 -0.62 23.07
N GLN C 426 3.18 -0.99 21.87
CA GLN C 426 1.98 -1.82 21.73
C GLN C 426 2.16 -3.18 22.38
N ALA C 427 3.35 -3.78 22.22
CA ALA C 427 3.56 -5.14 22.71
C ALA C 427 3.59 -5.19 24.23
N LEU C 428 4.24 -4.21 24.86
CA LEU C 428 4.29 -4.15 26.32
C LEU C 428 2.89 -4.30 26.93
N THR C 429 1.88 -3.74 26.28
CA THR C 429 0.50 -3.83 26.74
C THR C 429 -0.21 -5.10 26.26
N ILE C 430 -0.16 -5.37 24.95
CA ILE C 430 -1.03 -6.37 24.37
C ILE C 430 -0.48 -7.77 24.57
N VAL C 431 0.81 -7.98 24.26
CA VAL C 431 1.40 -9.30 24.43
C VAL C 431 1.94 -9.52 25.84
N GLY C 432 2.26 -8.44 26.56
CA GLY C 432 2.68 -8.57 27.95
C GLY C 432 1.60 -9.12 28.85
N THR C 433 0.34 -8.94 28.47
CA THR C 433 -0.79 -9.35 29.30
C THR C 433 -1.25 -10.77 29.05
N LEU C 434 -0.81 -11.41 27.96
CA LEU C 434 -1.35 -12.72 27.62
C LEU C 434 -0.90 -13.82 28.56
N PRO C 435 0.39 -13.98 28.89
CA PRO C 435 0.75 -15.01 29.89
C PRO C 435 0.12 -14.74 31.25
N PHE C 436 0.05 -13.47 31.64
CA PHE C 436 -0.61 -13.08 32.89
C PHE C 436 -2.06 -13.56 32.89
N THR C 437 -2.79 -13.23 31.82
CA THR C 437 -4.20 -13.59 31.71
C THR C 437 -4.41 -15.10 31.73
N TYR C 438 -3.63 -15.83 30.94
CA TYR C 438 -3.81 -17.28 30.85
C TYR C 438 -3.55 -17.97 32.19
N MET C 439 -2.52 -17.56 32.92
CA MET C 439 -2.24 -18.22 34.19
C MET C 439 -3.30 -17.94 35.26
N LEU C 440 -3.77 -16.69 35.34
CA LEU C 440 -4.81 -16.40 36.31
C LEU C 440 -6.03 -17.29 36.07
N GLU C 441 -6.47 -17.39 34.82
CA GLU C 441 -7.63 -18.23 34.57
C GLU C 441 -7.30 -19.70 34.75
N LYS C 442 -6.05 -20.10 34.42
CA LYS C 442 -5.62 -21.47 34.66
C LYS C 442 -5.60 -21.78 36.15
N TRP C 443 -5.06 -20.87 36.96
CA TRP C 443 -5.06 -21.05 38.41
C TRP C 443 -6.48 -21.13 38.94
N ARG C 444 -7.35 -20.24 38.44
CA ARG C 444 -8.74 -20.20 38.87
C ARG C 444 -9.45 -21.50 38.50
N TRP C 445 -9.27 -21.94 37.25
CA TRP C 445 -9.85 -23.20 36.81
C TRP C 445 -9.42 -24.36 37.70
N MET C 446 -8.11 -24.45 37.99
CA MET C 446 -7.61 -25.55 38.80
C MET C 446 -8.13 -25.49 40.23
N VAL C 447 -8.24 -24.28 40.79
CA VAL C 447 -8.77 -24.14 42.15
C VAL C 447 -10.23 -24.57 42.19
N PHE C 448 -11.04 -24.10 41.24
CA PHE C 448 -12.44 -24.50 41.18
C PHE C 448 -12.58 -26.00 40.96
N LYS C 449 -11.71 -26.57 40.13
CA LYS C 449 -11.74 -28.01 39.86
C LYS C 449 -11.28 -28.85 41.04
N GLY C 450 -10.73 -28.22 42.08
CA GLY C 450 -10.22 -28.98 43.21
C GLY C 450 -8.90 -29.68 42.97
N GLU C 451 -8.08 -29.17 42.06
CA GLU C 451 -6.78 -29.77 41.80
C GLU C 451 -5.68 -29.16 42.64
N ILE C 452 -5.89 -27.98 43.21
CA ILE C 452 -4.94 -27.31 44.08
C ILE C 452 -5.54 -27.26 45.48
N PRO C 453 -5.06 -28.08 46.42
CA PRO C 453 -5.56 -28.02 47.79
C PRO C 453 -5.34 -26.65 48.41
N LYS C 454 -6.12 -26.38 49.46
CA LYS C 454 -6.05 -25.07 50.12
C LYS C 454 -4.67 -24.82 50.72
N ASP C 455 -4.00 -25.88 51.17
CA ASP C 455 -2.71 -25.78 51.83
C ASP C 455 -1.57 -25.54 50.84
N GLN C 456 -1.88 -25.42 49.54
CA GLN C 456 -0.87 -25.06 48.56
C GLN C 456 -1.44 -24.11 47.51
N TRP C 457 -2.41 -23.27 47.89
CA TRP C 457 -2.91 -22.24 46.98
C TRP C 457 -1.78 -21.33 46.50
N MET C 458 -1.11 -20.66 47.45
CA MET C 458 -0.04 -19.73 47.09
C MET C 458 1.20 -20.42 46.55
N LYS C 459 1.50 -21.64 47.05
CA LYS C 459 2.61 -22.40 46.50
C LYS C 459 2.45 -22.62 45.00
N LYS C 460 1.31 -23.18 44.59
CA LYS C 460 1.08 -23.42 43.17
C LYS C 460 0.94 -22.12 42.38
N TRP C 461 0.38 -21.08 42.99
CA TRP C 461 0.27 -19.79 42.32
C TRP C 461 1.64 -19.27 41.88
N TRP C 462 2.62 -19.27 42.79
CA TRP C 462 3.93 -18.72 42.46
C TRP C 462 4.78 -19.71 41.67
N GLU C 463 4.59 -21.01 41.85
CA GLU C 463 5.20 -21.98 40.95
C GLU C 463 4.78 -21.72 39.51
N MET C 464 3.48 -21.50 39.30
CA MET C 464 2.97 -21.23 37.96
C MET C 464 3.44 -19.88 37.45
N LYS C 465 3.47 -18.87 38.34
CA LYS C 465 4.03 -17.56 38.01
C LYS C 465 5.40 -17.69 37.37
N ARG C 466 6.34 -18.30 38.10
CA ARG C 466 7.69 -18.50 37.59
C ARG C 466 7.65 -19.17 36.21
N GLU C 467 7.09 -20.39 36.15
CA GLU C 467 7.18 -21.21 34.95
C GLU C 467 6.58 -20.54 33.72
N ILE C 468 5.37 -19.98 33.83
CA ILE C 468 4.69 -19.51 32.62
C ILE C 468 5.07 -18.08 32.25
N VAL C 469 4.89 -17.14 33.17
CA VAL C 469 5.08 -15.72 32.84
C VAL C 469 6.54 -15.30 32.98
N GLY C 470 7.37 -16.07 33.67
CA GLY C 470 8.72 -15.61 33.91
C GLY C 470 8.81 -14.51 34.94
N VAL C 471 7.96 -14.57 35.97
CA VAL C 471 7.88 -13.53 36.99
C VAL C 471 7.99 -14.23 38.34
N VAL C 472 8.76 -13.64 39.25
CA VAL C 472 9.08 -14.22 40.55
C VAL C 472 8.74 -13.23 41.65
N GLU C 473 8.23 -13.75 42.77
CA GLU C 473 7.84 -12.90 43.87
C GLU C 473 9.10 -12.31 44.54
N PRO C 474 9.04 -11.05 44.96
CA PRO C 474 10.21 -10.46 45.64
C PRO C 474 10.41 -10.94 47.06
N VAL C 475 9.35 -11.37 47.75
CA VAL C 475 9.47 -11.95 49.09
C VAL C 475 8.63 -13.22 49.16
N PRO C 476 9.03 -14.22 49.95
CA PRO C 476 8.27 -15.48 49.98
C PRO C 476 6.92 -15.29 50.65
N HIS C 477 5.94 -16.05 50.16
CA HIS C 477 4.57 -15.93 50.63
C HIS C 477 4.04 -17.30 51.03
N ASP C 478 3.53 -17.40 52.26
CA ASP C 478 2.91 -18.64 52.71
C ASP C 478 1.42 -18.64 52.34
N GLU C 479 0.68 -19.59 52.90
CA GLU C 479 -0.74 -19.73 52.58
C GLU C 479 -1.63 -18.72 53.29
N THR C 480 -1.06 -17.81 54.10
CA THR C 480 -1.86 -16.74 54.67
C THR C 480 -2.27 -15.73 53.62
N TYR C 481 -1.40 -15.46 52.64
CA TYR C 481 -1.72 -14.49 51.61
C TYR C 481 -2.75 -15.06 50.62
N CYS C 482 -3.31 -14.17 49.82
CA CYS C 482 -4.20 -14.54 48.72
C CYS C 482 -3.98 -13.55 47.58
N ASP C 483 -2.74 -13.51 47.07
CA ASP C 483 -2.36 -12.52 46.08
C ASP C 483 -3.23 -12.50 44.83
N PRO C 484 -3.71 -13.64 44.29
CA PRO C 484 -4.64 -13.54 43.16
C PRO C 484 -5.87 -12.69 43.45
N ALA C 485 -6.41 -12.77 44.67
CA ALA C 485 -7.57 -11.97 45.03
C ALA C 485 -7.23 -10.49 45.22
N SER C 486 -5.96 -10.13 45.18
CA SER C 486 -5.57 -8.71 45.23
C SER C 486 -5.79 -8.01 43.90
N LEU C 487 -6.38 -8.69 42.92
CA LEU C 487 -6.77 -8.09 41.65
C LEU C 487 -8.29 -7.90 41.61
N PHE C 488 -8.71 -6.83 40.92
CA PHE C 488 -10.12 -6.46 40.92
C PHE C 488 -11.00 -7.59 40.39
N HIS C 489 -10.64 -8.13 39.23
CA HIS C 489 -11.48 -9.15 38.59
C HIS C 489 -11.62 -10.39 39.46
N VAL C 490 -10.60 -10.75 40.23
CA VAL C 490 -10.66 -11.94 41.06
C VAL C 490 -11.53 -11.70 42.29
N SER C 491 -11.33 -10.55 42.96
CA SER C 491 -12.09 -10.24 44.17
C SER C 491 -13.49 -9.72 43.89
N ASN C 492 -13.86 -9.50 42.63
CA ASN C 492 -15.17 -8.99 42.28
C ASN C 492 -15.94 -9.96 41.36
N ASP C 493 -15.51 -11.22 41.31
CA ASP C 493 -16.28 -12.29 40.67
C ASP C 493 -16.48 -12.02 39.18
N TYR C 494 -15.40 -11.61 38.51
CA TYR C 494 -15.39 -11.43 37.07
C TYR C 494 -14.45 -12.45 36.44
N SER C 495 -14.92 -13.12 35.40
CA SER C 495 -14.05 -13.99 34.62
C SER C 495 -12.97 -13.17 33.94
N PHE C 496 -11.88 -13.83 33.55
CA PHE C 496 -10.71 -13.14 33.04
C PHE C 496 -10.29 -13.56 31.64
N ILE C 497 -10.63 -14.77 31.21
CA ILE C 497 -10.27 -15.30 29.90
C ILE C 497 -10.92 -14.52 28.76
N ARG C 498 -11.92 -13.68 29.07
CA ARG C 498 -12.56 -12.85 28.06
C ARG C 498 -11.53 -12.03 27.30
N TYR C 499 -10.50 -11.62 28.01
CA TYR C 499 -9.46 -10.75 27.47
C TYR C 499 -8.52 -11.49 26.54
N TYR C 500 -8.18 -12.73 26.88
CA TYR C 500 -7.39 -13.55 25.96
C TYR C 500 -8.13 -13.68 24.64
N THR C 501 -9.38 -14.11 24.73
CA THR C 501 -10.17 -14.31 23.49
C THR C 501 -10.29 -12.97 22.76
N ARG C 502 -10.52 -11.89 23.51
CA ARG C 502 -10.72 -10.56 22.88
C ARG C 502 -9.45 -10.19 22.11
N THR C 503 -8.29 -10.44 22.71
CA THR C 503 -7.00 -10.10 22.05
C THR C 503 -6.97 -10.80 20.70
N LEU C 504 -7.20 -12.11 20.69
CA LEU C 504 -7.09 -12.82 19.43
C LEU C 504 -8.17 -12.37 18.46
N TYR C 505 -9.40 -12.21 18.96
CA TYR C 505 -10.50 -11.77 18.09
C TYR C 505 -10.18 -10.43 17.45
N GLN C 506 -9.58 -9.51 18.23
CA GLN C 506 -9.39 -8.14 17.73
C GLN C 506 -8.39 -8.06 16.59
N PHE C 507 -7.32 -8.86 16.65
CA PHE C 507 -6.36 -8.84 15.55
C PHE C 507 -6.85 -9.64 14.37
N GLN C 508 -7.61 -10.71 14.64
CA GLN C 508 -8.35 -11.39 13.58
C GLN C 508 -9.27 -10.44 12.83
N PHE C 509 -10.06 -9.67 13.59
CA PHE C 509 -10.99 -8.71 13.01
C PHE C 509 -10.27 -7.63 12.22
N GLN C 510 -9.17 -7.13 12.77
CA GLN C 510 -8.42 -6.06 12.12
C GLN C 510 -7.89 -6.51 10.78
N GLU C 511 -7.32 -7.72 10.70
CA GLU C 511 -6.86 -8.23 9.42
C GLU C 511 -7.99 -8.30 8.42
N ALA C 512 -9.13 -8.85 8.83
CA ALA C 512 -10.26 -9.00 7.92
C ALA C 512 -10.72 -7.64 7.41
N LEU C 513 -10.89 -6.67 8.31
CA LEU C 513 -11.43 -5.38 7.92
C LEU C 513 -10.41 -4.56 7.13
N CYS C 514 -9.11 -4.80 7.35
CA CYS C 514 -8.10 -4.11 6.56
C CYS C 514 -7.93 -4.73 5.18
N GLN C 515 -8.09 -6.05 5.06
CA GLN C 515 -8.20 -6.65 3.73
C GLN C 515 -9.42 -6.12 3.00
N ALA C 516 -10.53 -5.95 3.71
CA ALA C 516 -11.73 -5.35 3.12
C ALA C 516 -11.46 -3.91 2.69
N ALA C 517 -10.67 -3.18 3.48
CA ALA C 517 -10.31 -1.81 3.17
C ALA C 517 -9.17 -1.71 2.16
N LYS C 518 -8.79 -2.83 1.55
CA LYS C 518 -7.76 -2.87 0.51
C LYS C 518 -6.41 -2.37 1.01
N HIS C 519 -6.17 -2.49 2.31
CA HIS C 519 -4.90 -2.05 2.88
C HIS C 519 -3.76 -2.92 2.35
N GLU C 520 -2.58 -2.31 2.21
CA GLU C 520 -1.47 -2.95 1.54
C GLU C 520 -0.23 -3.07 2.42
N GLY C 521 0.05 -2.06 3.25
CA GLY C 521 1.25 -2.05 4.04
C GLY C 521 1.22 -3.01 5.20
N PRO C 522 2.11 -2.83 6.17
CA PRO C 522 2.06 -3.63 7.40
C PRO C 522 0.76 -3.40 8.15
N LEU C 523 0.25 -4.47 8.77
CA LEU C 523 -1.08 -4.41 9.36
C LEU C 523 -1.19 -3.32 10.42
N HIS C 524 -0.15 -3.14 11.22
CA HIS C 524 -0.19 -2.14 12.28
C HIS C 524 -0.27 -0.71 11.76
N LYS C 525 -0.05 -0.49 10.47
CA LYS C 525 -0.21 0.83 9.85
C LYS C 525 -1.57 1.03 9.22
N CYS C 526 -2.53 0.15 9.51
CA CYS C 526 -3.82 0.17 8.83
C CYS C 526 -4.79 1.09 9.57
N ASP C 527 -5.46 1.96 8.81
CA ASP C 527 -6.51 2.82 9.32
C ASP C 527 -7.75 2.57 8.48
N ILE C 528 -8.78 2.00 9.10
CA ILE C 528 -9.99 1.57 8.38
C ILE C 528 -10.91 2.76 8.13
N SER C 529 -10.43 3.96 8.46
CA SER C 529 -11.21 5.17 8.21
C SER C 529 -11.57 5.26 6.73
N ASN C 530 -12.74 5.84 6.45
CA ASN C 530 -13.24 6.07 5.10
C ASN C 530 -13.53 4.78 4.34
N SER C 531 -13.75 3.67 5.03
CA SER C 531 -13.99 2.39 4.37
C SER C 531 -15.41 1.91 4.66
N THR C 532 -16.34 2.27 3.77
CA THR C 532 -17.71 1.79 3.91
C THR C 532 -17.79 0.28 3.73
N GLU C 533 -16.85 -0.30 2.97
CA GLU C 533 -16.80 -1.75 2.81
C GLU C 533 -16.48 -2.44 4.13
N ALA C 534 -15.44 -1.96 4.83
CA ALA C 534 -15.11 -2.51 6.13
C ALA C 534 -16.23 -2.28 7.14
N GLY C 535 -16.84 -1.09 7.10
CA GLY C 535 -17.98 -0.83 7.97
C GLY C 535 -19.12 -1.81 7.76
N GLN C 536 -19.47 -2.06 6.50
CA GLN C 536 -20.54 -3.00 6.20
C GLN C 536 -20.17 -4.42 6.63
N LYS C 537 -18.93 -4.83 6.38
CA LYS C 537 -18.51 -6.19 6.76
C LYS C 537 -18.56 -6.39 8.27
N LEU C 538 -18.24 -5.35 9.03
CA LEU C 538 -18.32 -5.44 10.49
C LEU C 538 -19.77 -5.36 10.97
N PHE C 539 -20.59 -4.54 10.32
CA PHE C 539 -21.99 -4.42 10.73
C PHE C 539 -22.77 -5.71 10.52
N ASN C 540 -22.44 -6.46 9.46
CA ASN C 540 -23.08 -7.75 9.23
C ASN C 540 -22.92 -8.69 10.42
N MET C 541 -21.83 -8.55 11.17
CA MET C 541 -21.62 -9.32 12.38
C MET C 541 -22.21 -8.64 13.61
N LEU C 542 -22.11 -7.31 13.68
CA LEU C 542 -22.59 -6.58 14.84
C LEU C 542 -24.09 -6.78 15.04
N ARG C 543 -24.85 -6.76 13.94
CA ARG C 543 -26.31 -6.83 14.03
C ARG C 543 -26.82 -8.15 14.57
N LEU C 544 -25.99 -9.20 14.58
CA LEU C 544 -26.47 -10.50 15.00
C LEU C 544 -26.70 -10.58 16.50
N GLY C 545 -25.94 -9.83 17.28
CA GLY C 545 -26.00 -10.01 18.73
C GLY C 545 -25.62 -11.41 19.12
N LYS C 546 -26.42 -12.00 20.03
CA LYS C 546 -26.23 -13.37 20.47
C LYS C 546 -27.25 -14.31 19.83
N SER C 547 -27.77 -13.96 18.65
CA SER C 547 -28.73 -14.81 17.98
C SER C 547 -28.07 -16.02 17.34
N GLU C 548 -26.92 -15.81 16.71
CA GLU C 548 -26.15 -16.86 16.08
C GLU C 548 -24.98 -17.26 16.96
N PRO C 549 -24.46 -18.48 16.81
CA PRO C 549 -23.29 -18.88 17.59
C PRO C 549 -22.10 -17.97 17.33
N TRP C 550 -21.25 -17.83 18.35
CA TRP C 550 -20.09 -16.95 18.22
C TRP C 550 -19.13 -17.45 17.15
N THR C 551 -19.06 -18.77 16.94
CA THR C 551 -18.23 -19.31 15.87
C THR C 551 -18.74 -18.85 14.50
N LEU C 552 -20.05 -18.92 14.30
CA LEU C 552 -20.63 -18.46 13.04
C LEU C 552 -20.45 -16.96 12.87
N ALA C 553 -20.61 -16.20 13.95
CA ALA C 553 -20.42 -14.75 13.88
C ALA C 553 -18.99 -14.40 13.54
N LEU C 554 -18.03 -15.13 14.11
CA LEU C 554 -16.62 -14.90 13.79
C LEU C 554 -16.31 -15.30 12.35
N GLU C 555 -16.93 -16.37 11.87
CA GLU C 555 -16.72 -16.79 10.49
C GLU C 555 -17.27 -15.76 9.51
N ASN C 556 -18.40 -15.14 9.84
CA ASN C 556 -19.02 -14.16 8.96
C ASN C 556 -18.06 -13.03 8.59
N VAL C 557 -17.12 -12.69 9.46
CA VAL C 557 -16.22 -11.57 9.23
C VAL C 557 -14.83 -12.02 8.81
N VAL C 558 -14.29 -13.06 9.46
CA VAL C 558 -12.90 -13.46 9.22
C VAL C 558 -12.78 -14.74 8.42
N GLY C 559 -13.86 -15.50 8.24
CA GLY C 559 -13.78 -16.73 7.47
C GLY C 559 -13.31 -17.95 8.22
N ALA C 560 -13.28 -17.91 9.55
CA ALA C 560 -12.80 -19.03 10.34
C ALA C 560 -13.74 -19.29 11.51
N LYS C 561 -13.95 -20.57 11.81
CA LYS C 561 -14.85 -20.98 12.89
C LYS C 561 -14.20 -20.91 14.27
N ASN C 562 -12.95 -20.51 14.37
CA ASN C 562 -12.24 -20.57 15.64
C ASN C 562 -11.22 -19.44 15.72
N MET C 563 -10.71 -19.22 16.92
CA MET C 563 -9.72 -18.19 17.17
C MET C 563 -8.37 -18.58 16.55
N ASN C 564 -7.64 -17.57 16.07
CA ASN C 564 -6.39 -17.77 15.34
C ASN C 564 -5.34 -16.78 15.83
N VAL C 565 -4.10 -17.23 15.90
CA VAL C 565 -3.01 -16.41 16.43
C VAL C 565 -2.15 -15.76 15.35
N ARG C 566 -2.18 -16.28 14.12
CA ARG C 566 -1.34 -15.69 13.07
C ARG C 566 -1.66 -14.22 12.78
N PRO C 567 -2.90 -13.73 12.89
CA PRO C 567 -3.10 -12.28 12.79
C PRO C 567 -2.26 -11.51 13.80
N LEU C 568 -2.28 -11.96 15.06
CA LEU C 568 -1.47 -11.32 16.10
C LEU C 568 0.02 -11.43 15.79
N LEU C 569 0.47 -12.63 15.41
CA LEU C 569 1.88 -12.84 15.14
C LEU C 569 2.34 -12.04 13.92
N ASN C 570 1.48 -11.92 12.92
CA ASN C 570 1.82 -11.10 11.74
C ASN C 570 1.81 -9.62 12.08
N TYR C 571 0.93 -9.18 12.97
CA TYR C 571 0.95 -7.79 13.43
C TYR C 571 2.28 -7.45 14.08
N PHE C 572 2.84 -8.37 14.85
CA PHE C 572 4.06 -8.12 15.61
C PHE C 572 5.31 -8.71 14.97
N GLU C 573 5.19 -9.30 13.78
CA GLU C 573 6.33 -9.92 13.10
C GLU C 573 7.54 -9.00 13.00
N PRO C 574 7.43 -7.73 12.58
CA PRO C 574 8.65 -6.91 12.50
C PRO C 574 9.35 -6.73 13.84
N LEU C 575 8.59 -6.42 14.89
CA LEU C 575 9.17 -6.36 16.23
C LEU C 575 9.75 -7.70 16.65
N PHE C 576 9.16 -8.81 16.20
CA PHE C 576 9.66 -10.13 16.55
C PHE C 576 11.07 -10.35 16.01
N THR C 577 11.29 -10.04 14.72
CA THR C 577 12.63 -10.19 14.15
C THR C 577 13.61 -9.23 14.80
N TRP C 578 13.17 -8.01 15.11
CA TRP C 578 14.03 -7.03 15.76
C TRP C 578 14.46 -7.52 17.15
N LEU C 579 13.53 -8.12 17.90
CA LEU C 579 13.89 -8.68 19.20
C LEU C 579 14.86 -9.84 19.04
N LYS C 580 14.63 -10.72 18.08
CA LYS C 580 15.53 -11.84 17.85
C LYS C 580 16.95 -11.37 17.56
N ASP C 581 17.09 -10.25 16.81
CA ASP C 581 18.41 -9.70 16.58
C ASP C 581 18.98 -9.05 17.84
N GLN C 582 18.15 -8.31 18.59
CA GLN C 582 18.62 -7.61 19.77
C GLN C 582 19.04 -8.54 20.89
N ASN C 583 18.52 -9.78 20.92
CA ASN C 583 18.80 -10.75 21.97
C ASN C 583 19.83 -11.78 21.55
N LYS C 584 20.63 -11.50 20.51
CA LYS C 584 21.58 -12.48 20.01
C LYS C 584 22.58 -12.88 21.09
N ASN C 585 23.04 -11.93 21.89
CA ASN C 585 23.99 -12.18 22.98
C ASN C 585 23.30 -12.13 24.34
N SER C 586 22.00 -12.37 24.38
CA SER C 586 21.23 -12.38 25.61
C SER C 586 20.59 -13.75 25.80
N PHE C 587 20.31 -14.09 27.05
CA PHE C 587 19.65 -15.34 27.38
C PHE C 587 18.15 -15.21 27.13
N VAL C 588 17.59 -16.20 26.41
CA VAL C 588 16.17 -16.24 26.12
C VAL C 588 15.57 -17.42 26.86
N GLY C 589 14.54 -17.17 27.64
CA GLY C 589 14.05 -18.12 28.62
C GLY C 589 14.33 -17.63 30.03
N TRP C 590 14.01 -18.49 31.00
CA TRP C 590 14.22 -18.15 32.39
C TRP C 590 14.25 -19.42 33.24
N SER C 591 15.09 -19.42 34.26
CA SER C 591 15.05 -20.46 35.28
C SER C 591 13.96 -20.15 36.29
N THR C 592 13.23 -21.18 36.68
CA THR C 592 12.13 -21.02 37.63
C THR C 592 12.59 -21.00 39.08
N ASP C 593 13.89 -21.10 39.34
CA ASP C 593 14.39 -21.33 40.70
C ASP C 593 15.05 -20.12 41.32
N TRP C 594 15.57 -19.19 40.53
CA TRP C 594 16.21 -18.01 41.11
C TRP C 594 15.20 -17.07 41.75
N SER C 595 15.55 -16.52 42.89
CA SER C 595 14.67 -15.60 43.59
C SER C 595 15.45 -14.39 44.11
N PRO C 596 14.80 -13.23 44.20
CA PRO C 596 15.43 -12.06 44.81
C PRO C 596 15.60 -12.18 46.32
N TYR C 597 15.24 -13.33 46.88
CA TYR C 597 15.33 -13.64 48.30
C TYR C 597 16.01 -14.99 48.46
N ALA C 598 16.48 -15.29 49.67
CA ALA C 598 17.14 -16.56 49.90
C ALA C 598 16.74 -17.11 51.26
N ASP C 599 16.32 -18.37 51.25
CA ASP C 599 15.75 -19.07 52.40
C ASP C 599 14.59 -18.31 53.03
N ASN D 18 -71.24 29.13 11.38
CA ASN D 18 -71.30 28.49 10.07
C ASN D 18 -69.90 28.15 9.58
N LEU D 19 -68.91 28.60 10.34
CA LEU D 19 -67.50 28.29 10.10
C LEU D 19 -67.01 27.43 11.25
N CYS D 20 -66.33 26.32 10.93
CA CYS D 20 -65.74 25.50 11.99
C CYS D 20 -64.27 25.24 11.72
N PRO D 21 -63.39 25.56 12.67
CA PRO D 21 -61.98 25.21 12.54
C PRO D 21 -61.64 23.84 13.09
N PHE D 22 -62.58 23.18 13.76
CA PHE D 22 -62.35 21.94 14.50
C PHE D 22 -61.01 22.00 15.25
N GLY D 23 -60.85 23.10 16.00
CA GLY D 23 -59.56 23.37 16.64
C GLY D 23 -59.19 22.37 17.72
N GLU D 24 -60.18 21.88 18.47
CA GLU D 24 -59.90 20.90 19.51
C GLU D 24 -59.35 19.60 18.96
N VAL D 25 -59.62 19.28 17.70
CA VAL D 25 -59.09 18.04 17.12
C VAL D 25 -57.57 17.99 17.25
N PHE D 26 -56.88 19.02 16.75
CA PHE D 26 -55.43 18.97 16.68
C PHE D 26 -54.75 19.24 18.02
N ASN D 27 -55.27 20.16 18.83
CA ASN D 27 -54.69 20.49 20.13
C ASN D 27 -55.70 20.14 21.20
N ALA D 28 -55.43 19.05 21.93
CA ALA D 28 -56.26 18.65 23.06
C ALA D 28 -55.35 18.30 24.22
N THR D 29 -55.91 18.35 25.44
CA THR D 29 -55.13 18.00 26.62
C THR D 29 -54.61 16.57 26.54
N THR D 30 -55.47 15.63 26.14
CA THR D 30 -55.09 14.23 26.01
C THR D 30 -55.83 13.60 24.84
N PHE D 31 -55.33 12.45 24.40
CA PHE D 31 -56.00 11.60 23.42
C PHE D 31 -56.36 10.25 24.05
N ALA D 32 -56.79 9.32 23.20
CA ALA D 32 -57.25 8.00 23.61
C ALA D 32 -56.26 6.94 23.14
N SER D 33 -56.36 5.76 23.77
CA SER D 33 -55.50 4.64 23.40
C SER D 33 -55.85 4.13 22.01
N VAL D 34 -54.86 3.50 21.36
CA VAL D 34 -55.04 3.05 19.97
C VAL D 34 -56.14 1.99 19.88
N TYR D 35 -56.26 1.12 20.89
CA TYR D 35 -57.22 0.03 20.80
C TYR D 35 -58.65 0.56 20.88
N ALA D 36 -58.84 1.77 21.43
CA ALA D 36 -60.13 2.46 21.46
C ALA D 36 -59.94 3.84 20.82
N TRP D 37 -60.04 3.89 19.50
CA TRP D 37 -59.90 5.13 18.74
C TRP D 37 -61.24 5.86 18.64
N ASN D 38 -61.17 7.18 18.52
CA ASN D 38 -62.34 8.04 18.55
C ASN D 38 -62.58 8.67 17.18
N ARG D 39 -63.85 8.76 16.78
CA ARG D 39 -64.25 9.33 15.51
C ARG D 39 -65.06 10.60 15.75
N LYS D 40 -64.78 11.63 14.95
CA LYS D 40 -65.50 12.90 15.05
C LYS D 40 -65.93 13.36 13.66
N ARG D 41 -67.19 13.79 13.55
CA ARG D 41 -67.76 14.34 12.32
C ARG D 41 -67.82 15.85 12.41
N ILE D 42 -67.46 16.53 11.31
CA ILE D 42 -67.44 17.99 11.24
C ILE D 42 -68.24 18.44 10.04
N SER D 43 -68.84 19.63 10.15
CA SER D 43 -69.74 20.13 9.12
C SER D 43 -69.67 21.65 9.03
N ASN D 44 -69.65 22.16 7.79
CA ASN D 44 -69.52 23.59 7.49
C ASN D 44 -68.19 24.16 7.98
N CYS D 45 -67.10 23.48 7.65
CA CYS D 45 -65.77 23.90 8.06
C CYS D 45 -65.04 24.61 6.93
N VAL D 46 -64.36 25.71 7.26
CA VAL D 46 -63.41 26.33 6.35
C VAL D 46 -62.12 25.52 6.39
N ALA D 47 -62.02 24.53 5.49
CA ALA D 47 -60.90 23.60 5.47
C ALA D 47 -59.67 24.34 4.93
N ASP D 48 -59.05 25.12 5.82
CA ASP D 48 -57.83 25.85 5.48
C ASP D 48 -56.65 24.97 5.86
N TYR D 49 -56.01 24.38 4.86
CA TYR D 49 -54.88 23.49 5.09
C TYR D 49 -53.55 24.22 5.02
N SER D 50 -53.49 25.36 4.33
CA SER D 50 -52.25 26.12 4.23
C SER D 50 -51.81 26.64 5.59
N VAL D 51 -52.77 27.09 6.40
CA VAL D 51 -52.43 27.56 7.74
C VAL D 51 -52.05 26.40 8.65
N LEU D 52 -52.41 25.16 8.28
CA LEU D 52 -52.08 24.01 9.11
C LEU D 52 -50.59 23.66 9.03
N TYR D 53 -49.98 23.84 7.85
CA TYR D 53 -48.57 23.48 7.71
C TYR D 53 -47.69 24.38 8.57
N ASN D 54 -48.01 25.67 8.62
CA ASN D 54 -47.21 26.61 9.39
C ASN D 54 -47.47 26.48 10.89
N SER D 55 -48.69 26.11 11.28
CA SER D 55 -49.06 26.11 12.69
C SER D 55 -48.34 25.01 13.47
N THR D 56 -48.19 23.83 12.87
CA THR D 56 -47.64 22.68 13.58
C THR D 56 -46.74 21.89 12.65
N SER D 57 -45.61 21.42 13.19
CA SER D 57 -44.70 20.58 12.44
C SER D 57 -45.24 19.14 12.39
N PHE D 58 -45.34 18.59 11.19
CA PHE D 58 -45.88 17.25 10.99
C PHE D 58 -44.77 16.34 10.47
N SER D 59 -44.44 15.30 11.23
CA SER D 59 -43.36 14.40 10.83
C SER D 59 -43.74 13.59 9.59
N THR D 60 -45.03 13.36 9.36
CA THR D 60 -45.47 12.60 8.19
C THR D 60 -46.86 13.07 7.80
N PHE D 61 -47.01 13.45 6.52
CA PHE D 61 -48.29 13.93 5.99
C PHE D 61 -48.33 13.60 4.51
N LYS D 62 -49.02 12.50 4.18
CA LYS D 62 -49.16 12.07 2.79
C LYS D 62 -50.60 11.66 2.54
N CYS D 63 -51.12 12.04 1.38
CA CYS D 63 -52.49 11.76 0.98
C CYS D 63 -52.52 10.67 -0.07
N TYR D 64 -53.62 9.94 -0.13
CA TYR D 64 -53.74 8.75 -0.97
C TYR D 64 -54.71 8.89 -2.12
N GLY D 65 -55.86 9.52 -1.92
CA GLY D 65 -56.86 9.61 -2.97
C GLY D 65 -56.80 10.89 -3.76
N VAL D 66 -56.20 11.93 -3.20
CA VAL D 66 -56.12 13.24 -3.84
C VAL D 66 -54.68 13.77 -3.69
N SER D 67 -54.43 14.90 -4.35
CA SER D 67 -53.13 15.56 -4.34
C SER D 67 -53.10 16.60 -3.22
N PRO D 68 -51.98 16.71 -2.51
CA PRO D 68 -51.86 17.76 -1.48
C PRO D 68 -51.84 19.18 -2.04
N THR D 69 -51.80 19.33 -3.36
CA THR D 69 -51.74 20.65 -3.99
C THR D 69 -53.11 21.27 -4.23
N LYS D 70 -54.15 20.46 -4.46
CA LYS D 70 -55.49 20.97 -4.75
C LYS D 70 -56.49 20.68 -3.64
N LEU D 71 -56.03 20.60 -2.40
CA LEU D 71 -56.90 20.20 -1.29
C LEU D 71 -58.03 21.19 -1.06
N ASN D 72 -57.75 22.50 -1.20
CA ASN D 72 -58.74 23.49 -0.78
C ASN D 72 -59.95 23.52 -1.70
N ASP D 73 -59.74 23.50 -3.01
CA ASP D 73 -60.82 23.65 -3.98
C ASP D 73 -61.33 22.28 -4.45
N LEU D 74 -61.79 21.50 -3.47
CA LEU D 74 -62.42 20.20 -3.71
C LEU D 74 -63.46 20.01 -2.60
N CYS D 75 -64.70 20.41 -2.89
CA CYS D 75 -65.74 20.38 -1.88
C CYS D 75 -66.16 18.93 -1.59
N PHE D 76 -66.03 18.52 -0.34
CA PHE D 76 -66.35 17.17 0.10
C PHE D 76 -67.71 17.16 0.79
N THR D 77 -68.28 15.95 0.93
CA THR D 77 -69.60 15.81 1.53
C THR D 77 -69.53 15.38 3.00
N ASN D 78 -68.90 14.24 3.27
CA ASN D 78 -68.79 13.71 4.63
C ASN D 78 -67.32 13.59 5.00
N VAL D 79 -66.98 13.99 6.22
CA VAL D 79 -65.61 14.01 6.70
C VAL D 79 -65.56 13.41 8.10
N TYR D 80 -64.58 12.56 8.35
CA TYR D 80 -64.34 11.98 9.66
C TYR D 80 -62.88 12.14 10.05
N ALA D 81 -62.62 12.10 11.35
CA ALA D 81 -61.28 12.25 11.90
C ALA D 81 -61.05 11.21 12.98
N ASP D 82 -59.95 10.45 12.83
CA ASP D 82 -59.59 9.39 13.76
C ASP D 82 -58.31 9.81 14.49
N SER D 83 -58.36 9.85 15.82
CA SER D 83 -57.24 10.32 16.62
C SER D 83 -56.89 9.29 17.69
N PHE D 84 -55.59 9.04 17.85
CA PHE D 84 -55.05 8.08 18.81
C PHE D 84 -53.54 8.27 18.89
N VAL D 85 -52.91 7.57 19.84
CA VAL D 85 -51.50 7.77 20.16
C VAL D 85 -50.77 6.43 20.08
N ILE D 86 -49.63 6.42 19.37
CA ILE D 86 -48.80 5.24 19.16
C ILE D 86 -47.33 5.67 19.02
N THR D 87 -46.42 4.70 18.90
CA THR D 87 -45.00 4.99 18.71
C THR D 87 -44.63 4.92 17.23
N GLY D 88 -43.32 4.92 16.95
CA GLY D 88 -42.85 5.18 15.59
C GLY D 88 -43.12 4.07 14.60
N ASP D 89 -42.78 2.83 14.97
CA ASP D 89 -43.09 1.72 14.07
C ASP D 89 -44.59 1.59 13.87
N GLU D 90 -45.36 1.74 14.93
CA GLU D 90 -46.80 1.79 14.83
C GLU D 90 -47.25 2.77 13.75
N VAL D 91 -46.67 3.98 13.82
CA VAL D 91 -46.95 5.01 12.83
C VAL D 91 -46.77 4.47 11.42
N ARG D 92 -45.68 3.72 11.17
CA ARG D 92 -45.51 3.14 9.85
C ARG D 92 -46.69 2.22 9.52
N GLN D 93 -47.19 1.49 10.52
CA GLN D 93 -48.25 0.52 10.29
C GLN D 93 -49.57 1.19 9.96
N ILE D 94 -49.72 2.49 10.23
CA ILE D 94 -50.96 3.19 9.92
C ILE D 94 -50.88 3.62 8.48
N ALA D 95 -51.16 2.70 7.58
CA ALA D 95 -51.18 2.86 6.14
C ALA D 95 -51.60 1.51 5.55
N PRO D 96 -52.21 1.47 4.38
CA PRO D 96 -52.48 0.18 3.74
C PRO D 96 -51.19 -0.52 3.37
N GLY D 97 -51.05 -1.76 3.80
CA GLY D 97 -49.84 -2.51 3.50
C GLY D 97 -49.40 -3.46 4.60
N GLN D 98 -48.11 -3.40 4.94
CA GLN D 98 -47.53 -4.35 5.89
C GLN D 98 -48.26 -4.31 7.23
N THR D 99 -48.58 -5.49 7.75
CA THR D 99 -49.30 -5.64 9.01
C THR D 99 -48.35 -6.20 10.07
N GLY D 100 -48.17 -5.45 11.14
CA GLY D 100 -47.36 -5.90 12.26
C GLY D 100 -48.18 -6.15 13.50
N LYS D 101 -48.15 -5.19 14.43
CA LYS D 101 -48.93 -5.24 15.66
C LYS D 101 -50.10 -4.27 15.68
N ILE D 102 -49.91 -3.04 15.18
CA ILE D 102 -50.99 -2.07 15.13
C ILE D 102 -51.88 -2.31 13.93
N ALA D 103 -51.28 -2.65 12.79
CA ALA D 103 -52.03 -2.74 11.55
C ALA D 103 -53.01 -3.91 11.51
N ASP D 104 -52.96 -4.83 12.47
CA ASP D 104 -53.96 -5.88 12.56
C ASP D 104 -54.79 -5.78 13.84
N TYR D 105 -54.15 -5.85 15.00
CA TYR D 105 -54.88 -6.05 16.25
C TYR D 105 -55.51 -4.76 16.76
N ASN D 106 -55.08 -3.60 16.27
CA ASN D 106 -55.55 -2.33 16.80
C ASN D 106 -56.30 -1.49 15.78
N TYR D 107 -55.69 -1.20 14.63
CA TYR D 107 -56.29 -0.23 13.70
C TYR D 107 -55.75 -0.49 12.30
N LYS D 108 -56.57 -1.11 11.45
CA LYS D 108 -56.23 -1.37 10.07
C LYS D 108 -56.95 -0.39 9.15
N LEU D 109 -56.37 -0.17 7.97
CA LEU D 109 -56.96 0.67 6.94
C LEU D 109 -57.34 -0.19 5.74
N PRO D 110 -58.49 0.10 5.11
CA PRO D 110 -58.83 -0.63 3.88
C PRO D 110 -57.82 -0.35 2.79
N ASP D 111 -57.64 -1.32 1.90
CA ASP D 111 -56.69 -1.14 0.79
C ASP D 111 -57.13 0.01 -0.11
N ASP D 112 -58.44 0.13 -0.35
CA ASP D 112 -59.01 1.26 -1.08
C ASP D 112 -59.40 2.35 -0.07
N PHE D 113 -58.37 3.06 0.39
CA PHE D 113 -58.55 4.15 1.36
C PHE D 113 -58.31 5.48 0.68
N THR D 114 -59.28 6.38 0.80
CA THR D 114 -59.17 7.75 0.30
C THR D 114 -59.10 8.69 1.50
N GLY D 115 -58.05 9.49 1.57
CA GLY D 115 -57.88 10.41 2.67
C GLY D 115 -56.42 10.74 2.89
N CYS D 116 -56.14 11.31 4.06
CA CYS D 116 -54.80 11.76 4.41
C CYS D 116 -54.50 11.33 5.83
N VAL D 117 -53.21 11.11 6.11
CA VAL D 117 -52.75 10.69 7.42
C VAL D 117 -51.79 11.74 7.97
N ILE D 118 -51.90 12.02 9.27
CA ILE D 118 -51.16 13.09 9.92
C ILE D 118 -50.56 12.57 11.22
N ALA D 119 -49.32 12.95 11.50
CA ALA D 119 -48.66 12.56 12.73
C ALA D 119 -47.63 13.61 13.12
N TRP D 120 -47.48 13.83 14.42
CA TRP D 120 -46.43 14.70 14.94
C TRP D 120 -45.93 14.16 16.27
N ASN D 121 -44.82 14.71 16.74
CA ASN D 121 -44.17 14.24 17.96
C ASN D 121 -44.51 15.17 19.13
N SER D 122 -44.61 14.56 20.32
CA SER D 122 -44.82 15.30 21.57
C SER D 122 -43.56 15.12 22.42
N LYS D 123 -42.84 16.22 22.64
CA LYS D 123 -41.55 16.13 23.32
C LYS D 123 -41.70 15.77 24.79
N HIS D 124 -42.54 16.52 25.51
CA HIS D 124 -42.81 16.26 26.91
C HIS D 124 -44.29 16.34 27.25
N ILE D 125 -45.14 16.56 26.25
CA ILE D 125 -46.59 16.65 26.48
C ILE D 125 -47.12 15.34 27.04
N ASP D 126 -46.92 14.25 26.31
CA ASP D 126 -47.37 12.94 26.73
C ASP D 126 -46.37 12.21 27.61
N ALA D 127 -45.21 12.80 27.87
CA ALA D 127 -44.15 12.14 28.62
C ALA D 127 -43.78 13.00 29.84
N LYS D 128 -44.13 12.52 31.02
CA LYS D 128 -43.70 13.12 32.28
C LYS D 128 -42.48 12.36 32.80
N GLU D 129 -41.80 12.97 33.77
CA GLU D 129 -40.57 12.36 34.29
C GLU D 129 -40.85 11.03 34.97
N GLY D 130 -41.96 10.94 35.71
CA GLY D 130 -42.29 9.70 36.39
C GLY D 130 -42.66 8.57 35.45
N GLY D 131 -43.23 8.89 34.30
CA GLY D 131 -43.73 7.89 33.37
C GLY D 131 -45.21 8.05 33.13
N ASN D 132 -45.67 7.80 31.90
CA ASN D 132 -47.06 8.05 31.53
C ASN D 132 -47.68 6.71 31.13
N PHE D 133 -48.19 6.00 32.13
CA PHE D 133 -48.81 4.69 31.91
C PHE D 133 -50.32 4.81 31.74
N ASN D 134 -50.74 5.65 30.80
CA ASN D 134 -52.15 5.89 30.56
C ASN D 134 -52.63 5.47 29.18
N TYR D 135 -51.73 5.02 28.31
CA TYR D 135 -52.09 4.59 26.95
C TYR D 135 -51.91 3.09 26.84
N LEU D 136 -52.91 2.41 26.28
CA LEU D 136 -52.94 0.97 26.19
C LEU D 136 -52.87 0.52 24.74
N TYR D 137 -52.61 -0.78 24.55
CA TYR D 137 -52.51 -1.36 23.22
C TYR D 137 -52.66 -2.87 23.33
N ARG D 138 -53.24 -3.47 22.30
CA ARG D 138 -53.53 -4.89 22.29
C ARG D 138 -52.43 -5.67 21.60
N LEU D 139 -52.05 -6.80 22.21
CA LEU D 139 -51.03 -7.69 21.66
C LEU D 139 -51.56 -9.06 21.26
N PHE D 140 -52.53 -9.59 22.00
CA PHE D 140 -53.10 -10.90 21.72
C PHE D 140 -54.57 -10.71 21.31
N ARG D 141 -54.91 -11.21 20.12
CA ARG D 141 -56.27 -11.07 19.61
C ARG D 141 -56.60 -12.30 18.78
N LYS D 142 -57.90 -12.58 18.66
CA LYS D 142 -58.34 -13.81 17.99
C LYS D 142 -57.88 -13.87 16.53
N ALA D 143 -57.94 -12.75 15.82
CA ALA D 143 -57.58 -12.72 14.40
C ALA D 143 -57.23 -11.28 14.02
N ASN D 144 -57.15 -11.03 12.72
CA ASN D 144 -56.93 -9.66 12.26
C ASN D 144 -58.25 -8.89 12.28
N LEU D 145 -58.15 -7.57 12.40
CA LEU D 145 -59.33 -6.70 12.41
C LEU D 145 -59.78 -6.38 11.00
N LYS D 146 -61.10 -6.47 10.78
CA LYS D 146 -61.76 -5.91 9.61
C LYS D 146 -61.43 -4.42 9.55
N PRO D 147 -61.27 -3.83 8.36
CA PRO D 147 -60.99 -2.39 8.30
C PRO D 147 -62.04 -1.56 9.04
N PHE D 148 -61.55 -0.62 9.86
CA PHE D 148 -62.40 0.29 10.63
C PHE D 148 -63.26 -0.46 11.65
N GLU D 149 -62.66 -1.45 12.30
CA GLU D 149 -63.30 -2.19 13.38
C GLU D 149 -62.59 -1.88 14.69
N ARG D 150 -63.31 -2.00 15.79
CA ARG D 150 -62.77 -1.68 17.12
C ARG D 150 -63.17 -2.79 18.07
N ASP D 151 -62.20 -3.53 18.58
CA ASP D 151 -62.44 -4.60 19.53
C ASP D 151 -61.89 -4.17 20.89
N ILE D 152 -62.79 -3.98 21.86
CA ILE D 152 -62.41 -3.70 23.24
C ILE D 152 -62.60 -4.91 24.13
N SER D 153 -62.98 -6.05 23.56
CA SER D 153 -63.17 -7.28 24.34
C SER D 153 -61.88 -7.65 25.05
N THR D 154 -61.88 -7.54 26.37
CA THR D 154 -60.70 -7.87 27.15
C THR D 154 -60.70 -9.34 27.59
N GLU D 155 -60.92 -10.21 26.60
CA GLU D 155 -60.97 -11.65 26.82
C GLU D 155 -59.57 -12.19 27.06
N ILE D 156 -59.42 -13.01 28.11
CA ILE D 156 -58.15 -13.69 28.33
C ILE D 156 -57.84 -14.55 27.13
N TYR D 157 -56.67 -14.36 26.54
CA TYR D 157 -56.30 -15.03 25.30
C TYR D 157 -55.69 -16.39 25.64
N GLN D 158 -56.45 -17.45 25.43
CA GLN D 158 -56.02 -18.80 25.79
C GLN D 158 -55.00 -19.27 24.75
N ALA D 159 -53.72 -19.16 25.09
CA ALA D 159 -52.68 -19.70 24.21
C ALA D 159 -52.77 -21.22 24.16
N GLY D 160 -52.84 -21.85 25.33
CA GLY D 160 -52.98 -23.28 25.40
C GLY D 160 -54.42 -23.72 25.20
N SER D 161 -54.58 -24.99 24.82
CA SER D 161 -55.91 -25.56 24.66
C SER D 161 -56.68 -25.57 25.98
N LYS D 162 -55.95 -25.71 27.09
CA LYS D 162 -56.58 -25.78 28.39
C LYS D 162 -57.45 -24.54 28.64
N PRO D 163 -58.72 -24.71 28.99
CA PRO D 163 -59.55 -23.55 29.35
C PRO D 163 -59.00 -22.87 30.59
N CYS D 164 -58.86 -21.54 30.52
CA CYS D 164 -58.34 -20.79 31.65
C CYS D 164 -59.30 -20.85 32.84
N ASN D 165 -60.59 -20.71 32.57
CA ASN D 165 -61.60 -20.41 33.58
C ASN D 165 -61.03 -19.47 34.66
N GLY D 166 -60.66 -18.26 34.21
CA GLY D 166 -60.34 -17.14 35.06
C GLY D 166 -58.93 -17.16 35.60
N GLN D 167 -58.15 -18.17 35.22
CA GLN D 167 -56.92 -18.47 35.95
C GLN D 167 -55.83 -17.43 35.72
N THR D 168 -55.72 -16.92 34.50
CA THR D 168 -54.62 -16.02 34.12
C THR D 168 -53.30 -16.64 34.51
N GLY D 169 -53.13 -17.92 34.16
CA GLY D 169 -52.00 -18.70 34.62
C GLY D 169 -50.97 -19.08 33.58
N LEU D 170 -50.79 -20.38 33.34
CA LEU D 170 -49.68 -20.86 32.52
C LEU D 170 -49.77 -20.38 31.08
N ASN D 171 -50.85 -20.73 30.38
CA ASN D 171 -51.04 -20.26 29.01
C ASN D 171 -52.28 -19.38 28.92
N CYS D 172 -52.40 -18.46 29.87
CA CYS D 172 -53.52 -17.52 29.93
C CYS D 172 -52.96 -16.13 30.08
N TYR D 173 -53.29 -15.24 29.14
CA TYR D 173 -52.70 -13.92 29.08
C TYR D 173 -53.79 -12.85 29.08
N TYR D 174 -53.51 -11.72 29.72
CA TYR D 174 -54.37 -10.56 29.64
C TYR D 174 -54.02 -9.77 28.40
N PRO D 175 -54.96 -9.51 27.48
CA PRO D 175 -54.58 -9.05 26.14
C PRO D 175 -54.16 -7.60 26.04
N LEU D 176 -54.34 -6.79 27.07
CA LEU D 176 -54.05 -5.36 27.01
C LEU D 176 -52.76 -5.02 27.73
N TYR D 177 -51.87 -4.31 27.04
CA TYR D 177 -50.63 -3.83 27.61
C TYR D 177 -50.59 -2.31 27.58
N ARG D 178 -49.69 -1.73 28.38
CA ARG D 178 -49.67 -0.31 28.65
C ARG D 178 -48.36 0.30 28.19
N TYR D 179 -48.44 1.43 27.51
CA TYR D 179 -47.24 2.16 27.10
C TYR D 179 -46.53 2.78 28.30
N GLY D 180 -45.20 2.81 28.21
CA GLY D 180 -44.38 3.58 29.13
C GLY D 180 -43.72 4.73 28.39
N PHE D 181 -43.94 5.95 28.90
CA PHE D 181 -43.50 7.17 28.24
C PHE D 181 -42.57 7.93 29.18
N TYR D 182 -41.27 7.87 28.90
CA TYR D 182 -40.25 8.57 29.67
C TYR D 182 -39.54 9.61 28.81
N PRO D 183 -39.11 10.72 29.41
CA PRO D 183 -38.49 11.79 28.63
C PRO D 183 -37.07 11.49 28.15
N THR D 184 -36.52 10.32 28.45
CA THR D 184 -35.19 9.93 28.00
C THR D 184 -35.22 8.77 27.00
N ASP D 185 -36.38 8.50 26.42
CA ASP D 185 -36.52 7.38 25.49
C ASP D 185 -35.91 7.72 24.14
N GLY D 186 -35.59 6.68 23.38
CA GLY D 186 -35.13 6.86 22.02
C GLY D 186 -36.25 7.28 21.09
N VAL D 187 -35.86 7.79 19.91
CA VAL D 187 -36.83 8.33 18.97
C VAL D 187 -37.77 7.24 18.45
N GLY D 188 -37.31 5.99 18.44
CA GLY D 188 -38.10 4.92 17.87
C GLY D 188 -39.41 4.64 18.59
N HIS D 189 -39.51 5.04 19.86
CA HIS D 189 -40.72 4.84 20.66
C HIS D 189 -41.01 6.04 21.54
N GLN D 190 -40.86 7.25 21.00
CA GLN D 190 -41.41 8.37 21.73
C GLN D 190 -42.87 8.56 21.35
N PRO D 191 -43.68 9.18 22.21
CA PRO D 191 -45.12 9.31 21.90
C PRO D 191 -45.38 10.07 20.62
N TYR D 192 -45.87 9.37 19.60
CA TYR D 192 -46.32 9.98 18.36
C TYR D 192 -47.83 10.12 18.38
N ARG D 193 -48.33 11.29 17.99
CA ARG D 193 -49.74 11.60 17.99
C ARG D 193 -50.25 11.60 16.56
N VAL D 194 -51.28 10.79 16.29
CA VAL D 194 -51.70 10.50 14.92
C VAL D 194 -53.16 10.89 14.74
N VAL D 195 -53.46 11.53 13.61
CA VAL D 195 -54.82 11.86 13.21
C VAL D 195 -55.01 11.38 11.77
N VAL D 196 -56.11 10.66 11.53
CA VAL D 196 -56.40 10.10 10.22
C VAL D 196 -57.70 10.72 9.70
N LEU D 197 -57.65 11.24 8.47
CA LEU D 197 -58.80 11.86 7.83
C LEU D 197 -59.28 10.98 6.68
N SER D 198 -60.58 10.73 6.63
CA SER D 198 -61.20 9.93 5.59
C SER D 198 -62.26 10.76 4.86
N PHE D 199 -62.35 10.59 3.55
CA PHE D 199 -63.27 11.37 2.73
C PHE D 199 -64.37 10.45 2.20
N GLU D 200 -65.62 10.90 2.34
CA GLU D 200 -66.79 10.20 1.83
C GLU D 200 -67.67 11.16 1.07
N LEU D 201 -68.23 10.70 -0.06
CA LEU D 201 -69.14 11.50 -0.86
C LEU D 201 -70.54 10.89 -0.80
N LEU D 202 -71.55 11.77 -0.70
CA LEU D 202 -72.94 11.35 -0.53
C LEU D 202 -73.83 12.27 -1.35
N ASN D 203 -75.03 11.77 -1.67
CA ASN D 203 -76.03 12.63 -2.30
C ASN D 203 -76.48 13.76 -1.38
N ALA D 204 -76.35 13.57 -0.06
CA ALA D 204 -76.69 14.61 0.89
C ALA D 204 -75.80 15.83 0.67
N PRO D 205 -76.24 17.02 1.12
CA PRO D 205 -75.45 18.23 0.84
C PRO D 205 -74.04 18.15 1.39
N ALA D 206 -73.11 18.77 0.67
CA ALA D 206 -71.69 18.72 1.00
C ALA D 206 -71.38 19.72 2.10
N THR D 207 -71.01 19.22 3.28
CA THR D 207 -70.89 20.07 4.46
C THR D 207 -69.60 20.90 4.46
N VAL D 208 -68.46 20.28 4.18
CA VAL D 208 -67.15 20.93 4.35
C VAL D 208 -66.53 21.22 2.99
N CYS D 209 -65.96 22.43 2.86
CA CYS D 209 -65.21 22.80 1.67
C CYS D 209 -64.26 23.92 2.04
N GLY D 210 -63.20 24.08 1.24
CA GLY D 210 -62.16 25.06 1.52
C GLY D 210 -62.65 26.49 1.57
#